data_4O8M
#
_entry.id   4O8M
#
_cell.length_a   97.233
_cell.length_b   143.593
_cell.length_c   97.458
_cell.angle_alpha   90.000
_cell.angle_beta   99.490
_cell.angle_gamma   90.000
#
_symmetry.space_group_name_H-M   'P 1 21 1'
#
loop_
_entity.id
_entity.type
_entity.pdbx_description
1 polymer 'TRAP dicarboxylate transporter, DctP subunit'
2 non-polymer 'CHLORIDE ION'
3 non-polymer 'SULFATE ION'
4 non-polymer 'L-galactonic acid'
5 water water
#
_entity_poly.entity_id   1
_entity_poly.type   'polypeptide(L)'
_entity_poly.pdbx_seq_one_letter_code
;MKLLSKSIKAILSVGLLGLAINAQAETEIMVAYGNQPGEPIDKAMHFWADKVKEKSNGDIVFKLFPSSQLGSETEVLEQA
KFGANIITISDYGALMDIVPDLGVINAPYISQSFEKKSKLLHSDWFKDLSDKLDQHDIHIIVPDVIYGTRHLLTKKPVTK
PSDLKGMKVRVQHSRLFLQTINAMGGVPTPMSLSDVYPGLSEGIIDGLENPTVVLFGGKFFEVAKNLNLTAHTKHMSPFV
AGTAFWNNLTPEQQKIIVDASREMVTYGGGLIEQAENEALENLKKAGVTVNDVDLPAFEASVADVISTGFPEWSPNLYKN
VQEKLSQFAENLYFQGHHHHHHHHHH
;
_entity_poly.pdbx_strand_id   A,B,C,D,E,F,G,H
#
# COMPACT_ATOMS: atom_id res chain seq x y z
N GLU A 26 -2.11 67.13 -20.46
CA GLU A 26 -1.58 66.15 -19.52
C GLU A 26 -1.56 64.77 -20.15
N THR A 27 -0.74 63.90 -19.57
CA THR A 27 -0.62 62.51 -20.03
C THR A 27 -1.32 61.59 -19.06
N GLU A 28 -2.45 61.02 -19.47
CA GLU A 28 -3.20 60.14 -18.59
C GLU A 28 -2.81 58.69 -18.83
N ILE A 29 -2.56 57.99 -17.74
CA ILE A 29 -2.21 56.58 -17.81
C ILE A 29 -3.16 55.82 -16.90
N MET A 30 -3.71 54.73 -17.42
CA MET A 30 -4.63 53.90 -16.66
C MET A 30 -3.83 52.83 -15.94
N VAL A 31 -4.08 52.69 -14.64
CA VAL A 31 -3.39 51.68 -13.85
C VAL A 31 -4.35 50.55 -13.48
N ALA A 32 -3.98 49.33 -13.84
CA ALA A 32 -4.90 48.17 -13.77
C ALA A 32 -4.38 47.15 -12.78
N TYR A 33 -5.27 46.64 -11.93
CA TYR A 33 -4.92 45.54 -11.02
C TYR A 33 -6.21 44.84 -10.59
N GLY A 34 -6.07 43.71 -9.89
CA GLY A 34 -7.22 42.90 -9.54
C GLY A 34 -7.72 43.13 -8.11
N ASN A 35 -6.91 43.81 -7.31
CA ASN A 35 -7.20 44.02 -5.89
C ASN A 35 -8.34 45.01 -5.63
N GLN A 36 -9.05 44.80 -4.52
CA GLN A 36 -10.16 45.67 -4.14
C GLN A 36 -9.71 46.97 -3.48
N PRO A 37 -10.56 48.01 -3.58
CA PRO A 37 -10.26 49.26 -2.87
C PRO A 37 -9.94 48.99 -1.41
N GLY A 38 -8.87 49.61 -0.93
CA GLY A 38 -8.51 49.56 0.47
C GLY A 38 -7.46 48.51 0.76
N GLU A 39 -7.24 47.59 -0.20
CA GLU A 39 -6.16 46.61 -0.07
C GLU A 39 -4.81 47.31 -0.20
N PRO A 40 -3.76 46.69 0.35
CA PRO A 40 -2.42 47.27 0.23
C PRO A 40 -2.06 47.63 -1.20
N ILE A 41 -2.31 46.79 -2.19
CA ILE A 41 -1.90 47.16 -3.53
C ILE A 41 -2.66 48.40 -3.98
N ASP A 42 -3.95 48.48 -3.64
CA ASP A 42 -4.74 49.65 -3.99
C ASP A 42 -4.18 50.90 -3.28
N LYS A 43 -3.83 50.77 -2.01
CA LYS A 43 -3.29 51.94 -1.32
C LYS A 43 -1.97 52.34 -1.94
N ALA A 44 -1.16 51.36 -2.34
CA ALA A 44 0.14 51.66 -2.98
C ALA A 44 -0.04 52.38 -4.31
N MET A 45 -1.04 51.99 -5.08
CA MET A 45 -1.24 52.60 -6.37
C MET A 45 -1.67 54.05 -6.21
N HIS A 46 -2.43 54.33 -5.16
CA HIS A 46 -2.85 55.70 -4.87
C HIS A 46 -1.65 56.54 -4.49
N PHE A 47 -0.75 55.93 -3.71
CA PHE A 47 0.50 56.60 -3.36
C PHE A 47 1.30 56.93 -4.62
N TRP A 48 1.43 55.96 -5.51
CA TRP A 48 2.17 56.15 -6.76
C TRP A 48 1.56 57.27 -7.59
N ALA A 49 0.24 57.21 -7.73
CA ALA A 49 -0.50 58.22 -8.52
C ALA A 49 -0.28 59.62 -7.96
N ASP A 50 -0.44 59.75 -6.66
CA ASP A 50 -0.29 61.06 -6.04
C ASP A 50 1.11 61.59 -6.28
N LYS A 51 2.12 60.73 -6.15
CA LYS A 51 3.50 61.15 -6.24
C LYS A 51 3.83 61.60 -7.65
N VAL A 52 3.35 60.84 -8.63
CA VAL A 52 3.64 61.16 -10.02
C VAL A 52 2.97 62.49 -10.38
N LYS A 53 1.74 62.68 -9.92
CA LYS A 53 1.01 63.93 -10.20
C LYS A 53 1.74 65.11 -9.58
N GLU A 54 2.26 64.90 -8.37
CA GLU A 54 2.95 65.95 -7.63
C GLU A 54 4.29 66.31 -8.29
N LYS A 55 5.10 65.29 -8.58
CA LYS A 55 6.43 65.52 -9.15
C LYS A 55 6.39 66.07 -10.57
N SER A 56 5.34 65.74 -11.33
CA SER A 56 5.17 66.17 -12.72
C SER A 56 4.36 67.46 -12.81
N ASN A 57 4.07 68.05 -11.65
CA ASN A 57 3.17 69.19 -11.57
C ASN A 57 1.95 69.08 -12.46
N GLY A 58 1.31 67.91 -12.47
CA GLY A 58 0.06 67.71 -13.19
C GLY A 58 0.20 67.18 -14.59
N ASP A 59 1.44 67.03 -15.07
CA ASP A 59 1.68 66.61 -16.43
C ASP A 59 1.44 65.13 -16.63
N ILE A 60 1.57 64.36 -15.55
CA ILE A 60 1.34 62.92 -15.60
C ILE A 60 0.25 62.62 -14.59
N VAL A 61 -0.83 61.98 -15.05
N VAL A 61 -0.83 62.00 -15.06
CA VAL A 61 -1.94 61.63 -14.17
CA VAL A 61 -1.91 61.59 -14.16
C VAL A 61 -2.29 60.15 -14.33
C VAL A 61 -2.19 60.12 -14.33
N PHE A 62 -2.34 59.44 -13.20
CA PHE A 62 -2.78 58.03 -13.18
C PHE A 62 -4.27 57.97 -12.87
N LYS A 63 -5.00 57.16 -13.63
CA LYS A 63 -6.38 56.85 -13.32
C LYS A 63 -6.40 55.38 -12.91
N LEU A 64 -6.89 55.10 -11.70
CA LEU A 64 -6.83 53.76 -11.14
C LEU A 64 -8.07 52.91 -11.43
N PHE A 65 -7.82 51.64 -11.76
CA PHE A 65 -8.87 50.70 -12.13
C PHE A 65 -8.63 49.42 -11.33
N PRO A 66 -9.07 49.41 -10.07
CA PRO A 66 -8.99 48.21 -9.23
C PRO A 66 -10.05 47.18 -9.63
N SER A 67 -10.08 46.04 -8.95
CA SER A 67 -11.15 45.06 -9.14
C SER A 67 -11.31 44.60 -10.60
N SER A 68 -10.21 44.52 -11.32
CA SER A 68 -10.23 44.04 -12.70
C SER A 68 -11.19 44.82 -13.62
N GLN A 69 -11.35 46.12 -13.36
CA GLN A 69 -12.29 46.91 -14.16
C GLN A 69 -11.92 47.00 -15.65
N LEU A 70 -10.63 46.97 -15.99
CA LEU A 70 -10.27 47.11 -17.40
C LEU A 70 -10.30 45.77 -18.12
N GLY A 71 -10.45 44.70 -17.35
CA GLY A 71 -10.50 43.35 -17.88
C GLY A 71 -9.61 42.43 -17.05
N SER A 72 -9.46 41.17 -17.46
CA SER A 72 -8.60 40.25 -16.72
C SER A 72 -7.12 40.65 -16.80
N GLU A 73 -6.32 40.15 -15.88
CA GLU A 73 -4.90 40.53 -15.85
C GLU A 73 -4.24 40.21 -17.20
N THR A 74 -4.57 39.04 -17.73
N THR A 74 -4.55 39.03 -17.74
CA THR A 74 -4.00 38.59 -18.99
CA THR A 74 -3.98 38.61 -19.02
C THR A 74 -4.49 39.43 -20.16
C THR A 74 -4.49 39.46 -20.16
N GLU A 75 -5.78 39.76 -20.15
CA GLU A 75 -6.38 40.54 -21.22
C GLU A 75 -5.78 41.95 -21.24
N VAL A 76 -5.55 42.51 -20.07
CA VAL A 76 -4.99 43.85 -19.99
C VAL A 76 -3.54 43.89 -20.47
N LEU A 77 -2.75 42.86 -20.16
CA LEU A 77 -1.38 42.84 -20.68
C LEU A 77 -1.45 42.94 -22.21
N GLU A 78 -2.39 42.22 -22.82
CA GLU A 78 -2.56 42.28 -24.27
C GLU A 78 -2.86 43.69 -24.78
N GLN A 79 -3.75 44.41 -24.08
CA GLN A 79 -4.10 45.77 -24.47
C GLN A 79 -2.84 46.65 -24.40
N ALA A 80 -2.04 46.46 -23.34
CA ALA A 80 -0.82 47.23 -23.15
C ALA A 80 0.18 46.97 -24.26
N LYS A 81 0.41 45.69 -24.54
CA LYS A 81 1.37 45.31 -25.56
C LYS A 81 1.03 45.99 -26.88
N PHE A 82 -0.24 46.18 -27.14
CA PHE A 82 -0.65 46.79 -28.37
C PHE A 82 -0.67 48.31 -28.35
N GLY A 83 -0.29 48.91 -27.23
CA GLY A 83 0.03 50.33 -27.22
C GLY A 83 -0.92 51.18 -26.42
N ALA A 84 -1.85 50.54 -25.71
CA ALA A 84 -2.75 51.26 -24.83
C ALA A 84 -1.97 52.00 -23.76
N ASN A 85 -2.53 53.10 -23.31
CA ASN A 85 -1.92 53.86 -22.21
C ASN A 85 -2.21 53.23 -20.83
N ILE A 86 -1.60 52.08 -20.61
CA ILE A 86 -1.89 51.26 -19.45
C ILE A 86 -0.61 50.84 -18.77
N ILE A 87 -0.60 50.97 -17.44
CA ILE A 87 0.40 50.31 -16.60
C ILE A 87 -0.39 49.27 -15.84
N THR A 88 0.02 48.01 -15.89
CA THR A 88 -0.75 46.94 -15.27
C THR A 88 0.18 46.08 -14.43
N ILE A 89 -0.35 45.60 -13.34
CA ILE A 89 0.32 44.55 -12.60
C ILE A 89 0.34 43.36 -13.53
N SER A 90 1.40 42.55 -13.41
CA SER A 90 1.52 41.31 -14.12
C SER A 90 2.09 40.27 -13.17
N ASP A 91 2.59 39.18 -13.74
CA ASP A 91 3.11 38.09 -12.93
C ASP A 91 4.27 37.46 -13.68
N TYR A 92 5.32 37.14 -12.94
CA TYR A 92 6.51 36.53 -13.50
C TYR A 92 6.20 35.16 -14.06
N GLY A 93 5.34 34.43 -13.36
CA GLY A 93 4.90 33.13 -13.83
C GLY A 93 4.12 33.24 -15.11
N ALA A 94 3.29 34.25 -15.25
CA ALA A 94 2.64 34.53 -16.53
C ALA A 94 3.64 34.98 -17.61
N LEU A 95 4.54 35.90 -17.25
CA LEU A 95 5.49 36.39 -18.23
C LEU A 95 6.45 35.32 -18.74
N MET A 96 6.46 34.17 -18.07
CA MET A 96 7.37 33.11 -18.46
C MET A 96 6.93 32.48 -19.79
N ASP A 97 5.71 32.81 -20.26
CA ASP A 97 5.30 32.40 -21.60
C ASP A 97 6.22 33.06 -22.63
N ILE A 98 6.72 34.25 -22.26
CA ILE A 98 7.54 35.09 -23.14
C ILE A 98 9.04 34.95 -22.90
N VAL A 99 9.46 35.13 -21.64
CA VAL A 99 10.84 34.96 -21.22
C VAL A 99 10.84 33.95 -20.09
N PRO A 100 11.12 32.67 -20.41
CA PRO A 100 10.86 31.60 -19.44
C PRO A 100 11.50 31.79 -18.08
N ASP A 101 12.73 32.32 -18.04
CA ASP A 101 13.50 32.28 -16.82
C ASP A 101 12.96 33.23 -15.75
N LEU A 102 12.10 34.17 -16.15
CA LEU A 102 11.46 35.08 -15.21
C LEU A 102 10.56 34.29 -14.22
N GLY A 103 10.07 33.13 -14.65
CA GLY A 103 9.11 32.40 -13.85
C GLY A 103 9.67 31.84 -12.57
N VAL A 104 11.00 31.82 -12.43
CA VAL A 104 11.61 31.25 -11.21
C VAL A 104 11.51 32.19 -10.00
N ILE A 105 11.14 33.43 -10.24
CA ILE A 105 11.25 34.43 -9.19
C ILE A 105 10.35 34.07 -8.02
N ASN A 106 9.18 33.52 -8.34
CA ASN A 106 8.16 33.15 -7.36
C ASN A 106 7.95 31.64 -7.29
N ALA A 107 8.96 30.90 -7.74
CA ALA A 107 8.94 29.45 -7.65
C ALA A 107 8.77 29.00 -6.20
N PRO A 108 8.03 27.91 -5.99
CA PRO A 108 7.63 27.56 -4.62
C PRO A 108 8.82 27.31 -3.69
N TYR A 109 8.74 27.92 -2.50
CA TYR A 109 9.75 27.75 -1.44
C TYR A 109 11.19 28.18 -1.79
N ILE A 110 11.36 29.06 -2.76
CA ILE A 110 12.70 29.34 -3.23
C ILE A 110 13.42 30.26 -2.23
N SER A 111 12.66 31.09 -1.54
CA SER A 111 13.21 31.94 -0.50
C SER A 111 12.11 32.38 0.43
N GLN A 112 12.42 32.52 1.70
CA GLN A 112 11.46 33.08 2.65
C GLN A 112 11.55 34.62 2.76
N SER A 113 12.50 35.22 2.06
CA SER A 113 12.83 36.65 2.29
C SER A 113 12.45 37.57 1.13
N PHE A 114 11.49 38.47 1.38
CA PHE A 114 11.11 39.50 0.42
C PHE A 114 12.31 40.41 0.13
N GLU A 115 13.09 40.65 1.16
CA GLU A 115 14.26 41.51 1.00
C GLU A 115 15.31 40.90 0.07
N LYS A 116 15.59 39.61 0.20
CA LYS A 116 16.55 38.97 -0.70
C LYS A 116 16.03 38.93 -2.12
N LYS A 117 14.74 38.70 -2.29
CA LYS A 117 14.13 38.76 -3.62
C LYS A 117 14.28 40.17 -4.23
N SER A 118 14.10 41.20 -3.41
CA SER A 118 14.23 42.58 -3.90
C SER A 118 15.63 42.77 -4.46
N LYS A 119 16.62 42.22 -3.77
CA LYS A 119 18.00 42.36 -4.22
C LYS A 119 18.20 41.60 -5.54
N LEU A 120 17.62 40.42 -5.61
CA LEU A 120 17.72 39.61 -6.81
C LEU A 120 17.16 40.41 -7.99
N LEU A 121 16.09 41.14 -7.71
CA LEU A 121 15.34 41.87 -8.74
C LEU A 121 16.01 43.21 -9.11
N HIS A 122 17.18 43.45 -8.54
CA HIS A 122 18.04 44.56 -8.99
C HIS A 122 19.41 44.06 -9.44
N SER A 123 19.51 42.75 -9.59
CA SER A 123 20.75 42.11 -9.99
C SER A 123 20.89 42.12 -11.53
N ASP A 124 22.09 41.85 -12.02
CA ASP A 124 22.36 41.77 -13.46
C ASP A 124 21.64 40.57 -14.09
N TRP A 125 21.50 39.49 -13.33
CA TRP A 125 20.75 38.31 -13.81
C TRP A 125 19.33 38.75 -14.22
N PHE A 126 18.70 39.56 -13.38
CA PHE A 126 17.36 40.08 -13.65
C PHE A 126 17.33 41.09 -14.77
N LYS A 127 18.25 42.05 -14.74
CA LYS A 127 18.31 43.07 -15.76
C LYS A 127 18.33 42.43 -17.16
N ASP A 128 19.09 41.35 -17.33
CA ASP A 128 19.24 40.73 -18.65
C ASP A 128 17.90 40.14 -19.12
N LEU A 129 17.15 39.52 -18.21
CA LEU A 129 15.79 39.04 -18.51
C LEU A 129 14.85 40.21 -18.80
N SER A 130 14.95 41.31 -18.07
CA SER A 130 14.08 42.46 -18.36
C SER A 130 14.41 43.02 -19.76
N ASP A 131 15.69 43.08 -20.09
CA ASP A 131 16.09 43.54 -21.44
C ASP A 131 15.54 42.59 -22.53
N LYS A 132 15.63 41.28 -22.30
CA LYS A 132 14.98 40.32 -23.19
C LYS A 132 13.45 40.58 -23.33
N LEU A 133 12.75 40.83 -22.22
CA LEU A 133 11.31 41.07 -22.29
C LEU A 133 10.94 42.34 -23.07
N ASP A 134 11.73 43.39 -22.93
CA ASP A 134 11.57 44.63 -23.68
C ASP A 134 11.49 44.36 -25.19
N GLN A 135 12.32 43.46 -25.67
CA GLN A 135 12.35 43.16 -27.10
C GLN A 135 11.12 42.38 -27.57
N HIS A 136 10.38 41.82 -26.61
CA HIS A 136 9.10 41.18 -26.87
C HIS A 136 7.93 42.08 -26.49
N ASP A 137 8.23 43.39 -26.45
CA ASP A 137 7.25 44.46 -26.46
C ASP A 137 6.59 44.74 -25.10
N ILE A 138 7.14 44.18 -24.04
CA ILE A 138 6.65 44.51 -22.70
C ILE A 138 7.79 45.03 -21.83
N HIS A 139 7.51 46.09 -21.07
CA HIS A 139 8.51 46.65 -20.22
C HIS A 139 8.15 46.68 -18.73
N ILE A 140 9.01 46.08 -17.92
CA ILE A 140 8.86 46.11 -16.48
C ILE A 140 9.32 47.47 -15.96
N ILE A 141 8.37 48.22 -15.43
CA ILE A 141 8.63 49.54 -14.86
C ILE A 141 9.18 49.42 -13.45
N VAL A 142 8.58 48.52 -12.68
CA VAL A 142 8.98 48.31 -11.30
C VAL A 142 8.85 46.82 -10.99
N PRO A 143 9.92 46.21 -10.47
CA PRO A 143 9.91 44.75 -10.40
C PRO A 143 9.58 44.12 -9.07
N ASP A 144 9.61 44.89 -7.99
CA ASP A 144 9.69 44.30 -6.67
C ASP A 144 8.63 44.80 -5.71
N VAL A 145 7.39 44.92 -6.18
CA VAL A 145 6.28 45.18 -5.27
C VAL A 145 6.00 43.93 -4.42
N ILE A 146 6.01 44.07 -3.09
CA ILE A 146 5.63 42.93 -2.24
C ILE A 146 4.13 42.69 -2.31
N TYR A 147 3.74 41.52 -2.80
CA TYR A 147 2.33 41.18 -2.95
C TYR A 147 1.84 40.42 -1.72
N GLY A 148 2.73 39.62 -1.14
CA GLY A 148 2.45 38.91 0.10
C GLY A 148 2.76 37.42 0.03
N THR A 149 2.52 36.70 1.12
CA THR A 149 2.74 35.25 1.15
C THR A 149 1.48 34.49 0.76
N ARG A 150 1.58 33.70 -0.31
CA ARG A 150 0.41 32.98 -0.83
C ARG A 150 0.14 31.74 0.00
N HIS A 151 -1.13 31.56 0.38
CA HIS A 151 -1.62 30.38 1.11
C HIS A 151 -2.83 29.78 0.40
N LEU A 152 -3.10 28.50 0.62
CA LEU A 152 -4.34 27.89 0.14
C LEU A 152 -5.57 28.35 0.92
N LEU A 153 -6.67 28.62 0.22
CA LEU A 153 -7.98 28.79 0.89
C LEU A 153 -8.95 27.78 0.27
N THR A 154 -9.48 26.88 1.08
CA THR A 154 -10.21 25.75 0.50
C THR A 154 -11.47 25.49 1.29
N LYS A 155 -12.36 24.70 0.70
CA LYS A 155 -13.63 24.38 1.36
C LYS A 155 -13.42 23.39 2.49
N LYS A 156 -12.49 22.46 2.33
CA LYS A 156 -12.17 21.49 3.37
C LYS A 156 -10.71 21.64 3.80
N PRO A 157 -10.40 21.19 5.03
CA PRO A 157 -9.06 21.44 5.57
C PRO A 157 -7.99 20.73 4.75
N VAL A 158 -6.84 21.37 4.60
CA VAL A 158 -5.70 20.76 3.93
C VAL A 158 -4.49 20.94 4.83
N THR A 159 -3.88 19.84 5.25
CA THR A 159 -2.69 19.89 6.10
C THR A 159 -1.52 19.11 5.51
N LYS A 160 -1.77 18.37 4.43
CA LYS A 160 -0.71 17.66 3.69
C LYS A 160 -1.13 17.46 2.25
N PRO A 161 -0.15 17.19 1.36
CA PRO A 161 -0.47 17.11 -0.06
C PRO A 161 -1.59 16.10 -0.40
N SER A 162 -1.63 14.99 0.30
CA SER A 162 -2.63 13.96 0.02
C SER A 162 -4.04 14.53 0.18
N ASP A 163 -4.21 15.55 1.01
CA ASP A 163 -5.52 16.18 1.20
C ASP A 163 -6.02 16.92 -0.02
N LEU A 164 -5.11 17.26 -0.96
CA LEU A 164 -5.51 17.95 -2.19
C LEU A 164 -5.99 16.96 -3.26
N LYS A 165 -5.95 15.66 -2.95
CA LYS A 165 -6.34 14.64 -3.92
C LYS A 165 -7.69 14.91 -4.57
N GLY A 166 -7.64 15.13 -5.88
CA GLY A 166 -8.83 15.37 -6.68
C GLY A 166 -9.49 16.73 -6.46
N MET A 167 -8.85 17.58 -5.64
CA MET A 167 -9.43 18.87 -5.32
C MET A 167 -9.13 19.86 -6.44
N LYS A 168 -10.18 20.48 -6.96
CA LYS A 168 -10.05 21.46 -8.01
C LYS A 168 -9.65 22.77 -7.38
N VAL A 169 -8.36 23.04 -7.41
CA VAL A 169 -7.81 24.30 -6.92
C VAL A 169 -7.56 25.31 -8.02
N ARG A 170 -8.21 26.45 -7.92
CA ARG A 170 -8.02 27.53 -8.89
C ARG A 170 -6.61 28.09 -8.85
N VAL A 171 -6.08 28.34 -10.04
CA VAL A 171 -4.92 29.21 -10.21
C VAL A 171 -5.22 30.24 -11.28
N GLN A 172 -4.47 31.34 -11.29
CA GLN A 172 -4.56 32.30 -12.35
C GLN A 172 -3.94 31.69 -13.59
N HIS A 173 -4.02 32.40 -14.69
CA HIS A 173 -3.30 31.98 -15.88
C HIS A 173 -1.81 32.17 -15.69
N SER A 174 -1.19 31.13 -15.14
CA SER A 174 0.26 31.12 -14.90
C SER A 174 0.76 29.70 -14.93
N ARG A 175 1.66 29.41 -15.86
CA ARG A 175 2.35 28.14 -15.95
C ARG A 175 2.99 27.73 -14.62
N LEU A 176 3.62 28.70 -13.95
CA LEU A 176 4.33 28.44 -12.73
C LEU A 176 3.34 27.88 -11.68
N PHE A 177 2.19 28.52 -11.52
CA PHE A 177 1.28 28.11 -10.45
C PHE A 177 0.48 26.86 -10.86
N LEU A 178 0.18 26.72 -12.14
CA LEU A 178 -0.50 25.50 -12.62
C LEU A 178 0.39 24.31 -12.24
N GLN A 179 1.65 24.33 -12.65
CA GLN A 179 2.56 23.25 -12.32
C GLN A 179 2.83 23.08 -10.84
N THR A 180 2.90 24.18 -10.08
CA THR A 180 3.10 24.11 -8.63
C THR A 180 1.92 23.42 -7.94
N ILE A 181 0.70 23.83 -8.26
CA ILE A 181 -0.47 23.20 -7.63
C ILE A 181 -0.58 21.75 -8.07
N ASN A 182 -0.22 21.42 -9.31
CA ASN A 182 -0.23 20.03 -9.73
C ASN A 182 0.76 19.18 -8.93
N ALA A 183 1.93 19.73 -8.65
CA ALA A 183 2.96 19.01 -7.90
C ALA A 183 2.56 18.87 -6.45
N MET A 184 1.91 19.90 -5.93
CA MET A 184 1.47 19.89 -4.53
C MET A 184 0.37 18.85 -4.29
N GLY A 185 -0.25 18.38 -5.35
CA GLY A 185 -1.20 17.27 -5.26
C GLY A 185 -2.60 17.58 -5.70
N GLY A 186 -2.87 18.82 -6.07
CA GLY A 186 -4.21 19.22 -6.49
C GLY A 186 -4.47 19.15 -7.98
N VAL A 187 -5.68 19.53 -8.35
CA VAL A 187 -6.07 19.61 -9.75
C VAL A 187 -6.22 21.09 -10.13
N PRO A 188 -5.17 21.67 -10.75
CA PRO A 188 -5.13 23.11 -11.00
C PRO A 188 -6.12 23.51 -12.08
N THR A 189 -6.92 24.52 -11.78
CA THR A 189 -8.02 24.93 -12.60
C THR A 189 -7.83 26.42 -12.94
N PRO A 190 -7.28 26.71 -14.13
CA PRO A 190 -7.00 28.13 -14.43
C PRO A 190 -8.27 28.99 -14.61
N MET A 191 -8.31 30.14 -13.95
CA MET A 191 -9.41 31.06 -14.18
C MET A 191 -9.01 32.44 -13.70
N SER A 192 -9.65 33.45 -14.27
CA SER A 192 -9.38 34.82 -13.89
C SER A 192 -9.93 35.13 -12.51
N LEU A 193 -9.27 36.06 -11.83
CA LEU A 193 -9.61 36.39 -10.45
C LEU A 193 -11.09 36.73 -10.28
N SER A 194 -11.63 37.48 -11.23
N SER A 194 -11.64 37.49 -11.22
CA SER A 194 -13.01 37.94 -11.12
CA SER A 194 -13.03 37.95 -11.12
C SER A 194 -14.04 36.80 -11.23
C SER A 194 -14.04 36.80 -11.23
N ASP A 195 -13.63 35.65 -11.76
CA ASP A 195 -14.50 34.48 -11.86
C ASP A 195 -14.41 33.53 -10.67
N VAL A 196 -13.45 33.76 -9.77
CA VAL A 196 -13.20 32.83 -8.68
C VAL A 196 -14.39 32.71 -7.72
N TYR A 197 -14.93 33.84 -7.26
CA TYR A 197 -15.99 33.81 -6.24
C TYR A 197 -17.19 32.99 -6.75
N PRO A 198 -17.74 33.35 -7.93
CA PRO A 198 -18.85 32.54 -8.44
C PRO A 198 -18.45 31.09 -8.77
N GLY A 199 -17.20 30.88 -9.14
CA GLY A 199 -16.68 29.53 -9.33
C GLY A 199 -16.74 28.70 -8.06
N LEU A 200 -16.35 29.31 -6.94
CA LEU A 200 -16.53 28.62 -5.67
C LEU A 200 -17.98 28.38 -5.32
N SER A 201 -18.80 29.41 -5.48
CA SER A 201 -20.20 29.31 -5.10
C SER A 201 -20.93 28.27 -5.94
N GLU A 202 -20.57 28.16 -7.23
CA GLU A 202 -21.24 27.21 -8.11
C GLU A 202 -20.66 25.80 -8.01
N GLY A 203 -19.57 25.63 -7.27
CA GLY A 203 -18.91 24.35 -7.10
C GLY A 203 -18.01 23.91 -8.25
N ILE A 204 -17.70 24.84 -9.14
CA ILE A 204 -16.76 24.60 -10.21
C ILE A 204 -15.33 24.40 -9.67
N ILE A 205 -15.01 25.09 -8.57
CA ILE A 205 -13.70 24.95 -7.93
C ILE A 205 -13.90 24.84 -6.42
N ASP A 206 -12.91 24.27 -5.73
CA ASP A 206 -12.99 23.91 -4.32
C ASP A 206 -12.10 24.82 -3.47
N GLY A 207 -11.33 25.69 -4.12
CA GLY A 207 -10.45 26.56 -3.38
C GLY A 207 -9.55 27.35 -4.32
N LEU A 208 -8.67 28.15 -3.74
CA LEU A 208 -7.70 28.95 -4.51
C LEU A 208 -6.45 29.20 -3.67
N GLU A 209 -5.60 30.08 -4.14
CA GLU A 209 -4.51 30.49 -3.30
C GLU A 209 -4.16 31.97 -3.53
N ASN A 210 -3.73 32.63 -2.46
CA ASN A 210 -3.37 34.03 -2.51
C ASN A 210 -2.93 34.47 -1.13
N PRO A 211 -2.37 35.66 -1.03
CA PRO A 211 -2.15 36.22 0.30
C PRO A 211 -3.43 36.54 1.07
N THR A 212 -3.35 36.56 2.40
CA THR A 212 -4.49 36.83 3.25
C THR A 212 -5.19 38.12 2.85
N VAL A 213 -4.43 39.18 2.54
CA VAL A 213 -5.08 40.46 2.25
C VAL A 213 -5.95 40.39 1.00
N VAL A 214 -5.50 39.60 0.01
CA VAL A 214 -6.22 39.38 -1.21
C VAL A 214 -7.40 38.43 -0.98
N LEU A 215 -7.22 37.40 -0.15
CA LEU A 215 -8.35 36.51 0.22
C LEU A 215 -9.45 37.25 0.98
N PHE A 216 -9.05 38.15 1.88
CA PHE A 216 -10.05 38.89 2.64
C PHE A 216 -10.75 39.93 1.78
N GLY A 217 -9.98 40.62 0.94
CA GLY A 217 -10.51 41.67 0.08
C GLY A 217 -11.52 41.15 -0.91
N GLY A 218 -11.29 39.92 -1.39
CA GLY A 218 -12.18 39.32 -2.36
C GLY A 218 -13.35 38.60 -1.72
N LYS A 219 -13.41 38.61 -0.38
CA LYS A 219 -14.51 38.00 0.36
C LYS A 219 -14.62 36.52 0.08
N PHE A 220 -13.53 35.88 -0.30
CA PHE A 220 -13.61 34.48 -0.64
C PHE A 220 -13.94 33.63 0.59
N PHE A 221 -13.78 34.22 1.79
CA PHE A 221 -14.11 33.54 3.06
C PHE A 221 -15.60 33.24 3.18
N GLU A 222 -16.40 33.96 2.40
CA GLU A 222 -17.83 33.72 2.38
C GLU A 222 -18.14 32.32 1.83
N VAL A 223 -17.26 31.81 0.96
CA VAL A 223 -17.52 30.52 0.30
C VAL A 223 -16.41 29.46 0.44
N ALA A 224 -15.36 29.76 1.19
CA ALA A 224 -14.28 28.79 1.42
C ALA A 224 -13.62 29.17 2.75
N LYS A 225 -13.76 28.31 3.76
CA LYS A 225 -13.43 28.69 5.12
C LYS A 225 -12.28 27.97 5.78
N ASN A 226 -11.41 27.33 4.99
CA ASN A 226 -10.18 26.75 5.51
C ASN A 226 -8.96 27.45 4.91
N LEU A 227 -8.28 28.24 5.72
CA LEU A 227 -6.99 28.83 5.34
C LEU A 227 -5.87 27.89 5.77
N ASN A 228 -5.19 27.32 4.81
CA ASN A 228 -4.11 26.38 5.09
C ASN A 228 -2.76 27.00 4.79
N LEU A 229 -1.93 27.16 5.83
CA LEU A 229 -0.72 28.02 5.71
C LEU A 229 0.45 27.32 5.05
N THR A 230 0.25 27.05 3.77
CA THR A 230 1.29 26.45 2.95
C THR A 230 2.44 27.43 2.69
N ALA A 231 2.14 28.71 2.65
CA ALA A 231 3.18 29.74 2.49
C ALA A 231 4.12 29.37 1.34
N HIS A 232 3.52 29.00 0.21
CA HIS A 232 4.29 28.38 -0.84
C HIS A 232 5.03 29.43 -1.66
N THR A 233 4.49 30.64 -1.76
CA THR A 233 5.19 31.70 -2.51
C THR A 233 5.26 33.00 -1.71
N LYS A 234 6.45 33.55 -1.59
CA LYS A 234 6.64 34.93 -1.14
C LYS A 234 6.58 35.80 -2.40
N HIS A 235 5.38 36.28 -2.72
CA HIS A 235 5.10 36.74 -4.08
C HIS A 235 5.59 38.16 -4.35
N MET A 236 6.50 38.29 -5.33
CA MET A 236 6.91 39.60 -5.83
C MET A 236 6.15 39.92 -7.13
N SER A 237 5.71 41.17 -7.24
CA SER A 237 4.95 41.66 -8.38
C SER A 237 5.64 42.73 -9.24
N PRO A 238 5.63 42.55 -10.57
CA PRO A 238 6.00 43.65 -11.45
C PRO A 238 4.79 44.48 -11.85
N PHE A 239 5.00 45.75 -12.12
CA PHE A 239 4.09 46.54 -12.93
C PHE A 239 4.76 46.88 -14.25
N VAL A 240 4.01 46.73 -15.34
CA VAL A 240 4.57 46.72 -16.69
C VAL A 240 3.74 47.60 -17.61
N ALA A 241 4.34 48.00 -18.73
CA ALA A 241 3.62 48.65 -19.80
C ALA A 241 4.15 48.13 -21.13
N GLY A 242 3.39 48.37 -22.18
CA GLY A 242 3.84 47.98 -23.50
C GLY A 242 4.97 48.90 -23.85
N THR A 243 5.98 48.36 -24.52
CA THR A 243 7.14 49.15 -24.91
C THR A 243 6.72 50.25 -25.90
N ALA A 244 5.68 49.99 -26.70
CA ALA A 244 5.22 50.94 -27.71
C ALA A 244 4.50 52.15 -27.10
N PHE A 245 4.05 52.03 -25.86
CA PHE A 245 3.53 53.18 -25.15
C PHE A 245 4.62 53.79 -24.26
N TRP A 246 5.35 52.94 -23.56
CA TRP A 246 6.35 53.41 -22.63
C TRP A 246 7.46 54.22 -23.33
N ASN A 247 7.91 53.75 -24.49
CA ASN A 247 9.03 54.36 -25.19
C ASN A 247 8.67 55.70 -25.82
N ASN A 248 7.37 55.94 -25.98
CA ASN A 248 6.93 57.20 -26.55
C ASN A 248 6.65 58.26 -25.49
N LEU A 249 6.79 57.89 -24.22
CA LEU A 249 6.86 58.86 -23.14
C LEU A 249 8.21 59.59 -23.22
N THR A 250 8.29 60.82 -22.71
CA THR A 250 9.58 61.52 -22.69
C THR A 250 10.46 60.83 -21.65
N PRO A 251 11.79 60.92 -21.81
CA PRO A 251 12.69 60.45 -20.75
C PRO A 251 12.37 61.07 -19.41
N GLU A 252 11.94 62.34 -19.39
CA GLU A 252 11.67 62.99 -18.10
C GLU A 252 10.42 62.41 -17.37
N GLN A 253 9.38 62.11 -18.13
CA GLN A 253 8.19 61.46 -17.60
C GLN A 253 8.52 60.05 -17.10
N GLN A 254 9.34 59.33 -17.85
CA GLN A 254 9.74 57.98 -17.48
C GLN A 254 10.42 57.96 -16.13
N LYS A 255 11.37 58.87 -15.96
CA LYS A 255 12.11 59.01 -14.71
C LYS A 255 11.23 59.37 -13.52
N ILE A 256 10.21 60.20 -13.73
CA ILE A 256 9.31 60.58 -12.63
C ILE A 256 8.55 59.35 -12.17
N ILE A 257 8.05 58.59 -13.15
CA ILE A 257 7.29 57.38 -12.88
C ILE A 257 8.16 56.36 -12.15
N VAL A 258 9.37 56.12 -12.66
CA VAL A 258 10.26 55.15 -12.03
C VAL A 258 10.75 55.61 -10.66
N ASP A 259 11.08 56.89 -10.52
CA ASP A 259 11.51 57.40 -9.21
C ASP A 259 10.37 57.23 -8.23
N ALA A 260 9.16 57.54 -8.65
CA ALA A 260 8.02 57.46 -7.76
C ALA A 260 7.73 56.02 -7.36
N SER A 261 7.98 55.11 -8.29
CA SER A 261 7.69 53.70 -8.13
C SER A 261 8.58 53.12 -7.04
N ARG A 262 9.78 53.68 -6.87
CA ARG A 262 10.72 53.19 -5.85
C ARG A 262 10.17 53.52 -4.48
N GLU A 263 9.68 54.74 -4.34
CA GLU A 263 9.00 55.16 -3.11
C GLU A 263 7.72 54.34 -2.87
N MET A 264 6.98 54.06 -3.93
CA MET A 264 5.79 53.24 -3.84
C MET A 264 6.14 51.87 -3.29
N VAL A 265 7.26 51.30 -3.73
CA VAL A 265 7.63 49.99 -3.20
C VAL A 265 7.93 50.01 -1.68
N THR A 266 8.64 51.05 -1.23
CA THR A 266 8.95 51.23 0.18
C THR A 266 7.72 51.49 1.00
N TYR A 267 6.83 52.34 0.50
CA TYR A 267 5.52 52.59 1.13
C TYR A 267 4.68 51.31 1.25
N GLY A 268 4.62 50.55 0.16
CA GLY A 268 3.86 49.32 0.20
C GLY A 268 4.45 48.31 1.17
N GLY A 269 5.77 48.35 1.33
CA GLY A 269 6.47 47.46 2.25
C GLY A 269 5.97 47.75 3.66
N GLY A 270 5.77 49.03 3.92
CA GLY A 270 5.20 49.46 5.19
C GLY A 270 3.76 48.98 5.37
N LEU A 271 2.96 49.11 4.32
CA LEU A 271 1.56 48.71 4.39
C LEU A 271 1.42 47.22 4.70
N ILE A 272 2.23 46.43 4.00
CA ILE A 272 2.10 44.97 3.96
C ILE A 272 2.67 44.32 5.22
N GLU A 273 3.60 45.03 5.89
CA GLU A 273 4.31 44.51 7.05
C GLU A 273 3.40 43.86 8.11
N GLN A 274 2.36 44.58 8.52
CA GLN A 274 1.38 44.00 9.44
C GLN A 274 0.01 43.75 8.81
N ALA A 275 -0.19 44.19 7.59
CA ALA A 275 -1.47 43.99 6.95
C ALA A 275 -1.77 42.51 6.74
N GLU A 276 -0.74 41.68 6.55
CA GLU A 276 -1.01 40.27 6.27
C GLU A 276 -1.53 39.58 7.53
N ASN A 277 -0.94 39.91 8.67
N ASN A 277 -0.94 39.90 8.68
CA ASN A 277 -1.40 39.38 9.94
CA ASN A 277 -1.43 39.37 9.95
C ASN A 277 -2.79 39.94 10.30
C ASN A 277 -2.81 39.93 10.27
N GLU A 278 -3.00 41.22 10.03
CA GLU A 278 -4.29 41.84 10.28
C GLU A 278 -5.37 41.11 9.48
N ALA A 279 -5.09 40.82 8.22
CA ALA A 279 -6.06 40.13 7.39
C ALA A 279 -6.29 38.70 7.88
N LEU A 280 -5.24 38.06 8.37
CA LEU A 280 -5.37 36.75 8.97
C LEU A 280 -6.38 36.81 10.10
N GLU A 281 -6.25 37.81 10.99
CA GLU A 281 -7.20 37.97 12.09
C GLU A 281 -8.60 38.29 11.57
N ASN A 282 -8.68 39.13 10.54
CA ASN A 282 -9.97 39.46 9.94
C ASN A 282 -10.64 38.21 9.35
N LEU A 283 -9.83 37.35 8.75
CA LEU A 283 -10.38 36.12 8.19
C LEU A 283 -10.97 35.27 9.30
N LYS A 284 -10.26 35.12 10.43
CA LYS A 284 -10.75 34.30 11.54
C LYS A 284 -12.04 34.85 12.11
N LYS A 285 -12.13 36.17 12.21
CA LYS A 285 -13.30 36.83 12.77
C LYS A 285 -14.51 36.60 11.90
N ALA A 286 -14.28 36.37 10.61
CA ALA A 286 -15.36 36.11 9.67
C ALA A 286 -15.61 34.61 9.52
N GLY A 287 -14.96 33.80 10.35
CA GLY A 287 -15.28 32.39 10.47
C GLY A 287 -14.33 31.42 9.78
N VAL A 288 -13.19 31.92 9.30
CA VAL A 288 -12.25 31.03 8.67
C VAL A 288 -11.45 30.28 9.72
N THR A 289 -11.31 28.98 9.50
CA THR A 289 -10.44 28.13 10.29
C THR A 289 -9.03 28.14 9.71
N VAL A 290 -8.04 28.40 10.57
CA VAL A 290 -6.65 28.46 10.16
C VAL A 290 -5.90 27.18 10.51
N ASN A 291 -5.40 26.50 9.47
CA ASN A 291 -4.75 25.21 9.63
C ASN A 291 -3.27 25.33 9.37
N ASP A 292 -2.46 24.93 10.34
CA ASP A 292 -1.05 24.69 10.07
C ASP A 292 -0.91 23.48 9.16
N VAL A 293 0.09 23.50 8.28
CA VAL A 293 0.32 22.37 7.42
C VAL A 293 1.66 21.69 7.71
N ASP A 294 1.80 20.48 7.17
CA ASP A 294 3.08 19.80 7.12
C ASP A 294 3.96 20.47 6.05
N LEU A 295 4.73 21.46 6.47
CA LEU A 295 5.52 22.20 5.51
C LEU A 295 6.63 21.37 4.88
N PRO A 296 7.29 20.51 5.66
CA PRO A 296 8.29 19.69 4.99
C PRO A 296 7.67 18.83 3.89
N ALA A 297 6.48 18.30 4.09
CA ALA A 297 5.82 17.51 3.05
C ALA A 297 5.44 18.39 1.85
N PHE A 298 5.01 19.62 2.10
CA PHE A 298 4.67 20.50 0.97
C PHE A 298 5.92 20.92 0.20
N GLU A 299 7.00 21.26 0.91
CA GLU A 299 8.24 21.55 0.20
C GLU A 299 8.74 20.34 -0.62
N ALA A 300 8.68 19.15 -0.03
CA ALA A 300 9.12 17.94 -0.73
C ALA A 300 8.31 17.71 -1.99
N SER A 301 7.04 18.10 -1.98
CA SER A 301 6.15 17.74 -3.07
C SER A 301 6.51 18.49 -4.35
N VAL A 302 7.29 19.56 -4.22
CA VAL A 302 7.67 20.34 -5.38
C VAL A 302 9.11 20.13 -5.85
N ALA A 303 9.82 19.19 -5.23
CA ALA A 303 11.24 18.97 -5.53
C ALA A 303 11.47 18.60 -6.99
N ASP A 304 10.61 17.75 -7.56
CA ASP A 304 10.75 17.37 -8.96
C ASP A 304 10.39 18.50 -9.89
N VAL A 305 9.26 19.15 -9.64
CA VAL A 305 8.77 20.16 -10.56
C VAL A 305 9.72 21.35 -10.70
N ILE A 306 10.31 21.80 -9.59
CA ILE A 306 11.27 22.91 -9.71
C ILE A 306 12.55 22.57 -10.50
N SER A 307 12.91 21.28 -10.56
CA SER A 307 14.14 20.83 -11.20
C SER A 307 13.96 20.57 -12.69
N THR A 308 12.93 19.78 -13.04
CA THR A 308 12.74 19.32 -14.42
C THR A 308 11.31 19.51 -14.95
N GLY A 309 10.46 20.14 -14.17
CA GLY A 309 9.09 20.39 -14.56
C GLY A 309 8.86 21.57 -15.47
N PHE A 310 9.89 22.39 -15.66
CA PHE A 310 9.80 23.54 -16.56
C PHE A 310 10.93 23.40 -17.56
N PRO A 311 10.72 22.53 -18.55
CA PRO A 311 11.81 22.22 -19.49
C PRO A 311 12.33 23.45 -20.25
N GLU A 312 11.52 24.48 -20.35
CA GLU A 312 11.92 25.73 -21.01
C GLU A 312 12.94 26.59 -20.22
N TRP A 313 13.08 26.33 -18.91
CA TRP A 313 14.08 27.00 -18.07
C TRP A 313 15.51 26.62 -18.46
N SER A 314 16.41 27.57 -18.27
CA SER A 314 17.84 27.27 -18.33
C SER A 314 18.16 26.15 -17.35
N PRO A 315 19.17 25.34 -17.68
CA PRO A 315 19.65 24.32 -16.76
C PRO A 315 19.85 24.84 -15.33
N ASN A 316 19.31 24.08 -14.39
CA ASN A 316 19.55 24.32 -12.95
C ASN A 316 19.14 25.67 -12.45
N LEU A 317 18.11 26.25 -13.06
CA LEU A 317 17.75 27.64 -12.79
C LEU A 317 17.37 27.86 -11.32
N TYR A 318 16.53 27.00 -10.77
CA TYR A 318 16.07 27.16 -9.38
C TYR A 318 17.22 27.11 -8.40
N LYS A 319 18.12 26.14 -8.58
CA LYS A 319 19.23 26.03 -7.67
C LYS A 319 20.20 27.21 -7.84
N ASN A 320 20.34 27.69 -9.07
CA ASN A 320 21.19 28.84 -9.34
C ASN A 320 20.65 30.06 -8.57
N VAL A 321 19.36 30.31 -8.73
CA VAL A 321 18.73 31.47 -8.12
C VAL A 321 18.65 31.28 -6.60
N GLN A 322 18.35 30.06 -6.16
CA GLN A 322 18.33 29.78 -4.73
C GLN A 322 19.61 30.28 -4.09
N GLU A 323 20.71 30.05 -4.81
CA GLU A 323 22.02 30.37 -4.28
C GLU A 323 22.39 31.85 -4.39
N LYS A 324 22.02 32.47 -5.50
CA LYS A 324 22.11 33.92 -5.62
C LYS A 324 21.47 34.58 -4.41
N LEU A 325 20.29 34.08 -4.07
CA LEU A 325 19.50 34.65 -3.00
C LEU A 325 20.27 34.53 -1.69
N SER A 326 21.20 33.57 -1.63
CA SER A 326 21.99 33.32 -0.42
C SER A 326 23.14 34.30 -0.21
N GLN A 327 23.76 34.81 -1.28
CA GLN A 327 24.78 35.83 -1.12
C GLN A 327 24.18 37.05 -0.46
N PHE A 328 22.86 37.18 -0.56
CA PHE A 328 22.17 38.33 0.03
C PHE A 328 21.90 38.07 1.51
N GLU B 26 8.92 -28.76 63.75
CA GLU B 26 9.22 -27.70 62.77
C GLU B 26 8.94 -28.15 61.34
N THR B 27 8.08 -27.38 60.67
CA THR B 27 7.73 -27.65 59.29
C THR B 27 8.46 -26.66 58.37
N GLU B 28 9.44 -27.17 57.60
CA GLU B 28 10.22 -26.34 56.67
C GLU B 28 9.56 -26.36 55.30
N ILE B 29 9.37 -25.19 54.71
CA ILE B 29 8.76 -25.06 53.39
C ILE B 29 9.66 -24.26 52.48
N MET B 30 9.93 -24.80 51.30
CA MET B 30 10.81 -24.13 50.34
C MET B 30 10.01 -23.13 49.52
N VAL B 31 10.56 -21.93 49.30
CA VAL B 31 9.82 -20.89 48.59
C VAL B 31 10.61 -20.55 47.32
N ALA B 32 10.02 -20.84 46.16
CA ALA B 32 10.72 -20.76 44.86
C ALA B 32 10.24 -19.58 44.00
N TYR B 33 11.19 -18.87 43.38
CA TYR B 33 10.86 -17.78 42.46
C TYR B 33 12.07 -17.49 41.58
N GLY B 34 11.90 -16.65 40.56
CA GLY B 34 12.92 -16.43 39.55
C GLY B 34 13.71 -15.14 39.75
N ASN B 35 13.20 -14.29 40.64
CA ASN B 35 13.81 -13.00 40.93
C ASN B 35 15.10 -13.13 41.71
N GLN B 36 15.98 -12.15 41.51
CA GLN B 36 17.29 -12.20 42.14
C GLN B 36 17.22 -11.58 43.53
N PRO B 37 18.18 -11.94 44.39
CA PRO B 37 18.31 -11.30 45.69
C PRO B 37 18.25 -9.78 45.57
N GLY B 38 17.47 -9.14 46.44
CA GLY B 38 17.39 -7.69 46.51
C GLY B 38 16.23 -7.11 45.73
N GLU B 39 15.68 -7.88 44.80
CA GLU B 39 14.48 -7.45 44.07
C GLU B 39 13.27 -7.41 45.00
N PRO B 40 12.25 -6.62 44.64
CA PRO B 40 11.05 -6.55 45.50
C PRO B 40 10.44 -7.90 45.85
N ILE B 41 10.38 -8.83 44.91
CA ILE B 41 9.76 -10.10 45.23
C ILE B 41 10.60 -10.82 46.28
N ASP B 42 11.93 -10.71 46.17
CA ASP B 42 12.84 -11.34 47.13
C ASP B 42 12.69 -10.72 48.53
N LYS B 43 12.58 -9.40 48.59
CA LYS B 43 12.34 -8.73 49.88
C LYS B 43 11.00 -9.13 50.52
N ALA B 44 9.96 -9.20 49.70
CA ALA B 44 8.65 -9.63 50.14
C ALA B 44 8.71 -11.05 50.66
N MET B 45 9.50 -11.90 50.00
CA MET B 45 9.59 -13.28 50.42
C MET B 45 10.29 -13.35 51.77
N HIS B 46 11.29 -12.50 51.97
CA HIS B 46 11.93 -12.45 53.29
C HIS B 46 10.97 -11.94 54.38
N PHE B 47 10.18 -10.93 54.07
CA PHE B 47 9.12 -10.47 54.98
C PHE B 47 8.20 -11.61 55.36
N TRP B 48 7.74 -12.36 54.36
CA TRP B 48 6.79 -13.46 54.62
C TRP B 48 7.45 -14.52 55.50
N ALA B 49 8.68 -14.87 55.16
CA ALA B 49 9.43 -15.87 55.91
C ALA B 49 9.58 -15.44 57.38
N ASP B 50 10.00 -14.20 57.59
CA ASP B 50 10.21 -13.71 58.94
C ASP B 50 8.89 -13.76 59.73
N LYS B 51 7.80 -13.29 59.11
CA LYS B 51 6.51 -13.20 59.78
C LYS B 51 6.00 -14.56 60.17
N VAL B 52 6.15 -15.52 59.27
CA VAL B 52 5.67 -16.86 59.52
C VAL B 52 6.42 -17.50 60.67
N LYS B 53 7.73 -17.28 60.72
CA LYS B 53 8.56 -17.84 61.75
C LYS B 53 8.17 -17.19 63.09
N GLU B 54 7.93 -15.88 63.03
CA GLU B 54 7.55 -15.07 64.21
C GLU B 54 6.22 -15.54 64.79
N LYS B 55 5.19 -15.60 63.94
CA LYS B 55 3.83 -15.86 64.37
C LYS B 55 3.64 -17.31 64.79
N SER B 56 4.52 -18.18 64.32
CA SER B 56 4.42 -19.59 64.66
C SER B 56 5.42 -20.02 65.71
N ASN B 57 6.25 -19.10 66.21
CA ASN B 57 7.24 -19.45 67.24
C ASN B 57 8.20 -20.53 66.76
N GLY B 58 8.59 -20.47 65.49
CA GLY B 58 9.56 -21.40 64.95
C GLY B 58 8.98 -22.67 64.37
N ASP B 59 7.67 -22.88 64.52
CA ASP B 59 7.03 -24.12 64.04
C ASP B 59 6.97 -24.19 62.52
N ILE B 60 6.95 -23.02 61.89
CA ILE B 60 6.99 -22.96 60.43
C ILE B 60 8.19 -22.12 60.00
N VAL B 61 9.04 -22.69 59.15
CA VAL B 61 10.15 -21.93 58.60
C VAL B 61 10.15 -21.99 57.08
N PHE B 62 10.31 -20.82 56.46
CA PHE B 62 10.47 -20.76 55.01
C PHE B 62 11.95 -20.77 54.70
N LYS B 63 12.34 -21.56 53.72
CA LYS B 63 13.67 -21.47 53.16
C LYS B 63 13.56 -20.92 51.75
N LEU B 64 14.26 -19.81 51.48
CA LEU B 64 14.05 -19.11 50.21
C LEU B 64 15.01 -19.56 49.10
N PHE B 65 14.46 -19.71 47.90
CA PHE B 65 15.23 -20.14 46.73
C PHE B 65 14.98 -19.20 45.56
N PRO B 66 15.65 -18.05 45.55
CA PRO B 66 15.54 -17.10 44.44
C PRO B 66 16.26 -17.61 43.19
N SER B 67 16.21 -16.85 42.11
CA SER B 67 17.05 -17.08 40.96
C SER B 67 16.85 -18.47 40.33
N SER B 68 15.63 -19.00 40.40
CA SER B 68 15.31 -20.28 39.79
C SER B 68 16.17 -21.42 40.33
N GLN B 69 16.60 -21.33 41.59
CA GLN B 69 17.47 -22.35 42.13
C GLN B 69 16.87 -23.75 42.12
N LEU B 70 15.56 -23.85 42.38
CA LEU B 70 14.92 -25.15 42.43
C LEU B 70 14.54 -25.66 41.04
N GLY B 71 14.69 -24.79 40.03
CA GLY B 71 14.35 -25.10 38.66
C GLY B 71 13.46 -24.03 38.04
N SER B 72 13.04 -24.24 36.81
CA SER B 72 12.21 -23.28 36.11
C SER B 72 10.86 -23.21 36.77
N GLU B 73 10.15 -22.11 36.52
CA GLU B 73 8.88 -21.86 37.17
C GLU B 73 7.94 -23.03 36.89
N THR B 74 7.95 -23.51 35.65
N THR B 74 7.93 -23.52 35.66
CA THR B 74 7.07 -24.60 35.23
CA THR B 74 7.02 -24.61 35.32
C THR B 74 7.48 -25.94 35.85
C THR B 74 7.47 -25.95 35.90
N GLU B 75 8.78 -26.20 35.88
CA GLU B 75 9.30 -27.43 36.50
C GLU B 75 8.94 -27.49 37.98
N VAL B 76 9.11 -26.37 38.67
CA VAL B 76 8.82 -26.33 40.11
C VAL B 76 7.32 -26.53 40.39
N LEU B 77 6.44 -25.96 39.57
CA LEU B 77 5.02 -26.19 39.74
C LEU B 77 4.72 -27.70 39.73
N GLU B 78 5.35 -28.43 38.84
CA GLU B 78 5.14 -29.87 38.81
C GLU B 78 5.68 -30.57 40.06
N GLN B 79 6.78 -30.08 40.63
CA GLN B 79 7.29 -30.68 41.87
C GLN B 79 6.27 -30.48 42.99
N ALA B 80 5.66 -29.31 43.02
CA ALA B 80 4.72 -28.96 44.05
C ALA B 80 3.46 -29.79 43.90
N LYS B 81 2.99 -29.93 42.67
CA LYS B 81 1.76 -30.67 42.42
C LYS B 81 1.90 -32.11 42.90
N PHE B 82 3.11 -32.65 42.81
CA PHE B 82 3.34 -34.03 43.23
C PHE B 82 3.73 -34.20 44.69
N GLY B 83 3.62 -33.13 45.47
CA GLY B 83 3.65 -33.25 46.92
C GLY B 83 4.82 -32.63 47.63
N ALA B 84 5.79 -32.10 46.88
CA ALA B 84 6.96 -31.48 47.50
C ALA B 84 6.55 -30.34 48.42
N ASN B 85 7.36 -30.11 49.46
CA ASN B 85 7.09 -29.02 50.40
C ASN B 85 7.53 -27.69 49.81
N ILE B 86 6.74 -27.21 48.85
CA ILE B 86 7.13 -26.05 48.08
C ILE B 86 5.98 -25.08 48.02
N ILE B 87 6.30 -23.81 48.23
CA ILE B 87 5.43 -22.71 47.83
C ILE B 87 6.16 -22.00 46.69
N THR B 88 5.54 -21.94 45.51
CA THR B 88 6.21 -21.34 44.38
C THR B 88 5.39 -20.21 43.79
N ILE B 89 6.07 -19.22 43.23
CA ILE B 89 5.36 -18.26 42.42
C ILE B 89 4.84 -19.05 41.20
N SER B 90 3.74 -18.59 40.63
CA SER B 90 3.22 -19.12 39.37
C SER B 90 2.69 -17.94 38.57
N ASP B 91 1.87 -18.24 37.57
CA ASP B 91 1.39 -17.22 36.68
C ASP B 91 0.02 -17.62 36.18
N TYR B 92 -0.88 -16.64 36.15
CA TYR B 92 -2.24 -16.91 35.74
C TYR B 92 -2.31 -17.34 34.29
N GLY B 93 -1.44 -16.77 33.45
CA GLY B 93 -1.39 -17.17 32.04
C GLY B 93 -0.92 -18.59 31.86
N ALA B 94 0.06 -19.02 32.63
CA ALA B 94 0.50 -20.38 32.62
C ALA B 94 -0.62 -21.31 33.15
N LEU B 95 -1.28 -20.90 34.24
CA LEU B 95 -2.32 -21.74 34.86
C LEU B 95 -3.55 -21.91 33.97
N MET B 96 -3.63 -21.09 32.91
CA MET B 96 -4.76 -21.15 32.01
C MET B 96 -4.75 -22.47 31.17
N ASP B 97 -3.65 -23.21 31.21
CA ASP B 97 -3.62 -24.58 30.67
C ASP B 97 -4.52 -25.51 31.50
N ILE B 98 -4.73 -25.16 32.78
CA ILE B 98 -5.51 -25.98 33.72
C ILE B 98 -6.93 -25.44 33.92
N VAL B 99 -7.02 -24.15 34.23
CA VAL B 99 -8.27 -23.44 34.32
C VAL B 99 -8.22 -22.21 33.43
N PRO B 100 -8.83 -22.29 32.24
CA PRO B 100 -8.58 -21.25 31.23
C PRO B 100 -8.90 -19.82 31.66
N ASP B 101 -10.01 -19.63 32.34
CA ASP B 101 -10.44 -18.27 32.69
C ASP B 101 -9.48 -17.49 33.60
N LEU B 102 -8.54 -18.18 34.26
CA LEU B 102 -7.60 -17.49 35.09
C LEU B 102 -6.75 -16.53 34.25
N GLY B 103 -6.57 -16.89 32.98
CA GLY B 103 -5.65 -16.17 32.13
C GLY B 103 -5.99 -14.70 31.95
N VAL B 104 -7.26 -14.37 32.09
CA VAL B 104 -7.72 -13.03 31.79
C VAL B 104 -7.15 -12.01 32.79
N ILE B 105 -6.74 -12.48 33.97
CA ILE B 105 -6.34 -11.57 35.04
C ILE B 105 -5.24 -10.55 34.58
N ASN B 106 -4.29 -11.02 33.77
CA ASN B 106 -3.19 -10.17 33.27
C ASN B 106 -3.27 -9.97 31.77
N ALA B 107 -4.47 -10.14 31.20
CA ALA B 107 -4.69 -9.89 29.77
C ALA B 107 -4.24 -8.45 29.46
N PRO B 108 -3.71 -8.22 28.25
CA PRO B 108 -3.13 -6.91 27.92
C PRO B 108 -4.12 -5.77 27.99
N TYR B 109 -3.70 -4.69 28.67
CA TYR B 109 -4.45 -3.45 28.82
C TYR B 109 -5.78 -3.57 29.55
N ILE B 110 -5.97 -4.65 30.30
CA ILE B 110 -7.30 -4.89 30.85
C ILE B 110 -7.68 -3.89 31.96
N SER B 111 -6.65 -3.41 32.66
CA SER B 111 -6.81 -2.38 33.66
C SER B 111 -5.48 -1.77 34.04
N GLN B 112 -5.47 -0.47 34.34
CA GLN B 112 -4.26 0.19 34.76
C GLN B 112 -4.01 0.19 36.26
N SER B 113 -4.90 -0.45 37.03
CA SER B 113 -4.88 -0.36 38.50
C SER B 113 -4.59 -1.67 39.19
N PHE B 114 -3.44 -1.76 39.86
CA PHE B 114 -3.18 -2.95 40.67
C PHE B 114 -4.25 -3.09 41.77
N GLU B 115 -4.72 -1.98 42.32
CA GLU B 115 -5.69 -2.07 43.41
C GLU B 115 -7.03 -2.64 42.94
N LYS B 116 -7.47 -2.29 41.73
CA LYS B 116 -8.70 -2.86 41.19
C LYS B 116 -8.55 -4.34 40.95
N LYS B 117 -7.41 -4.75 40.41
CA LYS B 117 -7.11 -6.16 40.27
C LYS B 117 -7.11 -6.87 41.63
N SER B 118 -6.56 -6.24 42.66
CA SER B 118 -6.59 -6.87 43.98
C SER B 118 -8.01 -7.19 44.42
N LYS B 119 -8.93 -6.26 44.19
CA LYS B 119 -10.33 -6.46 44.55
C LYS B 119 -10.95 -7.55 43.68
N LEU B 120 -10.59 -7.58 42.40
CA LEU B 120 -11.07 -8.66 41.53
C LEU B 120 -10.64 -10.01 42.12
N LEU B 121 -9.42 -10.04 42.63
CA LEU B 121 -8.83 -11.26 43.11
C LEU B 121 -9.31 -11.65 44.51
N HIS B 122 -10.27 -10.87 45.05
CA HIS B 122 -11.02 -11.28 46.25
C HIS B 122 -12.49 -11.50 45.95
N SER B 123 -12.83 -11.55 44.67
CA SER B 123 -14.21 -11.65 44.27
C SER B 123 -14.67 -13.11 44.22
N ASP B 124 -15.98 -13.29 44.18
CA ASP B 124 -16.57 -14.65 44.06
C ASP B 124 -16.20 -15.27 42.73
N TRP B 125 -16.17 -14.46 41.69
CA TRP B 125 -15.67 -14.87 40.38
C TRP B 125 -14.32 -15.59 40.51
N PHE B 126 -13.39 -14.97 41.19
CA PHE B 126 -12.07 -15.54 41.34
C PHE B 126 -12.08 -16.75 42.25
N LYS B 127 -12.83 -16.64 43.35
CA LYS B 127 -12.94 -17.73 44.33
C LYS B 127 -13.34 -19.02 43.63
N ASP B 128 -14.32 -18.93 42.74
CA ASP B 128 -14.82 -20.10 42.02
C ASP B 128 -13.73 -20.69 41.10
N LEU B 129 -12.86 -19.86 40.52
CA LEU B 129 -11.81 -20.39 39.66
C LEU B 129 -10.75 -21.07 40.52
N SER B 130 -10.44 -20.49 41.67
CA SER B 130 -9.48 -21.08 42.58
C SER B 130 -9.97 -22.46 43.08
N ASP B 131 -11.26 -22.57 43.37
CA ASP B 131 -11.81 -23.86 43.79
C ASP B 131 -11.66 -24.88 42.66
N LYS B 132 -11.84 -24.45 41.40
CA LYS B 132 -11.64 -25.37 40.24
C LYS B 132 -10.19 -25.85 40.15
N LEU B 133 -9.26 -24.92 40.29
CA LEU B 133 -7.85 -25.27 40.27
C LEU B 133 -7.45 -26.25 41.36
N ASP B 134 -8.01 -26.09 42.57
CA ASP B 134 -7.69 -27.00 43.68
C ASP B 134 -7.95 -28.46 43.27
N GLN B 135 -9.01 -28.67 42.51
CA GLN B 135 -9.41 -30.00 42.09
C GLN B 135 -8.44 -30.55 41.05
N HIS B 136 -7.63 -29.68 40.46
CA HIS B 136 -6.55 -30.13 39.56
C HIS B 136 -5.21 -30.08 40.30
N ASP B 137 -5.30 -30.16 41.63
CA ASP B 137 -4.15 -30.42 42.50
C ASP B 137 -3.20 -29.25 42.78
N ILE B 138 -3.63 -28.04 42.48
CA ILE B 138 -2.80 -26.84 42.77
C ILE B 138 -3.63 -25.84 43.53
N HIS B 139 -3.10 -25.34 44.65
CA HIS B 139 -3.84 -24.40 45.48
C HIS B 139 -3.18 -23.03 45.54
N ILE B 140 -3.94 -22.00 45.19
CA ILE B 140 -3.45 -20.64 45.27
C ILE B 140 -3.57 -20.20 46.73
N ILE B 141 -2.43 -19.88 47.33
CA ILE B 141 -2.35 -19.42 48.71
C ILE B 141 -2.59 -17.92 48.84
N VAL B 142 -1.97 -17.16 47.94
CA VAL B 142 -2.11 -15.71 47.93
C VAL B 142 -2.21 -15.32 46.45
N PRO B 143 -3.23 -14.55 46.11
CA PRO B 143 -3.53 -14.32 44.70
C PRO B 143 -2.99 -13.05 44.08
N ASP B 144 -2.58 -12.10 44.92
CA ASP B 144 -2.53 -10.72 44.49
C ASP B 144 -1.22 -10.03 44.81
N VAL B 145 -0.10 -10.74 44.68
CA VAL B 145 1.17 -10.07 44.82
C VAL B 145 1.42 -9.16 43.61
N ILE B 146 1.76 -7.90 43.87
CA ILE B 146 2.04 -6.96 42.77
C ILE B 146 3.42 -7.25 42.21
N TYR B 147 3.47 -7.64 40.94
CA TYR B 147 4.71 -8.01 40.28
C TYR B 147 5.35 -6.80 39.54
N GLY B 148 4.50 -5.91 39.03
CA GLY B 148 4.95 -4.71 38.36
C GLY B 148 4.35 -4.56 36.95
N THR B 149 4.67 -3.43 36.31
CA THR B 149 4.17 -3.15 34.97
C THR B 149 5.16 -3.70 33.92
N ARG B 150 4.70 -4.60 33.08
CA ARG B 150 5.55 -5.21 32.08
C ARG B 150 5.75 -4.29 30.88
N HIS B 151 6.99 -4.19 30.50
CA HIS B 151 7.44 -3.49 29.30
C HIS B 151 8.34 -4.38 28.47
N LEU B 152 8.46 -4.04 27.18
CA LEU B 152 9.45 -4.60 26.27
C LEU B 152 10.86 -4.10 26.56
N LEU B 153 11.81 -5.02 26.56
CA LEU B 153 13.22 -4.66 26.50
C LEU B 153 13.83 -5.36 25.28
N THR B 154 14.40 -4.58 24.36
CA THR B 154 14.79 -5.09 23.05
C THR B 154 16.12 -4.50 22.58
N LYS B 155 16.72 -5.13 21.57
CA LYS B 155 17.99 -4.66 21.00
C LYS B 155 17.86 -3.39 20.17
N LYS B 156 16.75 -3.26 19.45
CA LYS B 156 16.48 -2.07 18.68
C LYS B 156 15.22 -1.38 19.16
N PRO B 157 15.10 -0.08 18.89
CA PRO B 157 13.92 0.59 19.42
C PRO B 157 12.59 0.03 18.87
N VAL B 158 11.58 0.08 19.74
CA VAL B 158 10.24 -0.26 19.32
C VAL B 158 9.32 0.82 19.81
N THR B 159 8.61 1.49 18.92
CA THR B 159 7.69 2.55 19.32
C THR B 159 6.29 2.29 18.79
N LYS B 160 6.15 1.29 17.91
CA LYS B 160 4.85 0.92 17.40
C LYS B 160 4.85 -0.53 16.98
N PRO B 161 3.67 -1.10 16.82
CA PRO B 161 3.62 -2.54 16.53
C PRO B 161 4.45 -2.99 15.34
N SER B 162 4.48 -2.20 14.28
CA SER B 162 5.25 -2.54 13.07
C SER B 162 6.75 -2.70 13.34
N ASP B 163 7.27 -2.00 14.35
CA ASP B 163 8.65 -2.22 14.73
C ASP B 163 8.94 -3.61 15.23
N LEU B 164 7.91 -4.39 15.63
CA LEU B 164 8.14 -5.77 16.06
C LEU B 164 8.24 -6.79 14.92
N LYS B 165 8.07 -6.33 13.67
CA LYS B 165 8.03 -7.24 12.55
C LYS B 165 9.28 -8.13 12.49
N GLY B 166 9.05 -9.43 12.55
CA GLY B 166 10.09 -10.44 12.57
C GLY B 166 10.97 -10.49 13.79
N MET B 167 10.64 -9.73 14.84
CA MET B 167 11.52 -9.67 15.99
C MET B 167 11.24 -10.86 16.89
N LYS B 168 12.28 -11.61 17.26
CA LYS B 168 12.09 -12.75 18.16
C LYS B 168 12.01 -12.24 19.62
N VAL B 169 10.81 -12.16 20.15
CA VAL B 169 10.61 -11.63 21.49
C VAL B 169 10.35 -12.79 22.42
N ARG B 170 11.21 -12.95 23.42
CA ARG B 170 11.04 -14.05 24.35
C ARG B 170 9.81 -13.83 25.20
N VAL B 171 9.09 -14.91 25.46
CA VAL B 171 8.08 -14.95 26.52
C VAL B 171 8.32 -16.15 27.41
N GLN B 172 7.75 -16.14 28.60
CA GLN B 172 7.80 -17.34 29.43
C GLN B 172 6.84 -18.34 28.83
N HIS B 173 6.75 -19.50 29.45
CA HIS B 173 5.76 -20.50 29.06
C HIS B 173 4.38 -20.07 29.53
N SER B 174 3.64 -19.46 28.61
CA SER B 174 2.36 -18.86 28.93
C SER B 174 1.60 -18.58 27.67
N ARG B 175 0.44 -19.21 27.54
CA ARG B 175 -0.38 -19.01 26.38
C ARG B 175 -0.80 -17.55 26.29
N LEU B 176 -1.09 -16.94 27.45
CA LEU B 176 -1.53 -15.57 27.41
C LEU B 176 -0.45 -14.65 26.77
N PHE B 177 0.80 -14.83 27.19
CA PHE B 177 1.85 -13.93 26.72
C PHE B 177 2.31 -14.29 25.33
N LEU B 178 2.34 -15.57 24.99
CA LEU B 178 2.64 -15.96 23.61
C LEU B 178 1.68 -15.24 22.67
N GLN B 179 0.39 -15.38 22.94
CA GLN B 179 -0.65 -14.77 22.09
C GLN B 179 -0.63 -13.25 22.12
N THR B 180 -0.33 -12.65 23.26
CA THR B 180 -0.23 -11.20 23.33
C THR B 180 0.89 -10.69 22.44
N ILE B 181 2.07 -11.30 22.52
CA ILE B 181 3.21 -10.86 21.75
C ILE B 181 2.97 -11.08 20.29
N ASN B 182 2.29 -12.17 19.97
CA ASN B 182 1.96 -12.44 18.59
C ASN B 182 1.03 -11.35 18.05
N ALA B 183 0.07 -10.95 18.86
CA ALA B 183 -0.90 -9.95 18.44
C ALA B 183 -0.25 -8.55 18.27
N MET B 184 0.67 -8.23 19.15
CA MET B 184 1.39 -6.94 19.14
C MET B 184 2.27 -6.82 17.92
N GLY B 185 2.64 -7.95 17.33
CA GLY B 185 3.33 -7.93 16.07
C GLY B 185 4.68 -8.62 16.03
N GLY B 186 5.03 -9.29 17.11
CA GLY B 186 6.30 -9.97 17.21
C GLY B 186 6.20 -11.47 16.97
N VAL B 187 7.35 -12.12 17.06
CA VAL B 187 7.48 -13.54 16.95
C VAL B 187 7.80 -14.09 18.32
N PRO B 188 6.79 -14.53 19.06
CA PRO B 188 7.02 -14.92 20.45
C PRO B 188 7.85 -16.19 20.49
N THR B 189 8.81 -16.22 21.39
CA THR B 189 9.72 -17.34 21.55
C THR B 189 9.72 -17.80 23.02
N PRO B 190 9.01 -18.89 23.32
CA PRO B 190 8.91 -19.30 24.73
C PRO B 190 10.22 -19.85 25.27
N MET B 191 10.60 -19.41 26.47
CA MET B 191 11.88 -19.76 27.02
C MET B 191 11.87 -19.49 28.51
N SER B 192 12.49 -20.37 29.29
CA SER B 192 12.59 -20.17 30.74
C SER B 192 13.44 -18.96 31.08
N LEU B 193 13.12 -18.33 32.20
CA LEU B 193 13.77 -17.08 32.58
C LEU B 193 15.31 -17.19 32.68
N SER B 194 15.80 -18.27 33.26
CA SER B 194 17.24 -18.43 33.41
C SER B 194 17.96 -18.61 32.06
N ASP B 195 17.19 -18.89 31.01
CA ASP B 195 17.77 -19.06 29.67
C ASP B 195 17.79 -17.76 28.85
N VAL B 196 17.16 -16.71 29.36
CA VAL B 196 16.96 -15.50 28.57
C VAL B 196 18.28 -14.77 28.32
N TYR B 197 19.10 -14.63 29.36
CA TYR B 197 20.32 -13.84 29.20
C TYR B 197 21.22 -14.50 28.12
N PRO B 198 21.54 -15.79 28.27
CA PRO B 198 22.39 -16.37 27.19
C PRO B 198 21.71 -16.34 25.82
N GLY B 199 20.39 -16.42 25.83
CA GLY B 199 19.60 -16.36 24.60
C GLY B 199 19.80 -15.07 23.85
N LEU B 200 19.80 -13.95 24.58
CA LEU B 200 20.10 -12.64 23.99
C LEU B 200 21.56 -12.57 23.52
N SER B 201 22.44 -13.03 24.38
CA SER B 201 23.87 -13.00 24.11
C SER B 201 24.22 -13.72 22.81
N GLU B 202 23.56 -14.84 22.58
CA GLU B 202 23.84 -15.71 21.46
C GLU B 202 22.98 -15.42 20.24
N GLY B 203 22.12 -14.40 20.36
CA GLY B 203 21.27 -13.95 19.27
C GLY B 203 20.09 -14.84 18.92
N ILE B 204 19.72 -15.73 19.85
CA ILE B 204 18.58 -16.62 19.70
C ILE B 204 17.28 -15.80 19.79
N ILE B 205 17.32 -14.77 20.63
CA ILE B 205 16.20 -13.85 20.82
C ILE B 205 16.70 -12.40 20.77
N ASP B 206 15.78 -11.47 20.47
CA ASP B 206 16.08 -10.07 20.26
C ASP B 206 15.53 -9.21 21.41
N GLY B 207 14.76 -9.82 22.31
CA GLY B 207 14.33 -9.08 23.47
C GLY B 207 13.40 -9.92 24.29
N LEU B 208 12.75 -9.26 25.24
CA LEU B 208 11.85 -9.95 26.17
C LEU B 208 10.94 -8.90 26.80
N GLU B 209 10.13 -9.28 27.79
CA GLU B 209 9.35 -8.28 28.50
C GLU B 209 9.21 -8.63 29.99
N ASN B 210 9.15 -7.58 30.82
CA ASN B 210 9.10 -7.75 32.27
C ASN B 210 9.06 -6.37 32.89
N PRO B 211 8.73 -6.30 34.18
CA PRO B 211 8.82 -5.01 34.84
C PRO B 211 10.26 -4.54 34.96
N THR B 212 10.45 -3.24 35.14
CA THR B 212 11.78 -2.68 35.28
C THR B 212 12.60 -3.39 36.36
N VAL B 213 12.00 -3.72 37.51
CA VAL B 213 12.81 -4.33 38.57
C VAL B 213 13.40 -5.66 38.22
N VAL B 214 12.69 -6.42 37.40
CA VAL B 214 13.13 -7.74 36.95
C VAL B 214 14.17 -7.63 35.80
N LEU B 215 13.93 -6.71 34.90
CA LEU B 215 14.88 -6.40 33.83
C LEU B 215 16.21 -5.96 34.42
N PHE B 216 16.18 -5.12 35.44
CA PHE B 216 17.41 -4.67 36.09
C PHE B 216 18.03 -5.77 36.96
N GLY B 217 17.22 -6.42 37.81
CA GLY B 217 17.73 -7.52 38.61
C GLY B 217 18.40 -8.61 37.78
N GLY B 218 17.85 -8.90 36.60
CA GLY B 218 18.40 -9.95 35.75
C GLY B 218 19.54 -9.52 34.83
N LYS B 219 19.94 -8.27 34.95
CA LYS B 219 21.05 -7.71 34.17
C LYS B 219 20.87 -7.80 32.66
N PHE B 220 19.61 -7.77 32.22
CA PHE B 220 19.30 -7.89 30.80
C PHE B 220 19.75 -6.66 30.00
N PHE B 221 19.92 -5.52 30.66
CA PHE B 221 20.41 -4.29 30.03
C PHE B 221 21.80 -4.47 29.45
N GLU B 222 22.54 -5.47 29.93
CA GLU B 222 23.87 -5.75 29.43
C GLU B 222 23.83 -6.18 27.95
N VAL B 223 22.71 -6.77 27.54
CA VAL B 223 22.63 -7.33 26.21
C VAL B 223 21.43 -6.85 25.39
N ALA B 224 20.60 -5.98 25.97
CA ALA B 224 19.48 -5.36 25.26
C ALA B 224 19.23 -4.00 25.92
N LYS B 225 19.31 -2.92 25.13
CA LYS B 225 19.33 -1.58 25.70
C LYS B 225 18.22 -0.65 25.25
N ASN B 226 17.12 -1.16 24.71
CA ASN B 226 15.95 -0.32 24.48
C ASN B 226 14.78 -0.78 25.33
N LEU B 227 14.42 0.04 26.30
CA LEU B 227 13.22 -0.17 27.10
C LEU B 227 12.06 0.57 26.44
N ASN B 228 11.11 -0.18 25.91
CA ASN B 228 9.95 0.40 25.21
C ASN B 228 8.70 0.29 26.10
N LEU B 229 8.14 1.44 26.51
CA LEU B 229 7.17 1.50 27.62
C LEU B 229 5.73 1.14 27.20
N THR B 230 5.59 -0.10 26.72
CA THR B 230 4.30 -0.61 26.29
C THR B 230 3.29 -0.77 27.44
N ALA B 231 3.78 -1.08 28.63
CA ALA B 231 2.96 -1.10 29.83
C ALA B 231 1.76 -1.99 29.59
N HIS B 232 2.01 -3.12 28.94
CA HIS B 232 0.93 -3.97 28.41
C HIS B 232 0.25 -4.77 29.51
N THR B 233 0.94 -5.05 30.60
CA THR B 233 0.36 -5.84 31.69
C THR B 233 0.70 -5.24 33.05
N LYS B 234 -0.32 -4.91 33.84
CA LYS B 234 -0.08 -4.62 35.26
C LYS B 234 -0.12 -5.96 36.00
N HIS B 235 1.03 -6.54 36.28
CA HIS B 235 1.06 -7.98 36.48
C HIS B 235 0.81 -8.34 37.94
N MET B 236 -0.20 -9.17 38.18
CA MET B 236 -0.47 -9.72 39.51
C MET B 236 -0.02 -11.19 39.55
N SER B 237 0.63 -11.59 40.64
CA SER B 237 1.20 -12.92 40.76
C SER B 237 0.56 -13.76 41.88
N PRO B 238 0.19 -15.04 41.61
CA PRO B 238 -0.20 -15.98 42.66
C PRO B 238 1.01 -16.75 43.20
N PHE B 239 1.00 -17.08 44.49
CA PHE B 239 1.90 -18.09 45.04
C PHE B 239 1.07 -19.32 45.38
N VAL B 240 1.59 -20.49 45.03
CA VAL B 240 0.80 -21.71 45.05
C VAL B 240 1.57 -22.86 45.69
N ALA B 241 0.85 -23.87 46.16
CA ALA B 241 1.44 -25.13 46.60
C ALA B 241 0.57 -26.25 46.04
N GLY B 242 1.08 -27.47 46.05
CA GLY B 242 0.23 -28.60 45.71
C GLY B 242 -0.81 -28.77 46.79
N THR B 243 -2.03 -29.15 46.40
CA THR B 243 -3.11 -29.43 47.36
C THR B 243 -2.73 -30.55 48.34
N ALA B 244 -2.04 -31.56 47.82
CA ALA B 244 -1.55 -32.65 48.65
C ALA B 244 -0.78 -32.10 49.85
N PHE B 245 0.20 -31.26 49.56
CA PHE B 245 1.02 -30.69 50.60
C PHE B 245 0.21 -29.74 51.46
N TRP B 246 -0.51 -28.84 50.81
CA TRP B 246 -1.21 -27.79 51.54
C TRP B 246 -2.21 -28.39 52.53
N ASN B 247 -2.98 -29.38 52.10
CA ASN B 247 -4.04 -29.97 52.92
C ASN B 247 -3.50 -30.73 54.11
N ASN B 248 -2.24 -31.12 54.03
CA ASN B 248 -1.59 -31.88 55.09
C ASN B 248 -1.13 -30.96 56.22
N LEU B 249 -0.93 -29.69 55.91
CA LEU B 249 -0.65 -28.70 56.96
C LEU B 249 -1.83 -28.56 57.90
N THR B 250 -1.58 -28.21 59.15
CA THR B 250 -2.69 -28.02 60.09
C THR B 250 -3.42 -26.76 59.71
N PRO B 251 -4.68 -26.65 60.13
CA PRO B 251 -5.46 -25.44 59.87
C PRO B 251 -4.79 -24.23 60.49
N GLU B 252 -4.13 -24.43 61.64
CA GLU B 252 -3.49 -23.34 62.35
C GLU B 252 -2.28 -22.85 61.56
N GLN B 253 -1.54 -23.80 60.97
CA GLN B 253 -0.37 -23.48 60.18
C GLN B 253 -0.80 -22.75 58.91
N GLN B 254 -1.89 -23.22 58.30
CA GLN B 254 -2.43 -22.59 57.10
C GLN B 254 -2.77 -21.15 57.39
N LYS B 255 -3.44 -20.95 58.52
CA LYS B 255 -3.91 -19.61 58.87
C LYS B 255 -2.75 -18.66 59.07
N ILE B 256 -1.67 -19.14 59.68
CA ILE B 256 -0.52 -18.31 59.93
C ILE B 256 0.10 -17.90 58.59
N ILE B 257 0.17 -18.83 57.66
CA ILE B 257 0.81 -18.56 56.36
C ILE B 257 -0.01 -17.56 55.58
N VAL B 258 -1.32 -17.80 55.55
CA VAL B 258 -2.26 -16.92 54.85
C VAL B 258 -2.31 -15.53 55.47
N ASP B 259 -2.50 -15.44 56.79
CA ASP B 259 -2.50 -14.14 57.44
C ASP B 259 -1.20 -13.36 57.13
N ALA B 260 -0.07 -14.03 57.23
CA ALA B 260 1.19 -13.40 56.95
C ALA B 260 1.26 -12.99 55.49
N SER B 261 0.68 -13.79 54.61
CA SER B 261 0.79 -13.50 53.18
C SER B 261 0.05 -12.19 52.85
N ARG B 262 -1.01 -11.88 53.61
CA ARG B 262 -1.75 -10.63 53.42
C ARG B 262 -0.89 -9.41 53.75
N GLU B 263 -0.10 -9.53 54.82
CA GLU B 263 0.81 -8.45 55.24
C GLU B 263 1.93 -8.34 54.19
N MET B 264 2.41 -9.50 53.72
CA MET B 264 3.42 -9.54 52.65
C MET B 264 2.97 -8.79 51.40
N VAL B 265 1.72 -8.99 50.99
CA VAL B 265 1.20 -8.29 49.85
C VAL B 265 1.21 -6.75 50.06
N THR B 266 0.76 -6.30 51.22
CA THR B 266 0.78 -4.87 51.51
C THR B 266 2.21 -4.34 51.55
N TYR B 267 3.11 -5.09 52.18
CA TYR B 267 4.50 -4.71 52.28
C TYR B 267 5.07 -4.57 50.87
N GLY B 268 4.84 -5.59 50.05
CA GLY B 268 5.29 -5.63 48.66
C GLY B 268 4.74 -4.51 47.80
N GLY B 269 3.49 -4.15 48.03
CA GLY B 269 2.92 -2.98 47.41
C GLY B 269 3.72 -1.71 47.73
N GLY B 270 4.17 -1.60 48.97
CA GLY B 270 5.00 -0.45 49.35
C GLY B 270 6.35 -0.50 48.66
N LEU B 271 6.95 -1.69 48.63
CA LEU B 271 8.21 -1.86 47.94
C LEU B 271 8.11 -1.44 46.48
N ILE B 272 7.08 -1.94 45.80
CA ILE B 272 6.93 -1.76 44.36
C ILE B 272 6.59 -0.34 43.96
N GLU B 273 5.83 0.32 44.83
CA GLU B 273 5.46 1.71 44.61
C GLU B 273 6.70 2.58 44.38
N GLN B 274 7.79 2.24 45.06
CA GLN B 274 9.02 2.99 44.94
C GLN B 274 9.90 2.41 43.84
N ALA B 275 9.92 1.09 43.80
CA ALA B 275 10.97 0.37 43.11
C ALA B 275 10.93 0.43 41.58
N GLU B 276 9.75 0.55 40.97
CA GLU B 276 9.67 0.46 39.52
C GLU B 276 10.34 1.69 38.91
N ASN B 277 10.13 2.86 39.50
CA ASN B 277 10.77 4.08 38.96
C ASN B 277 12.24 4.12 39.27
N GLU B 278 12.61 3.68 40.46
CA GLU B 278 14.01 3.56 40.82
C GLU B 278 14.72 2.71 39.80
N ALA B 279 14.12 1.57 39.45
CA ALA B 279 14.77 0.64 38.53
C ALA B 279 14.86 1.23 37.12
N LEU B 280 13.89 2.05 36.75
CA LEU B 280 13.89 2.70 35.46
C LEU B 280 15.11 3.60 35.39
N GLU B 281 15.31 4.39 36.44
CA GLU B 281 16.48 5.25 36.54
C GLU B 281 17.78 4.46 36.49
N ASN B 282 17.81 3.35 37.21
CA ASN B 282 19.00 2.51 37.23
C ASN B 282 19.29 1.90 35.86
N LEU B 283 18.24 1.50 35.13
CA LEU B 283 18.41 1.01 33.76
C LEU B 283 19.04 2.11 32.89
N LYS B 284 18.55 3.34 33.03
CA LYS B 284 19.08 4.46 32.26
C LYS B 284 20.55 4.68 32.56
N LYS B 285 20.90 4.63 33.84
CA LYS B 285 22.27 4.83 34.27
C LYS B 285 23.19 3.74 33.71
N ALA B 286 22.62 2.56 33.52
CA ALA B 286 23.35 1.43 32.98
C ALA B 286 23.43 1.44 31.45
N GLY B 287 22.83 2.43 30.80
CA GLY B 287 22.97 2.56 29.36
C GLY B 287 21.73 2.31 28.52
N VAL B 288 20.60 2.08 29.18
CA VAL B 288 19.37 1.83 28.47
C VAL B 288 18.73 3.12 28.00
N THR B 289 18.19 3.09 26.80
CA THR B 289 17.40 4.16 26.21
C THR B 289 15.93 3.81 26.42
N VAL B 290 15.17 4.78 26.92
CA VAL B 290 13.77 4.54 27.24
C VAL B 290 12.98 5.21 26.16
N ASN B 291 12.19 4.40 25.45
CA ASN B 291 11.32 4.89 24.40
C ASN B 291 9.87 4.86 24.81
N ASP B 292 9.20 6.00 24.71
CA ASP B 292 7.74 6.00 24.73
C ASP B 292 7.22 5.36 23.45
N VAL B 293 6.07 4.69 23.56
CA VAL B 293 5.45 4.05 22.43
C VAL B 293 4.10 4.66 22.09
N ASP B 294 3.56 4.24 20.96
CA ASP B 294 2.25 4.66 20.49
C ASP B 294 1.29 3.75 21.22
N LEU B 295 0.86 4.14 22.42
CA LEU B 295 -0.01 3.26 23.20
C LEU B 295 -1.37 2.97 22.56
N PRO B 296 -2.03 3.96 21.96
CA PRO B 296 -3.27 3.56 21.29
C PRO B 296 -3.05 2.45 20.23
N ALA B 297 -1.94 2.51 19.50
CA ALA B 297 -1.64 1.46 18.52
C ALA B 297 -1.38 0.10 19.18
N PHE B 298 -0.65 0.07 20.28
CA PHE B 298 -0.43 -1.20 20.96
C PHE B 298 -1.73 -1.76 21.57
N GLU B 299 -2.50 -0.88 22.20
CA GLU B 299 -3.83 -1.30 22.66
C GLU B 299 -4.66 -1.86 21.49
N ALA B 300 -4.66 -1.17 20.36
CA ALA B 300 -5.48 -1.58 19.23
C ALA B 300 -5.04 -2.95 18.70
N SER B 301 -3.73 -3.22 18.81
CA SER B 301 -3.19 -4.41 18.21
C SER B 301 -3.68 -5.68 18.91
N VAL B 302 -4.09 -5.56 20.17
CA VAL B 302 -4.61 -6.73 20.89
C VAL B 302 -6.13 -6.87 20.94
N ALA B 303 -6.87 -6.00 20.27
CA ALA B 303 -8.33 -6.01 20.30
C ALA B 303 -8.93 -7.33 19.83
N ASP B 304 -8.35 -7.91 18.78
CA ASP B 304 -8.87 -9.19 18.29
C ASP B 304 -8.53 -10.35 19.20
N VAL B 305 -7.30 -10.43 19.66
CA VAL B 305 -6.85 -11.61 20.38
C VAL B 305 -7.58 -11.70 21.72
N ILE B 306 -7.84 -10.56 22.36
CA ILE B 306 -8.55 -10.62 23.64
C ILE B 306 -10.03 -11.05 23.52
N SER B 307 -10.61 -10.80 22.37
CA SER B 307 -12.01 -11.13 22.16
C SER B 307 -12.19 -12.59 21.70
N THR B 308 -11.44 -13.02 20.69
CA THR B 308 -11.62 -14.36 20.12
C THR B 308 -10.33 -15.21 19.99
N GLY B 309 -9.22 -14.68 20.46
CA GLY B 309 -7.94 -15.36 20.35
C GLY B 309 -7.64 -16.44 21.37
N PHE B 310 -8.52 -16.54 22.38
CA PHE B 310 -8.44 -17.59 23.38
C PHE B 310 -9.77 -18.36 23.37
N PRO B 311 -9.88 -19.29 22.41
CA PRO B 311 -11.07 -20.15 22.29
C PRO B 311 -11.43 -20.88 23.60
N GLU B 312 -10.45 -21.14 24.46
CA GLU B 312 -10.68 -21.80 25.74
C GLU B 312 -11.47 -20.96 26.76
N TRP B 313 -11.43 -19.64 26.61
CA TRP B 313 -12.13 -18.74 27.55
C TRP B 313 -13.65 -18.80 27.43
N SER B 314 -14.34 -18.63 28.56
CA SER B 314 -15.74 -18.27 28.54
C SER B 314 -16.00 -17.11 27.57
N PRO B 315 -17.12 -17.15 26.86
CA PRO B 315 -17.51 -16.05 25.97
C PRO B 315 -17.49 -14.69 26.67
N ASN B 316 -16.95 -13.69 25.99
CA ASN B 316 -16.94 -12.31 26.48
C ASN B 316 -16.15 -12.11 27.76
N LEU B 317 -15.22 -12.99 28.07
CA LEU B 317 -14.49 -12.89 29.33
C LEU B 317 -13.79 -11.57 29.58
N TYR B 318 -13.06 -11.04 28.60
CA TYR B 318 -12.31 -9.83 28.81
C TYR B 318 -13.22 -8.67 29.10
N LYS B 319 -14.26 -8.51 28.29
CA LYS B 319 -15.25 -7.48 28.54
C LYS B 319 -15.93 -7.62 29.90
N ASN B 320 -16.29 -8.86 30.26
CA ASN B 320 -16.90 -9.11 31.54
C ASN B 320 -15.98 -8.70 32.70
N VAL B 321 -14.72 -9.10 32.64
CA VAL B 321 -13.80 -8.78 33.74
C VAL B 321 -13.48 -7.28 33.75
N GLN B 322 -13.44 -6.65 32.57
CA GLN B 322 -13.39 -5.18 32.52
C GLN B 322 -14.56 -4.53 33.29
N GLU B 323 -15.76 -5.04 33.04
CA GLU B 323 -16.97 -4.57 33.73
C GLU B 323 -16.79 -4.71 35.23
N LYS B 324 -16.33 -5.88 35.68
CA LYS B 324 -16.10 -6.07 37.11
C LYS B 324 -15.11 -5.05 37.63
N LEU B 325 -14.01 -4.87 36.91
CA LEU B 325 -12.94 -3.98 37.37
C LEU B 325 -13.45 -2.54 37.53
N SER B 326 -14.48 -2.17 36.78
CA SER B 326 -15.00 -0.81 36.79
C SER B 326 -15.92 -0.53 37.97
N GLN B 327 -16.52 -1.58 38.52
CA GLN B 327 -17.40 -1.41 39.66
C GLN B 327 -16.57 -1.05 40.87
N PHE B 328 -15.25 -1.24 40.77
CA PHE B 328 -14.33 -0.72 41.77
C PHE B 328 -13.91 0.68 41.35
N GLU C 26 43.60 -7.72 30.86
CA GLU C 26 44.07 -6.59 30.02
C GLU C 26 43.65 -6.80 28.59
N THR C 27 42.99 -5.81 28.01
CA THR C 27 42.39 -5.98 26.69
C THR C 27 42.96 -4.92 25.78
N GLU C 28 43.91 -5.34 24.95
CA GLU C 28 44.52 -4.45 23.97
C GLU C 28 43.68 -4.42 22.72
N ILE C 29 43.45 -3.21 22.19
CA ILE C 29 42.64 -3.04 20.98
C ILE C 29 43.40 -2.15 20.02
N MET C 30 43.54 -2.60 18.77
CA MET C 30 44.23 -1.82 17.75
C MET C 30 43.21 -0.91 17.06
N VAL C 31 43.52 0.38 17.02
CA VAL C 31 42.66 1.37 16.40
C VAL C 31 43.22 1.88 15.07
N ALA C 32 42.50 1.62 13.99
CA ALA C 32 42.98 1.77 12.61
C ALA C 32 42.33 2.93 11.84
N TYR C 33 43.13 3.75 11.16
CA TYR C 33 42.61 4.86 10.37
C TYR C 33 43.72 5.30 9.40
N GLY C 34 43.36 6.15 8.45
CA GLY C 34 44.26 6.51 7.35
C GLY C 34 44.91 7.87 7.53
N ASN C 35 44.43 8.63 8.50
CA ASN C 35 44.89 9.99 8.73
C ASN C 35 46.27 10.01 9.36
N GLN C 36 46.99 11.11 9.14
CA GLN C 36 48.37 11.20 9.60
C GLN C 36 48.40 11.70 11.04
N PRO C 37 49.47 11.37 11.76
CA PRO C 37 49.62 11.91 13.10
C PRO C 37 49.38 13.42 13.10
N GLY C 38 48.60 13.87 14.06
CA GLY C 38 48.35 15.28 14.27
C GLY C 38 47.14 15.85 13.56
N GLU C 39 46.56 15.11 12.63
CA GLU C 39 45.27 15.49 12.04
C GLU C 39 44.20 15.35 13.11
N PRO C 40 43.03 16.00 12.90
CA PRO C 40 41.91 15.91 13.84
C PRO C 40 41.48 14.51 14.19
N ILE C 41 41.46 13.60 13.23
CA ILE C 41 41.05 12.25 13.55
C ILE C 41 42.06 11.58 14.48
N ASP C 42 43.34 11.83 14.24
CA ASP C 42 44.38 11.26 15.06
C ASP C 42 44.32 11.83 16.50
N LYS C 43 44.06 13.12 16.62
CA LYS C 43 43.92 13.76 17.93
C LYS C 43 42.71 13.19 18.67
N ALA C 44 41.64 12.98 17.92
CA ALA C 44 40.44 12.43 18.53
C ALA C 44 40.67 11.01 18.97
N MET C 45 41.46 10.25 18.22
CA MET C 45 41.74 8.87 18.58
C MET C 45 42.60 8.81 19.86
N HIS C 46 43.52 9.76 19.99
CA HIS C 46 44.29 9.83 21.22
C HIS C 46 43.41 10.20 22.40
N PHE C 47 42.44 11.08 22.16
CA PHE C 47 41.52 11.47 23.23
C PHE C 47 40.73 10.24 23.68
N TRP C 48 40.23 9.50 22.72
CA TRP C 48 39.50 8.28 23.01
C TRP C 48 40.33 7.27 23.82
N ALA C 49 41.53 7.01 23.33
CA ALA C 49 42.46 6.11 23.98
C ALA C 49 42.75 6.51 25.43
N ASP C 50 43.12 7.77 25.64
CA ASP C 50 43.39 8.24 26.99
C ASP C 50 42.19 8.07 27.91
N LYS C 51 40.99 8.47 27.44
CA LYS C 51 39.78 8.38 28.25
C LYS C 51 39.41 6.94 28.62
N VAL C 52 39.53 6.04 27.65
CA VAL C 52 39.22 4.63 27.87
C VAL C 52 40.24 4.04 28.84
N LYS C 53 41.49 4.51 28.74
CA LYS C 53 42.52 4.03 29.64
C LYS C 53 42.18 4.47 31.07
N GLU C 54 41.82 5.73 31.20
CA GLU C 54 41.47 6.31 32.51
C GLU C 54 40.28 5.56 33.14
N LYS C 55 39.19 5.44 32.38
CA LYS C 55 37.95 4.92 32.91
C LYS C 55 38.00 3.43 33.22
N SER C 56 38.92 2.72 32.57
CA SER C 56 39.09 1.28 32.79
C SER C 56 40.22 1.00 33.75
N ASN C 57 40.81 2.04 34.30
CA ASN C 57 42.01 1.89 35.12
C ASN C 57 43.08 1.05 34.45
N GLY C 58 43.34 1.34 33.18
CA GLY C 58 44.43 0.72 32.46
C GLY C 58 44.12 -0.66 31.93
N ASP C 59 42.90 -1.13 32.16
CA ASP C 59 42.54 -2.47 31.71
C ASP C 59 42.31 -2.54 30.20
N ILE C 60 41.75 -1.48 29.63
CA ILE C 60 41.54 -1.43 28.20
C ILE C 60 42.59 -0.52 27.59
N VAL C 61 43.36 -1.07 26.65
CA VAL C 61 44.50 -0.38 26.09
C VAL C 61 44.43 -0.24 24.57
N PHE C 62 44.11 0.96 24.12
CA PHE C 62 44.06 1.28 22.71
C PHE C 62 45.47 1.52 22.22
N LYS C 63 45.85 0.82 21.16
CA LYS C 63 47.08 1.12 20.43
C LYS C 63 46.70 1.70 19.09
N LEU C 64 47.29 2.86 18.77
CA LEU C 64 46.87 3.61 17.58
C LEU C 64 47.74 3.29 16.35
N PHE C 65 47.06 3.08 15.24
CA PHE C 65 47.71 2.79 13.95
C PHE C 65 47.23 3.75 12.87
N PRO C 66 47.75 4.98 12.90
CA PRO C 66 47.47 5.99 11.89
C PRO C 66 48.10 5.61 10.56
N SER C 67 47.85 6.41 9.53
CA SER C 67 48.61 6.32 8.29
C SER C 67 48.46 4.94 7.63
N SER C 68 47.31 4.31 7.83
CA SER C 68 47.04 2.99 7.26
C SER C 68 48.09 1.95 7.64
N GLN C 69 48.72 2.10 8.79
CA GLN C 69 49.75 1.13 9.18
C GLN C 69 49.27 -0.32 9.16
N LEU C 70 48.01 -0.55 9.54
CA LEU C 70 47.48 -1.91 9.65
C LEU C 70 47.03 -2.49 8.30
N GLY C 71 46.95 -1.65 7.28
CA GLY C 71 46.46 -2.08 6.00
C GLY C 71 45.54 -1.03 5.46
N SER C 72 45.01 -1.26 4.28
CA SER C 72 44.03 -0.32 3.76
C SER C 72 42.76 -0.43 4.59
N GLU C 73 41.89 0.57 4.45
CA GLU C 73 40.67 0.66 5.22
C GLU C 73 39.83 -0.58 4.94
N THR C 74 39.85 -1.02 3.68
CA THR C 74 39.06 -2.17 3.24
C THR C 74 39.67 -3.46 3.76
N GLU C 75 40.98 -3.59 3.66
CA GLU C 75 41.66 -4.78 4.21
C GLU C 75 41.39 -4.93 5.69
N VAL C 76 41.43 -3.83 6.43
CA VAL C 76 41.32 -3.88 7.87
C VAL C 76 39.90 -4.27 8.31
N LEU C 77 38.87 -3.78 7.61
CA LEU C 77 37.51 -4.18 7.96
C LEU C 77 37.39 -5.69 7.86
N GLU C 78 37.98 -6.28 6.82
CA GLU C 78 37.96 -7.73 6.70
C GLU C 78 38.65 -8.39 7.88
N GLN C 79 39.74 -7.81 8.34
CA GLN C 79 40.40 -8.36 9.52
C GLN C 79 39.46 -8.30 10.74
N ALA C 80 38.78 -7.17 10.92
CA ALA C 80 37.94 -6.98 12.10
C ALA C 80 36.73 -7.93 12.02
N LYS C 81 36.20 -8.09 10.81
CA LYS C 81 35.03 -8.93 10.59
C LYS C 81 35.35 -10.36 11.01
N PHE C 82 36.61 -10.75 10.84
CA PHE C 82 36.98 -12.11 11.18
C PHE C 82 37.42 -12.29 12.62
N GLY C 83 37.35 -11.22 13.42
CA GLY C 83 37.45 -11.37 14.86
C GLY C 83 38.66 -10.73 15.50
N ALA C 84 39.47 -10.06 14.70
CA ALA C 84 40.66 -9.42 15.21
C ALA C 84 40.26 -8.35 16.23
N ASN C 85 41.20 -8.06 17.14
CA ASN C 85 41.05 -7.03 18.18
C ASN C 85 41.24 -5.64 17.59
N ILE C 86 40.28 -5.24 16.78
CA ILE C 86 40.41 -4.03 16.00
C ILE C 86 39.16 -3.16 16.10
N ILE C 87 39.38 -1.87 16.39
CA ILE C 87 38.38 -0.84 16.08
C ILE C 87 38.92 -0.05 14.90
N THR C 88 38.12 0.06 13.84
CA THR C 88 38.57 0.76 12.63
C THR C 88 37.57 1.80 12.14
N ILE C 89 38.08 2.88 11.59
CA ILE C 89 37.22 3.78 10.81
C ILE C 89 36.70 2.99 9.62
N SER C 90 35.52 3.35 9.14
CA SER C 90 34.91 2.70 8.01
C SER C 90 34.10 3.83 7.38
N ASP C 91 33.19 3.47 6.48
CA ASP C 91 32.51 4.45 5.70
C ASP C 91 31.14 3.93 5.31
N TYR C 92 30.14 4.78 5.38
CA TYR C 92 28.77 4.36 5.06
C TYR C 92 28.57 3.96 3.61
N GLY C 93 29.30 4.57 2.68
CA GLY C 93 29.22 4.15 1.29
C GLY C 93 29.85 2.79 1.06
N ALA C 94 30.84 2.41 1.86
CA ALA C 94 31.42 1.08 1.77
C ALA C 94 30.48 0.09 2.40
N LEU C 95 29.98 0.43 3.59
CA LEU C 95 29.08 -0.45 4.33
C LEU C 95 27.72 -0.67 3.66
N MET C 96 27.36 0.20 2.72
CA MET C 96 26.11 0.04 1.99
C MET C 96 26.13 -1.22 1.12
N ASP C 97 27.32 -1.80 0.89
CA ASP C 97 27.39 -3.13 0.23
C ASP C 97 26.74 -4.18 1.11
N ILE C 98 26.63 -3.89 2.40
CA ILE C 98 26.07 -4.84 3.37
C ILE C 98 24.64 -4.51 3.80
N VAL C 99 24.42 -3.26 4.20
CA VAL C 99 23.09 -2.70 4.44
C VAL C 99 22.90 -1.50 3.52
N PRO C 100 22.18 -1.69 2.41
CA PRO C 100 22.11 -0.62 1.41
C PRO C 100 21.75 0.79 1.91
N ASP C 101 20.80 0.92 2.82
CA ASP C 101 20.25 2.24 3.09
C ASP C 101 21.24 3.10 3.86
N LEU C 102 22.30 2.51 4.40
CA LEU C 102 23.34 3.33 5.02
C LEU C 102 24.00 4.22 3.99
N GLY C 103 23.92 3.87 2.72
CA GLY C 103 24.60 4.66 1.71
C GLY C 103 24.10 6.07 1.53
N VAL C 104 22.95 6.39 2.12
CA VAL C 104 22.38 7.70 1.92
C VAL C 104 23.07 8.74 2.80
N ILE C 105 23.72 8.30 3.86
CA ILE C 105 24.19 9.23 4.91
C ILE C 105 25.15 10.30 4.35
N ASN C 106 26.07 9.86 3.50
CA ASN C 106 27.05 10.77 2.88
C ASN C 106 26.83 10.87 1.38
N ALA C 107 25.62 10.57 0.93
CA ALA C 107 25.23 10.85 -0.45
C ALA C 107 25.46 12.33 -0.78
N PRO C 108 25.91 12.60 -2.00
CA PRO C 108 26.39 13.96 -2.29
C PRO C 108 25.28 15.00 -2.13
N TYR C 109 25.60 16.10 -1.44
CA TYR C 109 24.72 17.27 -1.32
C TYR C 109 23.48 17.01 -0.45
N ILE C 110 23.46 15.91 0.30
CA ILE C 110 22.22 15.55 0.97
C ILE C 110 21.90 16.56 2.07
N SER C 111 22.95 17.09 2.70
CA SER C 111 22.79 18.12 3.72
C SER C 111 24.08 18.90 3.91
N GLN C 112 23.94 20.17 4.28
CA GLN C 112 25.07 21.06 4.51
C GLN C 112 25.44 21.11 5.99
N SER C 113 24.70 20.37 6.83
CA SER C 113 24.81 20.50 8.27
C SER C 113 25.28 19.23 8.94
N PHE C 114 26.45 19.28 9.59
CA PHE C 114 26.91 18.14 10.37
C PHE C 114 25.97 17.88 11.55
N GLU C 115 25.40 18.95 12.09
CA GLU C 115 24.55 18.79 13.25
C GLU C 115 23.27 18.06 12.87
N LYS C 116 22.68 18.41 11.72
CA LYS C 116 21.49 17.67 11.29
C LYS C 116 21.83 16.20 11.00
N LYS C 117 22.99 15.97 10.38
CA LYS C 117 23.40 14.60 10.10
C LYS C 117 23.62 13.86 11.42
N SER C 118 24.20 14.53 12.42
CA SER C 118 24.32 13.88 13.74
C SER C 118 22.96 13.47 14.28
N LYS C 119 21.96 14.35 14.18
CA LYS C 119 20.63 14.01 14.68
C LYS C 119 20.07 12.79 13.91
N LEU C 120 20.31 12.76 12.61
CA LEU C 120 19.89 11.64 11.80
C LEU C 120 20.51 10.32 12.30
N LEU C 121 21.78 10.41 12.67
CA LEU C 121 22.56 9.25 13.08
C LEU C 121 22.26 8.86 14.53
N HIS C 122 21.36 9.59 15.19
CA HIS C 122 20.80 9.15 16.46
C HIS C 122 19.33 8.78 16.42
N SER C 123 18.76 8.79 15.21
CA SER C 123 17.35 8.48 15.02
C SER C 123 17.07 6.99 15.09
N ASP C 124 15.81 6.62 15.36
CA ASP C 124 15.45 5.22 15.35
C ASP C 124 15.62 4.58 13.97
N TRP C 125 15.39 5.37 12.93
CA TRP C 125 15.63 4.92 11.55
C TRP C 125 17.04 4.38 11.40
N PHE C 126 18.00 5.12 11.94
CA PHE C 126 19.39 4.72 11.82
C PHE C 126 19.72 3.56 12.76
N LYS C 127 19.16 3.59 13.95
CA LYS C 127 19.36 2.50 14.89
C LYS C 127 18.84 1.17 14.31
N ASP C 128 17.76 1.23 13.56
CA ASP C 128 17.26 0.03 12.86
C ASP C 128 18.30 -0.50 11.83
N LEU C 129 18.94 0.39 11.07
CA LEU C 129 19.99 0.00 10.09
C LEU C 129 21.24 -0.52 10.78
N SER C 130 21.58 0.06 11.92
CA SER C 130 22.73 -0.42 12.68
C SER C 130 22.47 -1.84 13.21
N ASP C 131 21.23 -2.08 13.62
CA ASP C 131 20.83 -3.41 14.09
C ASP C 131 20.93 -4.40 12.93
N LYS C 132 20.47 -4.01 11.75
CA LYS C 132 20.60 -4.88 10.56
C LYS C 132 22.07 -5.20 10.28
N LEU C 133 22.93 -4.19 10.34
CA LEU C 133 24.35 -4.38 10.08
C LEU C 133 24.98 -5.34 11.11
N ASP C 134 24.50 -5.31 12.36
CA ASP C 134 25.00 -6.21 13.40
C ASP C 134 24.79 -7.69 13.03
N GLN C 135 23.71 -7.97 12.32
CA GLN C 135 23.40 -9.33 11.86
C GLN C 135 24.35 -9.78 10.77
N HIS C 136 25.20 -8.87 10.29
CA HIS C 136 26.13 -9.15 9.20
C HIS C 136 27.58 -8.97 9.63
N ASP C 137 27.86 -9.28 10.90
CA ASP C 137 29.21 -9.48 11.43
C ASP C 137 29.96 -8.17 11.73
N ILE C 138 29.31 -7.03 11.56
CA ILE C 138 29.95 -5.75 11.87
C ILE C 138 29.10 -4.89 12.80
N HIS C 139 29.73 -4.32 13.82
CA HIS C 139 29.03 -3.44 14.76
C HIS C 139 29.55 -2.00 14.75
N ILE C 140 28.68 -1.03 14.46
CA ILE C 140 29.02 0.38 14.59
C ILE C 140 29.01 0.79 16.08
N ILE C 141 30.18 1.15 16.58
CA ILE C 141 30.38 1.57 17.96
C ILE C 141 29.99 3.04 18.12
N VAL C 142 30.44 3.84 17.15
CA VAL C 142 30.13 5.26 17.17
C VAL C 142 29.89 5.72 15.75
N PRO C 143 28.74 6.38 15.53
CA PRO C 143 28.35 6.58 14.13
C PRO C 143 28.63 7.94 13.53
N ASP C 144 29.04 8.93 14.33
CA ASP C 144 28.89 10.31 13.94
C ASP C 144 30.13 11.15 14.20
N VAL C 145 31.30 10.60 13.88
CA VAL C 145 32.51 11.40 13.90
C VAL C 145 32.53 12.34 12.71
N ILE C 146 32.70 13.64 12.99
CA ILE C 146 32.74 14.58 11.92
C ILE C 146 34.11 14.42 11.24
N TYR C 147 34.11 14.05 9.98
CA TYR C 147 35.35 13.92 9.18
C TYR C 147 35.74 15.19 8.43
N GLY C 148 34.74 15.97 8.02
CA GLY C 148 34.97 17.22 7.31
C GLY C 148 34.26 17.27 5.98
N THR C 149 34.40 18.41 5.29
CA THR C 149 33.74 18.60 4.02
C THR C 149 34.70 18.26 2.86
N ARG C 150 34.33 17.25 2.08
CA ARG C 150 35.18 16.81 0.95
C ARG C 150 35.07 17.75 -0.23
N HIS C 151 36.24 18.05 -0.80
CA HIS C 151 36.38 18.84 -2.00
C HIS C 151 37.31 18.10 -2.93
N LEU C 152 37.26 18.48 -4.19
CA LEU C 152 38.25 18.03 -5.18
C LEU C 152 39.60 18.68 -4.99
N LEU C 153 40.67 17.90 -5.09
CA LEU C 153 42.01 18.46 -5.30
C LEU C 153 42.57 17.88 -6.59
N THR C 154 42.90 18.76 -7.54
CA THR C 154 43.28 18.35 -8.89
C THR C 154 44.51 19.11 -9.35
N LYS C 155 45.11 18.62 -10.41
CA LYS C 155 46.28 19.30 -10.98
C LYS C 155 45.94 20.58 -11.72
N LYS C 156 44.81 20.56 -12.42
CA LYS C 156 44.29 21.72 -13.15
C LYS C 156 42.98 22.20 -12.55
N PRO C 157 42.69 23.49 -12.69
CA PRO C 157 41.51 24.03 -12.03
C PRO C 157 40.22 23.39 -12.56
N VAL C 158 39.24 23.25 -11.68
CA VAL C 158 37.90 22.80 -12.03
C VAL C 158 36.87 23.78 -11.42
N THR C 159 36.00 24.34 -12.25
CA THR C 159 34.99 25.29 -11.75
C THR C 159 33.57 24.89 -12.15
N LYS C 160 33.48 23.79 -12.91
CA LYS C 160 32.22 23.26 -13.38
C LYS C 160 32.45 21.84 -13.86
N PRO C 161 31.40 21.01 -13.85
CA PRO C 161 31.52 19.61 -14.27
C PRO C 161 32.26 19.39 -15.60
N SER C 162 32.10 20.25 -16.60
CA SER C 162 32.77 20.06 -17.89
C SER C 162 34.29 20.11 -17.77
N ASP C 163 34.78 20.86 -16.78
CA ASP C 163 36.23 20.94 -16.55
C ASP C 163 36.86 19.60 -16.14
N LEU C 164 36.05 18.67 -15.60
CA LEU C 164 36.54 17.33 -15.17
C LEU C 164 36.75 16.28 -16.25
N LYS C 165 36.26 16.52 -17.46
CA LYS C 165 36.31 15.50 -18.51
C LYS C 165 37.66 14.86 -18.71
N GLY C 166 37.68 13.56 -18.49
CA GLY C 166 38.84 12.77 -18.73
C GLY C 166 39.82 12.81 -17.59
N MET C 167 39.62 13.71 -16.62
CA MET C 167 40.52 13.72 -15.48
C MET C 167 40.29 12.45 -14.70
N LYS C 168 41.38 11.76 -14.38
CA LYS C 168 41.30 10.60 -13.56
C LYS C 168 41.30 11.06 -12.11
N VAL C 169 40.22 10.76 -11.39
CA VAL C 169 40.07 11.25 -10.04
C VAL C 169 39.96 10.04 -9.13
N ARG C 170 40.91 9.94 -8.23
CA ARG C 170 40.93 8.80 -7.34
C ARG C 170 39.74 8.84 -6.42
N VAL C 171 39.18 7.67 -6.18
CA VAL C 171 38.23 7.50 -5.09
C VAL C 171 38.69 6.34 -4.22
N GLN C 172 38.25 6.31 -2.98
CA GLN C 172 38.43 5.11 -2.20
C GLN C 172 37.54 3.99 -2.79
N HIS C 173 37.67 2.79 -2.23
CA HIS C 173 36.79 1.66 -2.57
C HIS C 173 35.41 1.82 -1.96
N SER C 174 34.57 2.52 -2.72
CA SER C 174 33.22 2.88 -2.29
C SER C 174 32.45 3.13 -3.56
N ARG C 175 31.42 2.32 -3.79
CA ARG C 175 30.57 2.52 -4.95
C ARG C 175 29.85 3.84 -4.93
N LEU C 176 29.54 4.34 -3.73
CA LEU C 176 28.90 5.63 -3.59
C LEU C 176 29.80 6.72 -4.22
N PHE C 177 31.08 6.72 -3.85
CA PHE C 177 31.96 7.81 -4.23
C PHE C 177 32.42 7.60 -5.69
N LEU C 178 32.56 6.34 -6.11
CA LEU C 178 32.87 6.02 -7.50
C LEU C 178 31.80 6.58 -8.44
N GLN C 179 30.54 6.27 -8.19
CA GLN C 179 29.46 6.79 -9.02
C GLN C 179 29.23 8.29 -8.90
N THR C 180 29.48 8.87 -7.73
CA THR C 180 29.34 10.29 -7.53
C THR C 180 30.33 11.03 -8.45
N ILE C 181 31.59 10.62 -8.37
CA ILE C 181 32.64 11.27 -9.15
C ILE C 181 32.40 11.05 -10.64
N ASN C 182 31.92 9.87 -10.98
CA ASN C 182 31.62 9.55 -12.38
C ASN C 182 30.58 10.52 -12.94
N ALA C 183 29.53 10.77 -12.14
CA ALA C 183 28.43 11.61 -12.54
C ALA C 183 28.85 13.08 -12.62
N MET C 184 29.86 13.43 -11.82
CA MET C 184 30.39 14.78 -11.73
C MET C 184 31.32 15.05 -12.93
N GLY C 185 31.76 13.98 -13.58
CA GLY C 185 32.45 14.10 -14.84
C GLY C 185 33.84 13.53 -14.83
N GLY C 186 34.30 13.10 -13.68
CA GLY C 186 35.58 12.45 -13.54
C GLY C 186 35.58 11.00 -13.96
N VAL C 187 36.77 10.47 -14.22
CA VAL C 187 36.90 9.04 -14.44
C VAL C 187 37.33 8.51 -13.07
N PRO C 188 36.41 7.89 -12.34
CA PRO C 188 36.79 7.50 -10.99
C PRO C 188 37.79 6.35 -11.02
N THR C 189 38.79 6.42 -10.15
CA THR C 189 39.92 5.52 -10.17
C THR C 189 40.15 4.98 -8.77
N PRO C 190 39.56 3.82 -8.46
CA PRO C 190 39.63 3.35 -7.05
C PRO C 190 41.03 2.93 -6.63
N MET C 191 41.45 3.43 -5.47
CA MET C 191 42.78 3.20 -4.97
C MET C 191 42.84 3.49 -3.46
N SER C 192 43.66 2.74 -2.75
CA SER C 192 43.79 2.93 -1.30
C SER C 192 44.44 4.27 -1.04
N LEU C 193 44.13 4.87 0.10
CA LEU C 193 44.67 6.18 0.42
C LEU C 193 46.19 6.23 0.35
N SER C 194 46.86 5.19 0.83
CA SER C 194 48.34 5.16 0.83
C SER C 194 48.99 5.13 -0.58
N ASP C 195 48.22 4.88 -1.63
CA ASP C 195 48.73 4.81 -3.00
C ASP C 195 48.49 6.11 -3.78
N VAL C 196 47.79 7.06 -3.16
CA VAL C 196 47.38 8.26 -3.87
C VAL C 196 48.57 9.17 -4.16
N TYR C 197 49.43 9.38 -3.18
CA TYR C 197 50.49 10.32 -3.39
C TYR C 197 51.39 9.86 -4.54
N PRO C 198 51.89 8.61 -4.49
CA PRO C 198 52.66 8.12 -5.66
C PRO C 198 51.86 8.17 -6.96
N GLY C 199 50.58 7.85 -6.94
CA GLY C 199 49.76 7.94 -8.14
C GLY C 199 49.73 9.33 -8.79
N LEU C 200 49.59 10.36 -7.97
CA LEU C 200 49.61 11.72 -8.50
C LEU C 200 50.99 12.02 -9.03
N SER C 201 52.02 11.61 -8.29
CA SER C 201 53.37 12.01 -8.62
C SER C 201 53.74 11.41 -9.95
N GLU C 202 53.34 10.16 -10.16
CA GLU C 202 53.71 9.42 -11.36
C GLU C 202 52.80 9.67 -12.56
N GLY C 203 51.84 10.58 -12.41
CA GLY C 203 50.92 10.91 -13.48
C GLY C 203 49.85 9.87 -13.83
N ILE C 204 49.49 8.98 -12.91
CA ILE C 204 48.44 8.00 -13.21
C ILE C 204 47.06 8.42 -12.72
N ILE C 205 47.01 9.37 -11.80
CA ILE C 205 45.79 10.11 -11.50
C ILE C 205 46.03 11.61 -11.56
N ASP C 206 44.96 12.35 -11.88
CA ASP C 206 44.96 13.81 -11.93
C ASP C 206 44.48 14.45 -10.62
N GLY C 207 43.81 13.68 -9.77
CA GLY C 207 43.41 14.25 -8.48
C GLY C 207 42.72 13.25 -7.60
N LEU C 208 42.14 13.75 -6.51
CA LEU C 208 41.36 12.96 -5.54
C LEU C 208 40.36 13.90 -4.87
N GLU C 209 39.67 13.43 -3.83
CA GLU C 209 38.84 14.31 -3.05
C GLU C 209 38.84 13.94 -1.57
N ASN C 210 38.72 14.94 -0.72
CA ASN C 210 38.83 14.77 0.71
C ASN C 210 38.70 16.13 1.37
N PRO C 211 38.45 16.14 2.70
CA PRO C 211 38.46 17.41 3.40
C PRO C 211 39.85 18.06 3.44
N THR C 212 39.88 19.37 3.63
CA THR C 212 41.14 20.09 3.65
C THR C 212 42.14 19.49 4.63
N VAL C 213 41.71 19.10 5.83
CA VAL C 213 42.66 18.58 6.81
C VAL C 213 43.35 17.28 6.39
N VAL C 214 42.65 16.46 5.61
CA VAL C 214 43.23 15.24 5.08
C VAL C 214 44.11 15.47 3.86
N LEU C 215 43.70 16.41 3.01
CA LEU C 215 44.54 16.82 1.85
C LEU C 215 45.89 17.40 2.32
N PHE C 216 45.85 18.21 3.38
CA PHE C 216 47.06 18.84 3.88
C PHE C 216 47.91 17.80 4.61
N GLY C 217 47.24 17.00 5.44
CA GLY C 217 47.94 15.98 6.21
C GLY C 217 48.67 14.96 5.37
N GLY C 218 48.05 14.56 4.27
CA GLY C 218 48.67 13.61 3.35
C GLY C 218 49.63 14.24 2.35
N LYS C 219 49.75 15.57 2.40
CA LYS C 219 50.69 16.31 1.57
C LYS C 219 50.41 16.24 0.06
N PHE C 220 49.17 15.93 -0.32
CA PHE C 220 48.86 15.78 -1.73
C PHE C 220 49.05 17.09 -2.50
N PHE C 221 49.02 18.19 -1.77
CA PHE C 221 49.22 19.51 -2.36
C PHE C 221 50.57 19.65 -3.02
N GLU C 222 51.54 18.83 -2.64
CA GLU C 222 52.85 18.88 -3.24
C GLU C 222 52.79 18.56 -4.73
N VAL C 223 51.78 17.78 -5.12
CA VAL C 223 51.71 17.32 -6.51
C VAL C 223 50.35 17.56 -7.20
N ALA C 224 49.47 18.35 -6.58
CA ALA C 224 48.20 18.80 -7.15
C ALA C 224 47.83 20.12 -6.44
N LYS C 225 47.79 21.21 -7.19
CA LYS C 225 47.72 22.56 -6.61
C LYS C 225 46.36 23.27 -6.76
N ASN C 226 45.34 22.56 -7.24
CA ASN C 226 44.01 23.15 -7.36
C ASN C 226 42.97 22.51 -6.45
N LEU C 227 42.58 23.25 -5.41
CA LEU C 227 41.48 22.89 -4.54
C LEU C 227 40.21 23.50 -5.10
N ASN C 228 39.27 22.65 -5.49
CA ASN C 228 38.04 23.13 -6.10
C ASN C 228 36.88 22.80 -5.16
N LEU C 229 36.23 23.85 -4.66
CA LEU C 229 35.32 23.73 -3.51
C LEU C 229 33.94 23.17 -3.86
N THR C 230 33.93 21.93 -4.32
CA THR C 230 32.69 21.23 -4.67
C THR C 230 31.83 20.95 -3.41
N ALA C 231 32.47 20.80 -2.26
CA ALA C 231 31.78 20.59 -0.97
C ALA C 231 30.69 19.55 -1.14
N HIS C 232 31.06 18.44 -1.77
CA HIS C 232 30.09 17.48 -2.23
C HIS C 232 29.61 16.56 -1.10
N THR C 233 30.40 16.41 -0.04
CA THR C 233 30.02 15.58 1.09
C THR C 233 30.40 16.20 2.43
N LYS C 234 29.41 16.48 3.29
CA LYS C 234 29.69 16.78 4.70
C LYS C 234 29.86 15.46 5.41
N HIS C 235 31.11 14.98 5.45
CA HIS C 235 31.36 13.56 5.70
C HIS C 235 31.31 13.14 7.20
N MET C 236 30.39 12.25 7.52
CA MET C 236 30.32 11.66 8.85
C MET C 236 30.87 10.24 8.81
N SER C 237 31.69 9.91 9.78
CA SER C 237 32.38 8.62 9.86
C SER C 237 31.95 7.71 11.04
N PRO C 238 31.68 6.41 10.77
CA PRO C 238 31.53 5.44 11.84
C PRO C 238 32.87 4.83 12.19
N PHE C 239 33.01 4.43 13.45
CA PHE C 239 34.07 3.52 13.88
C PHE C 239 33.40 2.21 14.28
N VAL C 240 33.95 1.11 13.76
CA VAL C 240 33.34 -0.20 13.87
C VAL C 240 34.29 -1.27 14.39
N ALA C 241 33.71 -2.40 14.80
CA ALA C 241 34.47 -3.58 15.13
C ALA C 241 33.69 -4.76 14.58
N GLY C 242 34.33 -5.91 14.48
CA GLY C 242 33.60 -7.13 14.15
C GLY C 242 32.75 -7.49 15.35
N THR C 243 31.54 -7.99 15.11
CA THR C 243 30.70 -8.50 16.19
C THR C 243 31.37 -9.65 16.96
N ALA C 244 32.11 -10.50 16.27
CA ALA C 244 32.84 -11.60 16.92
C ALA C 244 33.76 -11.06 17.99
N PHE C 245 34.42 -9.95 17.71
CA PHE C 245 35.28 -9.33 18.71
C PHE C 245 34.50 -8.53 19.74
N TRP C 246 33.57 -7.69 19.27
CA TRP C 246 32.84 -6.77 20.13
C TRP C 246 32.01 -7.50 21.19
N ASN C 247 31.34 -8.55 20.74
CA ASN C 247 30.47 -9.35 21.61
C ASN C 247 31.24 -10.13 22.68
N ASN C 248 32.55 -10.25 22.46
CA ASN C 248 33.46 -10.94 23.36
C ASN C 248 34.04 -10.03 24.45
N LEU C 249 33.89 -8.71 24.29
CA LEU C 249 34.20 -7.77 25.36
C LEU C 249 33.14 -7.90 26.45
N THR C 250 33.46 -7.50 27.67
CA THR C 250 32.47 -7.56 28.74
C THR C 250 31.53 -6.40 28.56
N PRO C 251 30.35 -6.48 29.17
CA PRO C 251 29.40 -5.36 29.10
C PRO C 251 30.02 -4.11 29.69
N GLU C 252 30.83 -4.28 30.73
CA GLU C 252 31.47 -3.16 31.40
C GLU C 252 32.46 -2.47 30.47
N GLN C 253 33.18 -3.26 29.68
CA GLN C 253 34.18 -2.74 28.75
C GLN C 253 33.52 -2.05 27.55
N GLN C 254 32.45 -2.65 27.08
CA GLN C 254 31.64 -2.04 26.04
C GLN C 254 31.17 -0.67 26.46
N LYS C 255 30.62 -0.54 27.66
CA LYS C 255 30.09 0.74 28.10
C LYS C 255 31.21 1.78 28.20
N ILE C 256 32.39 1.40 28.67
CA ILE C 256 33.46 2.33 28.83
C ILE C 256 33.84 2.90 27.48
N ILE C 257 33.94 2.01 26.48
CA ILE C 257 34.36 2.40 25.17
C ILE C 257 33.30 3.28 24.51
N VAL C 258 32.02 2.92 24.68
CA VAL C 258 30.92 3.73 24.12
C VAL C 258 30.77 5.11 24.81
N ASP C 259 30.74 5.13 26.14
CA ASP C 259 30.63 6.40 26.83
C ASP C 259 31.78 7.35 26.42
N ALA C 260 33.02 6.86 26.44
CA ALA C 260 34.16 7.65 25.98
C ALA C 260 34.05 8.09 24.52
N SER C 261 33.42 7.29 23.67
CA SER C 261 33.35 7.60 22.25
C SER C 261 32.48 8.82 22.04
N ARG C 262 31.49 9.01 22.91
CA ARG C 262 30.56 10.17 22.81
C ARG C 262 31.31 11.43 23.12
N GLU C 263 32.21 11.36 24.09
CA GLU C 263 33.01 12.51 24.46
C GLU C 263 33.98 12.80 23.32
N MET C 264 34.48 11.72 22.70
CA MET C 264 35.43 11.87 21.59
C MET C 264 34.77 12.63 20.42
N VAL C 265 33.50 12.31 20.17
CA VAL C 265 32.75 12.95 19.09
C VAL C 265 32.64 14.47 19.32
N THR C 266 32.34 14.85 20.55
CA THR C 266 32.22 16.24 20.92
C THR C 266 33.57 16.94 20.82
N TYR C 267 34.61 16.30 21.34
CA TYR C 267 35.96 16.80 21.27
C TYR C 267 36.38 17.03 19.81
N GLY C 268 36.13 16.01 19.01
CA GLY C 268 36.41 16.04 17.61
C GLY C 268 35.69 17.14 16.89
N GLY C 269 34.44 17.35 17.29
CA GLY C 269 33.64 18.48 16.80
C GLY C 269 34.36 19.80 16.99
N GLY C 270 34.91 19.99 18.19
CA GLY C 270 35.70 21.19 18.49
C GLY C 270 36.94 21.26 17.63
N LEU C 271 37.64 20.14 17.46
CA LEU C 271 38.86 20.16 16.69
C LEU C 271 38.57 20.62 15.25
N ILE C 272 37.53 20.05 14.65
CA ILE C 272 37.25 20.26 13.22
C ILE C 272 36.66 21.63 12.92
N GLU C 273 35.95 22.19 13.89
CA GLU C 273 35.39 23.52 13.76
C GLU C 273 36.53 24.49 13.44
N GLN C 274 37.70 24.23 14.01
CA GLN C 274 38.82 25.13 13.80
C GLN C 274 39.67 24.65 12.64
N ALA C 275 39.81 23.34 12.52
CA ALA C 275 40.90 22.80 11.72
C ALA C 275 40.65 22.87 10.22
N GLU C 276 39.39 22.82 9.77
CA GLU C 276 39.13 22.81 8.32
C GLU C 276 39.59 24.10 7.65
N ASN C 277 39.22 25.25 8.20
CA ASN C 277 39.68 26.52 7.64
C ASN C 277 41.16 26.78 7.83
N GLU C 278 41.68 26.32 8.96
CA GLU C 278 43.11 26.41 9.21
C GLU C 278 43.87 25.65 8.13
N ALA C 279 43.36 24.46 7.77
CA ALA C 279 44.01 23.67 6.76
C ALA C 279 43.89 24.32 5.37
N LEU C 280 42.79 25.03 5.12
CA LEU C 280 42.60 25.78 3.89
C LEU C 280 43.67 26.84 3.78
N GLU C 281 43.90 27.56 4.87
CA GLU C 281 44.92 28.55 4.90
C GLU C 281 46.31 27.98 4.74
N ASN C 282 46.54 26.81 5.34
CA ASN C 282 47.83 26.12 5.22
C ASN C 282 48.05 25.61 3.79
N LEU C 283 47.00 25.07 3.19
CA LEU C 283 47.03 24.74 1.77
C LEU C 283 47.43 25.95 0.93
N LYS C 284 46.77 27.10 1.15
CA LYS C 284 47.09 28.30 0.39
C LYS C 284 48.55 28.74 0.59
N LYS C 285 49.04 28.67 1.83
CA LYS C 285 50.43 29.01 2.13
C LYS C 285 51.38 28.13 1.33
N ALA C 286 50.93 26.91 1.10
CA ALA C 286 51.73 25.89 0.44
C ALA C 286 51.62 26.01 -1.09
N GLY C 287 50.90 27.03 -1.56
CA GLY C 287 50.82 27.30 -2.99
C GLY C 287 49.59 26.78 -3.72
N VAL C 288 48.58 26.36 -2.99
CA VAL C 288 47.39 25.82 -3.61
C VAL C 288 46.50 26.98 -4.04
N THR C 289 45.96 26.90 -5.24
CA THR C 289 44.89 27.81 -5.68
C THR C 289 43.52 27.28 -5.26
N VAL C 290 42.70 28.16 -4.65
CA VAL C 290 41.35 27.78 -4.25
C VAL C 290 40.30 28.31 -5.22
N ASN C 291 39.61 27.38 -5.88
CA ASN C 291 38.63 27.72 -6.88
C ASN C 291 37.21 27.49 -6.37
N ASP C 292 36.37 28.51 -6.48
CA ASP C 292 34.94 28.30 -6.30
C ASP C 292 34.38 27.62 -7.55
N VAL C 293 33.36 26.80 -7.35
CA VAL C 293 32.72 26.09 -8.45
C VAL C 293 31.24 26.45 -8.58
N ASP C 294 30.66 25.95 -9.66
CA ASP C 294 29.26 26.12 -9.97
C ASP C 294 28.56 25.02 -9.17
N LEU C 295 28.16 25.34 -7.96
CA LEU C 295 27.60 24.32 -7.06
C LEU C 295 26.28 23.80 -7.57
N PRO C 296 25.45 24.67 -8.19
CA PRO C 296 24.22 24.11 -8.72
C PRO C 296 24.46 23.06 -9.80
N ALA C 297 25.46 23.26 -10.64
CA ALA C 297 25.73 22.32 -11.71
C ALA C 297 26.29 21.04 -11.14
N PHE C 298 27.16 21.16 -10.14
CA PHE C 298 27.75 19.97 -9.56
C PHE C 298 26.68 19.14 -8.86
N GLU C 299 25.78 19.83 -8.16
CA GLU C 299 24.74 19.09 -7.47
C GLU C 299 23.76 18.46 -8.48
N ALA C 300 23.40 19.17 -9.53
CA ALA C 300 22.55 18.63 -10.59
C ALA C 300 23.15 17.36 -11.20
N SER C 301 24.48 17.35 -11.36
CA SER C 301 25.15 16.24 -12.03
C SER C 301 24.87 14.89 -11.33
N VAL C 302 24.57 14.94 -10.03
CA VAL C 302 24.38 13.71 -9.29
C VAL C 302 22.92 13.32 -9.11
N ALA C 303 22.03 14.02 -9.79
CA ALA C 303 20.58 13.83 -9.57
C ALA C 303 20.10 12.41 -9.82
N ASP C 304 20.67 11.75 -10.82
CA ASP C 304 20.29 10.38 -11.10
C ASP C 304 20.97 9.38 -10.16
N VAL C 305 22.25 9.60 -9.85
N VAL C 305 22.24 9.61 -9.84
CA VAL C 305 22.95 8.67 -8.98
CA VAL C 305 22.97 8.70 -8.99
C VAL C 305 22.25 8.55 -7.64
C VAL C 305 22.22 8.56 -7.66
N ILE C 306 21.76 9.69 -7.12
CA ILE C 306 21.15 9.69 -5.78
C ILE C 306 19.72 9.17 -5.72
N SER C 307 19.07 9.03 -6.89
CA SER C 307 17.69 8.57 -6.94
C SER C 307 17.54 7.12 -7.44
N THR C 308 18.23 6.81 -8.52
CA THR C 308 18.09 5.53 -9.19
C THR C 308 19.40 4.80 -9.42
N GLY C 309 20.52 5.47 -9.15
CA GLY C 309 21.84 4.85 -9.30
C GLY C 309 22.10 3.57 -8.53
N PHE C 310 21.51 3.44 -7.33
CA PHE C 310 21.72 2.26 -6.50
C PHE C 310 20.38 1.65 -6.24
N PRO C 311 19.95 0.78 -7.14
CA PRO C 311 18.58 0.25 -7.02
C PRO C 311 18.34 -0.48 -5.73
N GLU C 312 19.39 -0.95 -5.07
CA GLU C 312 19.21 -1.71 -3.85
C GLU C 312 18.76 -0.83 -2.66
N TRP C 313 18.96 0.48 -2.76
CA TRP C 313 18.37 1.38 -1.76
C TRP C 313 16.85 1.29 -1.79
N SER C 314 16.23 1.51 -0.62
CA SER C 314 14.79 1.73 -0.58
C SER C 314 14.41 2.88 -1.50
N PRO C 315 13.25 2.76 -2.17
CA PRO C 315 12.81 3.82 -3.07
C PRO C 315 12.67 5.18 -2.36
N ASN C 316 13.13 6.23 -3.03
CA ASN C 316 12.99 7.60 -2.56
C ASN C 316 13.75 7.90 -1.28
N LEU C 317 14.79 7.12 -1.03
CA LEU C 317 15.56 7.26 0.20
C LEU C 317 16.17 8.67 0.39
N TYR C 318 16.83 9.19 -0.64
CA TYR C 318 17.43 10.51 -0.54
C TYR C 318 16.37 11.62 -0.36
N LYS C 319 15.32 11.59 -1.17
CA LYS C 319 14.19 12.49 -0.94
C LYS C 319 13.62 12.39 0.48
N ASN C 320 13.42 11.16 0.97
CA ASN C 320 12.84 10.96 2.29
C ASN C 320 13.76 11.49 3.40
N VAL C 321 15.07 11.25 3.28
CA VAL C 321 16.01 11.84 4.22
C VAL C 321 16.00 13.36 4.15
N GLN C 322 15.96 13.93 2.95
CA GLN C 322 15.92 15.40 2.88
C GLN C 322 14.64 15.97 3.50
N GLU C 323 13.53 15.25 3.41
CA GLU C 323 12.28 15.74 4.00
C GLU C 323 12.39 15.76 5.51
N LYS C 324 13.05 14.74 6.07
CA LYS C 324 13.35 14.71 7.49
C LYS C 324 14.18 15.90 7.98
N LEU C 325 15.01 16.47 7.09
CA LEU C 325 15.94 17.54 7.44
C LEU C 325 15.50 18.89 6.85
N SER C 326 14.21 19.03 6.61
CA SER C 326 13.67 20.25 6.02
C SER C 326 13.78 21.48 6.95
N GLN C 327 14.12 22.63 6.39
CA GLN C 327 14.13 23.90 7.14
C GLN C 327 12.87 24.04 8.02
N PHE C 328 11.82 23.32 7.64
CA PHE C 328 10.52 23.47 8.29
C PHE C 328 10.29 22.42 9.38
N GLU D 26 -37.71 40.00 7.21
CA GLU D 26 -37.36 38.82 7.96
C GLU D 26 -37.02 37.64 7.07
N THR D 27 -36.17 36.76 7.58
CA THR D 27 -36.01 35.44 7.01
C THR D 27 -36.52 34.38 8.02
N GLU D 28 -37.65 33.75 7.70
CA GLU D 28 -38.21 32.72 8.57
C GLU D 28 -37.64 31.35 8.19
N ILE D 29 -37.30 30.59 9.23
CA ILE D 29 -36.76 29.25 9.06
C ILE D 29 -37.50 28.28 9.97
N MET D 30 -38.03 27.22 9.38
CA MET D 30 -38.76 26.22 10.15
C MET D 30 -37.76 25.23 10.72
N VAL D 31 -37.82 24.99 12.03
CA VAL D 31 -36.92 24.06 12.71
C VAL D 31 -37.72 22.81 13.08
N ALA D 32 -37.29 21.66 12.59
CA ALA D 32 -38.04 20.41 12.72
C ALA D 32 -37.35 19.35 13.57
N TYR D 33 -38.11 18.69 14.47
CA TYR D 33 -37.60 17.60 15.28
C TYR D 33 -38.77 16.78 15.86
N GLY D 34 -38.47 15.64 16.48
CA GLY D 34 -39.50 14.69 16.92
C GLY D 34 -39.84 14.81 18.39
N ASN D 35 -39.01 15.56 19.11
CA ASN D 35 -39.12 15.65 20.55
C ASN D 35 -40.30 16.51 20.98
N GLN D 36 -40.81 16.27 22.18
CA GLN D 36 -41.99 16.98 22.65
C GLN D 36 -41.59 18.28 23.32
N PRO D 37 -42.51 19.26 23.34
CA PRO D 37 -42.27 20.47 24.12
C PRO D 37 -41.70 20.18 25.51
N GLY D 38 -40.67 20.91 25.92
CA GLY D 38 -40.06 20.74 27.24
C GLY D 38 -38.93 19.75 27.35
N GLU D 39 -38.79 18.91 26.33
CA GLU D 39 -37.64 18.02 26.29
C GLU D 39 -36.36 18.83 26.07
N PRO D 40 -35.21 18.27 26.47
CA PRO D 40 -33.97 19.02 26.25
C PRO D 40 -33.76 19.47 24.80
N ILE D 41 -34.14 18.68 23.81
CA ILE D 41 -33.91 19.14 22.44
C ILE D 41 -34.82 20.33 22.13
N ASP D 42 -36.04 20.28 22.67
CA ASP D 42 -36.98 21.38 22.44
C ASP D 42 -36.45 22.66 23.11
N LYS D 43 -35.88 22.52 24.30
CA LYS D 43 -35.37 23.71 25.00
C LYS D 43 -34.12 24.29 24.34
N ALA D 44 -33.30 23.41 23.81
CA ALA D 44 -32.13 23.80 23.03
C ALA D 44 -32.51 24.56 21.74
N MET D 45 -33.58 24.13 21.09
CA MET D 45 -34.03 24.81 19.88
C MET D 45 -34.58 26.20 20.22
N HIS D 46 -35.29 26.34 21.34
CA HIS D 46 -35.74 27.67 21.77
C HIS D 46 -34.53 28.57 22.02
N PHE D 47 -33.49 28.01 22.60
CA PHE D 47 -32.31 28.78 22.91
C PHE D 47 -31.68 29.24 21.59
N TRP D 48 -31.57 28.32 20.64
CA TRP D 48 -31.02 28.65 19.34
C TRP D 48 -31.86 29.75 18.70
N ALA D 49 -33.17 29.55 18.68
CA ALA D 49 -34.09 30.51 18.06
C ALA D 49 -33.91 31.91 18.67
N ASP D 50 -33.97 31.98 20.00
CA ASP D 50 -33.79 33.25 20.70
C ASP D 50 -32.43 33.90 20.40
N LYS D 51 -31.35 33.13 20.41
CA LYS D 51 -30.03 33.73 20.19
C LYS D 51 -29.89 34.24 18.77
N VAL D 52 -30.41 33.48 17.82
CA VAL D 52 -30.38 33.90 16.43
C VAL D 52 -31.20 35.16 16.20
N LYS D 53 -32.35 35.26 16.88
CA LYS D 53 -33.16 36.45 16.74
C LYS D 53 -32.43 37.66 17.32
N GLU D 54 -31.83 37.49 18.50
CA GLU D 54 -31.09 38.59 19.14
C GLU D 54 -29.94 39.08 18.29
N LYS D 55 -29.11 38.16 17.81
CA LYS D 55 -27.90 38.50 17.08
C LYS D 55 -28.18 39.08 15.68
N SER D 56 -29.34 38.78 15.13
CA SER D 56 -29.69 39.28 13.81
C SER D 56 -30.58 40.51 13.93
N ASN D 57 -30.77 40.99 15.16
CA ASN D 57 -31.67 42.10 15.41
C ASN D 57 -33.02 41.85 14.74
N GLY D 58 -33.51 40.63 14.83
CA GLY D 58 -34.84 40.30 14.32
C GLY D 58 -34.89 39.85 12.88
N ASP D 59 -33.76 39.88 12.20
CA ASP D 59 -33.69 39.55 10.79
C ASP D 59 -33.83 38.05 10.49
N ILE D 60 -33.42 37.20 11.44
CA ILE D 60 -33.63 35.75 11.33
C ILE D 60 -34.58 35.26 12.40
N VAL D 61 -35.66 34.62 11.97
CA VAL D 61 -36.67 34.10 12.87
C VAL D 61 -36.84 32.61 12.68
N PHE D 62 -36.58 31.86 13.73
CA PHE D 62 -36.83 30.43 13.72
C PHE D 62 -38.26 30.19 14.15
N LYS D 63 -38.96 29.33 13.42
CA LYS D 63 -40.26 28.81 13.85
C LYS D 63 -40.12 27.32 14.16
N LEU D 64 -40.51 26.93 15.38
CA LEU D 64 -40.25 25.60 15.91
C LEU D 64 -41.42 24.63 15.68
N PHE D 65 -41.05 23.42 15.28
CA PHE D 65 -42.03 22.38 14.93
C PHE D 65 -41.63 21.10 15.62
N PRO D 66 -41.82 21.05 16.95
CA PRO D 66 -41.64 19.83 17.74
C PRO D 66 -42.65 18.74 17.36
N SER D 67 -42.45 17.55 17.90
CA SER D 67 -43.47 16.50 17.85
C SER D 67 -43.78 16.07 16.42
N SER D 68 -42.79 16.18 15.55
CA SER D 68 -42.91 15.76 14.15
C SER D 68 -44.03 16.50 13.40
N GLN D 69 -44.31 17.72 13.82
CA GLN D 69 -45.36 18.51 13.18
C GLN D 69 -45.19 18.69 11.66
N LEU D 70 -43.97 18.79 11.17
CA LEU D 70 -43.74 19.03 9.74
C LEU D 70 -43.79 17.73 8.93
N GLY D 71 -43.77 16.59 9.62
CA GLY D 71 -43.73 15.29 9.00
C GLY D 71 -42.68 14.45 9.71
N SER D 72 -42.49 13.22 9.24
CA SER D 72 -41.48 12.35 9.83
C SER D 72 -40.10 12.89 9.54
N GLU D 73 -39.12 12.46 10.32
CA GLU D 73 -37.72 12.92 10.16
C GLU D 73 -37.19 12.70 8.74
N THR D 74 -37.49 11.53 8.20
CA THR D 74 -37.06 11.18 6.86
C THR D 74 -37.74 12.07 5.82
N GLU D 75 -39.04 12.28 5.98
CA GLU D 75 -39.82 13.09 5.03
C GLU D 75 -39.35 14.54 5.05
N VAL D 76 -39.06 15.06 6.24
CA VAL D 76 -38.61 16.44 6.36
C VAL D 76 -37.26 16.67 5.67
N LEU D 77 -36.35 15.71 5.76
CA LEU D 77 -35.03 15.85 5.13
C LEU D 77 -35.21 15.96 3.62
N GLU D 78 -36.08 15.11 3.09
CA GLU D 78 -36.50 15.22 1.69
C GLU D 78 -36.97 16.62 1.31
N GLN D 79 -37.84 17.20 2.13
CA GLN D 79 -38.34 18.55 1.89
C GLN D 79 -37.19 19.55 1.93
N ALA D 80 -36.27 19.36 2.87
CA ALA D 80 -35.14 20.29 3.03
C ALA D 80 -34.22 20.22 1.81
N LYS D 81 -33.90 19.00 1.38
CA LYS D 81 -33.02 18.78 0.24
C LYS D 81 -33.55 19.46 -1.02
N PHE D 82 -34.87 19.53 -1.15
CA PHE D 82 -35.48 20.13 -2.33
C PHE D 82 -35.69 21.63 -2.24
N GLY D 83 -35.09 22.26 -1.22
CA GLY D 83 -35.03 23.71 -1.17
C GLY D 83 -35.86 24.36 -0.08
N ALA D 84 -36.67 23.58 0.63
CA ALA D 84 -37.51 24.14 1.69
C ALA D 84 -36.70 24.90 2.77
N ASN D 85 -37.33 25.92 3.33
CA ASN D 85 -36.70 26.74 4.36
C ASN D 85 -36.76 26.03 5.74
N ILE D 86 -35.94 24.99 5.87
CA ILE D 86 -36.00 24.06 6.99
C ILE D 86 -34.61 23.73 7.51
N ILE D 87 -34.46 23.86 8.81
CA ILE D 87 -33.36 23.23 9.54
C ILE D 87 -33.97 22.05 10.30
N THR D 88 -33.46 20.85 10.06
CA THR D 88 -34.01 19.68 10.70
C THR D 88 -32.94 18.87 11.42
N ILE D 89 -33.33 18.24 12.51
CA ILE D 89 -32.48 17.26 13.12
C ILE D 89 -32.39 16.13 12.10
N SER D 90 -31.28 15.41 12.11
CA SER D 90 -31.12 14.22 11.30
C SER D 90 -30.29 13.21 12.08
N ASP D 91 -29.73 12.24 11.39
CA ASP D 91 -29.10 11.13 12.07
C ASP D 91 -27.99 10.58 11.18
N TYR D 92 -26.81 10.40 11.76
CA TYR D 92 -25.67 9.88 11.01
C TYR D 92 -25.88 8.48 10.42
N GLY D 93 -26.66 7.64 11.08
CA GLY D 93 -27.03 6.35 10.49
C GLY D 93 -27.91 6.52 9.27
N ALA D 94 -28.90 7.39 9.36
CA ALA D 94 -29.68 7.71 8.18
C ALA D 94 -28.82 8.27 7.05
N LEU D 95 -27.94 9.22 7.39
CA LEU D 95 -27.10 9.89 6.41
C LEU D 95 -26.01 9.02 5.78
N MET D 96 -25.70 7.91 6.40
CA MET D 96 -24.69 7.00 5.85
C MET D 96 -25.16 6.43 4.51
N ASP D 97 -26.46 6.58 4.23
CA ASP D 97 -27.01 6.15 2.94
C ASP D 97 -26.35 6.97 1.84
N ILE D 98 -25.90 8.18 2.20
CA ILE D 98 -25.30 9.13 1.25
C ILE D 98 -23.76 9.19 1.36
N VAL D 99 -23.23 9.31 2.58
CA VAL D 99 -21.78 9.23 2.82
C VAL D 99 -21.54 8.11 3.81
N PRO D 100 -21.18 6.89 3.33
CA PRO D 100 -21.16 5.75 4.24
C PRO D 100 -20.45 5.94 5.58
N ASP D 101 -19.30 6.59 5.58
CA ASP D 101 -18.48 6.57 6.78
C ASP D 101 -19.06 7.39 7.96
N LEU D 102 -20.04 8.24 7.69
CA LEU D 102 -20.80 8.89 8.75
C LEU D 102 -21.45 7.90 9.69
N GLY D 103 -21.69 6.69 9.19
CA GLY D 103 -22.41 5.68 9.94
C GLY D 103 -21.73 5.21 11.20
N VAL D 104 -20.43 5.43 11.30
CA VAL D 104 -19.66 4.93 12.45
C VAL D 104 -19.88 5.78 13.73
N ILE D 105 -20.41 6.98 13.56
CA ILE D 105 -20.42 7.94 14.66
C ILE D 105 -21.22 7.44 15.85
N ASN D 106 -22.39 6.86 15.54
CA ASN D 106 -23.29 6.32 16.57
C ASN D 106 -23.43 4.80 16.46
N ALA D 107 -22.44 4.19 15.81
CA ALA D 107 -22.30 2.73 15.82
C ALA D 107 -22.29 2.21 17.25
N PRO D 108 -23.00 1.10 17.51
CA PRO D 108 -23.21 0.66 18.90
C PRO D 108 -21.91 0.43 19.68
N TYR D 109 -21.87 0.95 20.92
CA TYR D 109 -20.76 0.77 21.87
C TYR D 109 -19.40 1.40 21.45
N ILE D 110 -19.42 2.28 20.47
CA ILE D 110 -18.14 2.76 19.94
C ILE D 110 -17.39 3.61 20.99
N SER D 111 -18.16 4.36 21.77
CA SER D 111 -17.59 5.14 22.85
C SER D 111 -18.64 5.48 23.88
N GLN D 112 -18.20 5.51 25.13
CA GLN D 112 -19.01 5.95 26.25
C GLN D 112 -18.96 7.46 26.50
N SER D 113 -18.12 8.18 25.75
CA SER D 113 -17.85 9.57 26.07
C SER D 113 -18.41 10.53 25.01
N PHE D 114 -19.39 11.34 25.43
CA PHE D 114 -19.90 12.38 24.57
C PHE D 114 -18.78 13.38 24.26
N GLU D 115 -17.91 13.66 25.23
CA GLU D 115 -16.86 14.65 24.98
C GLU D 115 -15.89 14.15 23.90
N LYS D 116 -15.59 12.86 23.91
CA LYS D 116 -14.64 12.34 22.93
C LYS D 116 -15.31 12.32 21.57
N LYS D 117 -16.60 11.97 21.53
CA LYS D 117 -17.37 12.06 20.29
C LYS D 117 -17.43 13.50 19.74
N SER D 118 -17.62 14.49 20.62
CA SER D 118 -17.61 15.86 20.14
C SER D 118 -16.25 16.21 19.51
N LYS D 119 -15.16 15.74 20.11
CA LYS D 119 -13.82 16.00 19.56
C LYS D 119 -13.72 15.37 18.18
N LEU D 120 -14.21 14.14 18.05
CA LEU D 120 -14.22 13.45 16.77
C LEU D 120 -15.00 14.26 15.72
N LEU D 121 -16.10 14.84 16.18
CA LEU D 121 -16.99 15.57 15.31
C LEU D 121 -16.48 16.96 14.94
N HIS D 122 -15.33 17.35 15.48
CA HIS D 122 -14.68 18.57 15.01
C HIS D 122 -13.32 18.30 14.35
N SER D 123 -12.95 17.03 14.17
CA SER D 123 -11.69 16.65 13.53
C SER D 123 -11.75 16.90 12.03
N ASP D 124 -10.58 16.94 11.40
CA ASP D 124 -10.50 17.12 9.97
C ASP D 124 -11.09 15.91 9.24
N TRP D 125 -10.94 14.72 9.83
CA TRP D 125 -11.55 13.50 9.28
C TRP D 125 -13.06 13.70 9.07
N PHE D 126 -13.70 14.35 10.02
CA PHE D 126 -15.14 14.55 9.93
C PHE D 126 -15.49 15.68 9.03
N LYS D 127 -14.70 16.75 9.07
CA LYS D 127 -14.91 17.86 8.14
C LYS D 127 -14.84 17.36 6.70
N ASP D 128 -13.99 16.38 6.44
CA ASP D 128 -13.85 15.81 5.08
C ASP D 128 -15.17 15.15 4.66
N LEU D 129 -15.75 14.40 5.59
CA LEU D 129 -17.00 13.74 5.31
C LEU D 129 -18.14 14.75 5.17
N SER D 130 -18.09 15.83 5.94
CA SER D 130 -19.13 16.84 5.85
C SER D 130 -19.09 17.50 4.48
N ASP D 131 -17.87 17.72 3.96
CA ASP D 131 -17.69 18.31 2.64
C ASP D 131 -18.23 17.34 1.58
N LYS D 132 -17.93 16.06 1.75
CA LYS D 132 -18.54 15.03 0.89
C LYS D 132 -20.07 15.08 0.91
N LEU D 133 -20.67 15.27 2.10
CA LEU D 133 -22.12 15.32 2.21
C LEU D 133 -22.66 16.56 1.50
N ASP D 134 -21.96 17.67 1.65
CA ASP D 134 -22.29 18.91 0.95
C ASP D 134 -22.45 18.69 -0.54
N GLN D 135 -21.63 17.82 -1.11
CA GLN D 135 -21.63 17.60 -2.56
C GLN D 135 -22.89 16.84 -2.96
N HIS D 136 -23.60 16.33 -1.96
CA HIS D 136 -24.83 15.58 -2.17
C HIS D 136 -26.04 16.29 -1.61
N ASP D 137 -25.96 17.61 -1.55
CA ASP D 137 -27.12 18.48 -1.39
C ASP D 137 -27.63 18.62 0.03
N ILE D 138 -26.93 18.03 1.00
CA ILE D 138 -27.25 18.23 2.41
C ILE D 138 -26.08 18.87 3.16
N HIS D 139 -26.35 19.92 3.94
CA HIS D 139 -25.31 20.61 4.70
C HIS D 139 -25.51 20.49 6.21
N ILE D 140 -24.54 19.89 6.89
CA ILE D 140 -24.55 19.81 8.34
C ILE D 140 -24.15 21.17 8.89
N ILE D 141 -25.05 21.77 9.68
CA ILE D 141 -24.84 23.08 10.24
C ILE D 141 -24.11 22.94 11.54
N VAL D 142 -24.54 21.96 12.33
CA VAL D 142 -23.92 21.73 13.62
C VAL D 142 -23.96 20.22 13.83
N PRO D 143 -22.84 19.64 14.28
CA PRO D 143 -22.76 18.18 14.17
C PRO D 143 -22.85 17.46 15.49
N ASP D 144 -22.87 18.19 16.61
CA ASP D 144 -22.54 17.55 17.87
C ASP D 144 -23.52 17.86 18.99
N VAL D 145 -24.80 17.88 18.66
CA VAL D 145 -25.78 18.00 19.73
C VAL D 145 -25.90 16.69 20.53
N ILE D 146 -25.77 16.76 21.85
CA ILE D 146 -25.92 15.57 22.67
C ILE D 146 -27.41 15.23 22.75
N TYR D 147 -27.76 14.04 22.24
CA TYR D 147 -29.15 13.59 22.19
C TYR D 147 -29.45 12.70 23.40
N GLY D 148 -28.43 11.94 23.82
CA GLY D 148 -28.53 11.11 25.00
C GLY D 148 -28.12 9.67 24.81
N THR D 149 -28.22 8.88 25.89
CA THR D 149 -27.88 7.46 25.82
C THR D 149 -29.13 6.60 25.55
N ARG D 150 -29.13 5.87 24.43
CA ARG D 150 -30.27 5.09 23.99
C ARG D 150 -30.29 3.76 24.74
N HIS D 151 -31.48 3.40 25.21
CA HIS D 151 -31.72 2.15 25.94
C HIS D 151 -32.95 1.54 25.36
N LEU D 152 -33.12 0.25 25.57
CA LEU D 152 -34.36 -0.41 25.18
C LEU D 152 -35.49 -0.12 26.16
N LEU D 153 -36.69 0.13 25.64
CA LEU D 153 -37.92 0.09 26.44
C LEU D 153 -38.86 -0.95 25.84
N THR D 154 -39.19 -1.96 26.65
CA THR D 154 -39.97 -3.11 26.17
C THR D 154 -41.14 -3.43 27.12
N LYS D 155 -42.05 -4.24 26.65
CA LYS D 155 -43.15 -4.68 27.49
C LYS D 155 -42.72 -5.67 28.56
N LYS D 156 -41.78 -6.55 28.21
CA LYS D 156 -41.25 -7.53 29.13
C LYS D 156 -39.77 -7.30 29.33
N PRO D 157 -39.24 -7.70 30.50
CA PRO D 157 -37.85 -7.45 30.84
C PRO D 157 -36.88 -8.15 29.91
N VAL D 158 -35.81 -7.44 29.57
CA VAL D 158 -34.71 -7.96 28.78
C VAL D 158 -33.42 -7.75 29.56
N THR D 159 -32.65 -8.81 29.82
CA THR D 159 -31.38 -8.62 30.50
C THR D 159 -30.21 -9.23 29.71
N LYS D 160 -30.51 -9.84 28.56
CA LYS D 160 -29.49 -10.43 27.68
C LYS D 160 -30.07 -10.65 26.29
N PRO D 161 -29.21 -10.86 25.29
CA PRO D 161 -29.75 -10.95 23.93
C PRO D 161 -30.83 -12.01 23.76
N SER D 162 -30.61 -13.18 24.33
CA SER D 162 -31.58 -14.27 24.20
C SER D 162 -33.00 -13.81 24.60
N ASP D 163 -33.11 -12.89 25.55
CA ASP D 163 -34.43 -12.40 25.97
C ASP D 163 -35.23 -11.66 24.88
N LEU D 164 -34.59 -11.17 23.81
CA LEU D 164 -35.28 -10.40 22.77
C LEU D 164 -35.98 -11.26 21.71
N LYS D 165 -35.62 -12.53 21.64
CA LYS D 165 -36.19 -13.43 20.65
C LYS D 165 -37.68 -13.23 20.45
N GLY D 166 -38.00 -12.82 19.23
CA GLY D 166 -39.36 -12.69 18.80
C GLY D 166 -39.92 -11.34 19.10
N MET D 167 -39.24 -10.56 19.95
CA MET D 167 -39.72 -9.23 20.29
C MET D 167 -39.52 -8.30 19.10
N LYS D 168 -40.61 -7.68 18.69
CA LYS D 168 -40.59 -6.72 17.65
C LYS D 168 -40.20 -5.37 18.23
N VAL D 169 -38.97 -4.95 17.97
CA VAL D 169 -38.47 -3.69 18.50
C VAL D 169 -38.43 -2.67 17.40
N ARG D 170 -39.21 -1.62 17.55
CA ARG D 170 -39.18 -0.51 16.61
C ARG D 170 -37.80 0.11 16.48
N VAL D 171 -37.43 0.47 15.25
CA VAL D 171 -36.33 1.42 15.02
C VAL D 171 -36.80 2.52 14.06
N GLN D 172 -36.09 3.65 14.03
CA GLN D 172 -36.37 4.66 13.02
C GLN D 172 -35.85 4.12 11.69
N HIS D 173 -36.08 4.84 10.61
CA HIS D 173 -35.56 4.41 9.31
C HIS D 173 -34.05 4.72 9.25
N SER D 174 -33.30 3.72 9.71
CA SER D 174 -31.85 3.78 9.76
C SER D 174 -31.35 2.37 9.67
N ARG D 175 -30.59 2.09 8.61
N ARG D 175 -30.60 2.07 8.61
CA ARG D 175 -30.08 0.75 8.39
CA ARG D 175 -30.08 0.73 8.45
C ARG D 175 -29.09 0.41 9.51
C ARG D 175 -29.12 0.40 9.56
N LEU D 176 -28.46 1.44 10.08
CA LEU D 176 -27.54 1.25 11.21
C LEU D 176 -28.29 0.67 12.40
N PHE D 177 -29.38 1.31 12.79
CA PHE D 177 -30.13 0.86 13.96
C PHE D 177 -30.91 -0.43 13.66
N LEU D 178 -31.43 -0.55 12.43
CA LEU D 178 -32.08 -1.78 12.01
C LEU D 178 -31.12 -2.95 12.25
N GLN D 179 -29.92 -2.89 11.70
CA GLN D 179 -29.02 -4.02 11.80
C GLN D 179 -28.46 -4.14 13.23
N THR D 180 -28.33 -3.02 13.95
CA THR D 180 -27.90 -3.09 15.33
C THR D 180 -28.88 -3.90 16.18
N ILE D 181 -30.16 -3.53 16.14
CA ILE D 181 -31.20 -4.19 16.91
C ILE D 181 -31.35 -5.64 16.46
N ASN D 182 -31.18 -5.89 15.17
CA ASN D 182 -31.27 -7.27 14.66
C ASN D 182 -30.19 -8.12 15.33
N ALA D 183 -28.98 -7.56 15.41
CA ALA D 183 -27.85 -8.28 15.97
C ALA D 183 -28.01 -8.48 17.46
N MET D 184 -28.68 -7.54 18.10
CA MET D 184 -28.92 -7.63 19.54
C MET D 184 -29.98 -8.66 19.92
N GLY D 185 -30.74 -9.12 18.93
CA GLY D 185 -31.67 -10.20 19.16
C GLY D 185 -33.12 -9.90 18.85
N GLY D 186 -33.43 -8.64 18.59
CA GLY D 186 -34.80 -8.28 18.27
C GLY D 186 -35.15 -8.37 16.81
N VAL D 187 -36.46 -8.29 16.54
CA VAL D 187 -36.98 -8.18 15.20
C VAL D 187 -37.19 -6.69 14.94
N PRO D 188 -36.24 -6.07 14.22
CA PRO D 188 -36.31 -4.61 14.05
C PRO D 188 -37.45 -4.27 13.12
N THR D 189 -38.23 -3.28 13.52
CA THR D 189 -39.46 -2.93 12.83
C THR D 189 -39.45 -1.43 12.55
N PRO D 190 -39.00 -1.02 11.35
CA PRO D 190 -38.92 0.41 11.07
C PRO D 190 -40.29 1.13 11.07
N MET D 191 -40.38 2.23 11.81
CA MET D 191 -41.52 3.14 11.74
C MET D 191 -41.13 4.51 12.26
N SER D 192 -41.89 5.51 11.83
CA SER D 192 -41.70 6.88 12.28
C SER D 192 -42.02 7.01 13.75
N LEU D 193 -41.32 7.93 14.42
CA LEU D 193 -41.51 8.13 15.84
C LEU D 193 -42.98 8.32 16.22
N SER D 194 -43.74 9.06 15.42
CA SER D 194 -45.11 9.39 15.81
C SER D 194 -46.03 8.14 15.80
N ASP D 195 -45.64 7.11 15.05
CA ASP D 195 -46.44 5.87 14.94
C ASP D 195 -46.11 4.87 16.06
N VAL D 196 -45.10 5.17 16.87
CA VAL D 196 -44.64 4.24 17.90
C VAL D 196 -45.68 3.99 18.99
N TYR D 197 -46.25 5.04 19.58
CA TYR D 197 -47.14 4.84 20.72
C TYR D 197 -48.36 3.95 20.33
N PRO D 198 -49.02 4.27 19.20
CA PRO D 198 -50.16 3.43 18.78
C PRO D 198 -49.72 2.02 18.41
N GLY D 199 -48.52 1.90 17.84
CA GLY D 199 -47.94 0.59 17.59
C GLY D 199 -47.82 -0.27 18.84
N LEU D 200 -47.31 0.31 19.93
CA LEU D 200 -47.19 -0.41 21.20
C LEU D 200 -48.57 -0.71 21.73
N SER D 201 -49.46 0.27 21.66
CA SER D 201 -50.79 0.13 22.26
C SER D 201 -51.61 -0.97 21.60
N GLU D 202 -51.49 -1.09 20.28
CA GLU D 202 -52.23 -2.04 19.47
C GLU D 202 -51.52 -3.37 19.36
N GLY D 203 -50.33 -3.47 19.95
CA GLY D 203 -49.57 -4.70 20.02
C GLY D 203 -48.84 -5.08 18.73
N ILE D 204 -48.59 -4.10 17.89
CA ILE D 204 -47.87 -4.31 16.64
C ILE D 204 -46.38 -4.39 16.90
N ILE D 205 -45.93 -3.69 17.95
CA ILE D 205 -44.55 -3.78 18.41
C ILE D 205 -44.50 -4.01 19.91
N ASP D 206 -43.39 -4.61 20.36
CA ASP D 206 -43.13 -4.90 21.75
C ASP D 206 -42.23 -3.89 22.47
N GLY D 207 -41.57 -3.00 21.73
CA GLY D 207 -40.72 -2.01 22.36
C GLY D 207 -40.07 -1.07 21.35
N LEU D 208 -39.13 -0.26 21.83
CA LEU D 208 -38.36 0.65 20.98
C LEU D 208 -37.08 0.95 21.72
N GLU D 209 -36.32 1.93 21.23
CA GLU D 209 -35.14 2.36 21.93
C GLU D 209 -34.90 3.87 21.73
N ASN D 210 -34.38 4.52 22.77
CA ASN D 210 -34.23 5.97 22.81
C ASN D 210 -33.69 6.36 24.17
N PRO D 211 -33.20 7.62 24.30
CA PRO D 211 -32.78 8.10 25.63
C PRO D 211 -33.98 8.27 26.57
N THR D 212 -33.73 8.18 27.87
CA THR D 212 -34.80 8.37 28.88
C THR D 212 -35.66 9.61 28.66
N VAL D 213 -35.03 10.75 28.33
CA VAL D 213 -35.83 11.98 28.15
C VAL D 213 -36.80 11.89 27.00
N VAL D 214 -36.42 11.15 25.96
CA VAL D 214 -37.30 10.91 24.82
C VAL D 214 -38.37 9.87 25.15
N LEU D 215 -37.97 8.83 25.86
CA LEU D 215 -38.93 7.81 26.25
C LEU D 215 -40.01 8.39 27.18
N PHE D 216 -39.61 9.30 28.07
CA PHE D 216 -40.56 9.88 29.01
C PHE D 216 -41.41 10.94 28.32
N GLY D 217 -40.73 11.80 27.56
CA GLY D 217 -41.41 12.79 26.76
C GLY D 217 -42.52 12.22 25.89
N GLY D 218 -42.29 11.04 25.32
CA GLY D 218 -43.24 10.46 24.41
C GLY D 218 -44.28 9.61 25.10
N LYS D 219 -44.19 9.51 26.42
CA LYS D 219 -45.16 8.77 27.22
C LYS D 219 -45.24 7.28 26.84
N PHE D 220 -44.16 6.75 26.25
CA PHE D 220 -44.16 5.34 25.83
C PHE D 220 -44.26 4.39 27.01
N PHE D 221 -43.86 4.89 28.19
CA PHE D 221 -43.94 4.11 29.42
C PHE D 221 -45.38 3.74 29.80
N GLU D 222 -46.38 4.42 29.23
CA GLU D 222 -47.77 4.08 29.50
C GLU D 222 -48.09 2.68 28.96
N VAL D 223 -47.39 2.28 27.91
CA VAL D 223 -47.70 1.01 27.27
C VAL D 223 -46.53 0.01 27.16
N ALA D 224 -45.40 0.36 27.76
CA ALA D 224 -44.23 -0.50 27.80
C ALA D 224 -43.43 -0.13 29.05
N LYS D 225 -43.40 -1.04 30.02
CA LYS D 225 -42.92 -0.76 31.36
C LYS D 225 -41.51 -1.23 31.71
N ASN D 226 -40.78 -1.82 30.76
CA ASN D 226 -39.43 -2.30 31.09
C ASN D 226 -38.31 -1.56 30.36
N LEU D 227 -37.54 -0.79 31.12
CA LEU D 227 -36.42 -0.02 30.61
C LEU D 227 -35.20 -0.86 30.82
N ASN D 228 -34.55 -1.28 29.74
CA ASN D 228 -33.42 -2.19 29.88
C ASN D 228 -32.18 -1.46 29.44
N LEU D 229 -31.24 -1.30 30.38
CA LEU D 229 -30.13 -0.32 30.24
C LEU D 229 -28.98 -0.84 29.37
N THR D 230 -29.31 -1.07 28.11
CA THR D 230 -28.34 -1.55 27.12
C THR D 230 -27.32 -0.45 26.77
N ALA D 231 -27.71 0.81 26.89
CA ALA D 231 -26.82 1.94 26.72
C ALA D 231 -25.97 1.73 25.47
N HIS D 232 -26.65 1.39 24.36
CA HIS D 232 -25.95 0.88 23.18
C HIS D 232 -25.42 2.02 22.30
N THR D 233 -25.96 3.22 22.48
CA THR D 233 -25.51 4.39 21.71
C THR D 233 -25.48 5.61 22.58
N LYS D 234 -24.32 6.25 22.69
CA LYS D 234 -24.26 7.61 23.21
C LYS D 234 -24.48 8.54 22.00
N HIS D 235 -25.71 8.97 21.81
CA HIS D 235 -26.17 9.43 20.51
C HIS D 235 -25.85 10.93 20.26
N MET D 236 -25.07 11.22 19.23
CA MET D 236 -24.80 12.60 18.81
C MET D 236 -25.67 12.92 17.60
N SER D 237 -26.27 14.10 17.58
CA SER D 237 -27.17 14.53 16.51
C SER D 237 -26.68 15.72 15.69
N PRO D 238 -26.73 15.61 14.35
CA PRO D 238 -26.56 16.78 13.50
C PRO D 238 -27.89 17.48 13.25
N PHE D 239 -27.82 18.80 13.08
CA PHE D 239 -28.91 19.56 12.47
C PHE D 239 -28.45 20.03 11.10
N VAL D 240 -29.30 19.83 10.09
CA VAL D 240 -28.90 20.01 8.70
C VAL D 240 -29.92 20.87 7.95
N ALA D 241 -29.49 21.42 6.82
CA ALA D 241 -30.39 22.06 5.89
C ALA D 241 -30.04 21.57 4.50
N GLY D 242 -30.94 21.72 3.53
CA GLY D 242 -30.58 21.48 2.16
C GLY D 242 -29.57 22.53 1.70
N THR D 243 -28.56 22.10 0.94
CA THR D 243 -27.62 23.09 0.39
C THR D 243 -28.32 24.15 -0.47
N ALA D 244 -29.32 23.71 -1.22
CA ALA D 244 -30.11 24.63 -2.04
C ALA D 244 -30.69 25.77 -1.20
N PHE D 245 -31.19 25.48 0.00
CA PHE D 245 -31.71 26.55 0.85
C PHE D 245 -30.58 27.30 1.56
N TRP D 246 -29.63 26.55 2.10
CA TRP D 246 -28.63 27.14 2.94
C TRP D 246 -27.76 28.12 2.12
N ASN D 247 -27.37 27.69 0.93
CA ASN D 247 -26.53 28.52 0.04
C ASN D 247 -27.15 29.84 -0.35
N ASN D 248 -28.48 29.93 -0.32
CA ASN D 248 -29.20 31.16 -0.63
C ASN D 248 -29.44 32.09 0.58
N LEU D 249 -28.95 31.72 1.75
CA LEU D 249 -28.93 32.65 2.88
C LEU D 249 -27.68 33.51 2.66
N THR D 250 -27.65 34.72 3.22
CA THR D 250 -26.45 35.53 3.06
C THR D 250 -25.32 34.93 3.89
N PRO D 251 -24.07 35.30 3.59
CA PRO D 251 -22.97 34.84 4.43
C PRO D 251 -23.14 35.34 5.87
N GLU D 252 -23.76 36.52 6.00
CA GLU D 252 -23.92 37.13 7.31
C GLU D 252 -24.90 36.31 8.16
N GLN D 253 -25.99 35.87 7.52
CA GLN D 253 -26.99 35.03 8.15
C GLN D 253 -26.43 33.65 8.48
N GLN D 254 -25.74 33.04 7.54
CA GLN D 254 -25.15 31.73 7.82
C GLN D 254 -24.30 31.84 9.07
N LYS D 255 -23.48 32.88 9.16
CA LYS D 255 -22.54 32.98 10.27
C LYS D 255 -23.28 33.11 11.62
N ILE D 256 -24.34 33.90 11.64
CA ILE D 256 -25.13 34.07 12.88
C ILE D 256 -25.72 32.75 13.31
N ILE D 257 -26.24 32.00 12.35
CA ILE D 257 -26.85 30.70 12.63
C ILE D 257 -25.80 29.72 13.15
N VAL D 258 -24.62 29.75 12.56
CA VAL D 258 -23.55 28.81 12.91
C VAL D 258 -22.95 29.18 14.28
N ASP D 259 -22.67 30.45 14.50
CA ASP D 259 -22.14 30.87 15.80
C ASP D 259 -23.12 30.52 16.91
N ALA D 260 -24.39 30.82 16.70
CA ALA D 260 -25.42 30.55 17.71
C ALA D 260 -25.57 29.05 17.93
N SER D 261 -25.33 28.28 16.89
CA SER D 261 -25.45 26.81 17.02
C SER D 261 -24.39 26.25 17.98
N ARG D 262 -23.20 26.83 17.99
CA ARG D 262 -22.14 26.40 18.90
C ARG D 262 -22.58 26.64 20.35
N GLU D 263 -23.22 27.78 20.59
CA GLU D 263 -23.73 28.10 21.93
C GLU D 263 -24.86 27.16 22.31
N MET D 264 -25.70 26.83 21.34
CA MET D 264 -26.81 25.89 21.56
C MET D 264 -26.29 24.54 22.00
N VAL D 265 -25.18 24.10 21.41
CA VAL D 265 -24.61 22.81 21.82
C VAL D 265 -24.18 22.86 23.27
N THR D 266 -23.54 23.97 23.63
CA THR D 266 -23.04 24.13 24.99
C THR D 266 -24.22 24.19 25.99
N TYR D 267 -25.26 24.94 25.64
CA TYR D 267 -26.48 25.07 26.43
C TYR D 267 -27.13 23.71 26.63
N GLY D 268 -27.29 22.99 25.52
CA GLY D 268 -27.90 21.66 25.54
C GLY D 268 -27.09 20.69 26.36
N GLY D 269 -25.78 20.90 26.41
CA GLY D 269 -24.91 20.10 27.26
C GLY D 269 -25.27 20.30 28.73
N GLY D 270 -25.47 21.55 29.14
CA GLY D 270 -25.92 21.82 30.50
C GLY D 270 -27.29 21.22 30.78
N LEU D 271 -28.19 21.36 29.80
CA LEU D 271 -29.54 20.82 29.96
C LEU D 271 -29.54 19.31 30.18
N ILE D 272 -28.81 18.59 29.33
CA ILE D 272 -28.89 17.15 29.29
C ILE D 272 -28.10 16.48 30.42
N GLU D 273 -27.17 17.22 31.05
CA GLU D 273 -26.28 16.62 32.04
C GLU D 273 -27.02 15.86 33.17
N GLN D 274 -28.08 16.44 33.71
CA GLN D 274 -28.85 15.81 34.79
C GLN D 274 -30.24 15.37 34.29
N ALA D 275 -30.63 15.85 33.12
CA ALA D 275 -31.97 15.60 32.61
C ALA D 275 -32.20 14.13 32.31
N GLU D 276 -31.15 13.38 31.99
CA GLU D 276 -31.36 11.95 31.65
C GLU D 276 -31.67 11.16 32.92
N ASN D 277 -30.98 11.50 34.01
CA ASN D 277 -31.25 10.84 35.28
C ASN D 277 -32.57 11.31 35.90
N GLU D 278 -32.89 12.58 35.70
CA GLU D 278 -34.20 13.07 36.10
C GLU D 278 -35.29 12.28 35.39
N ALA D 279 -35.10 12.05 34.09
CA ALA D 279 -36.09 11.29 33.32
C ALA D 279 -36.14 9.82 33.76
N LEU D 280 -34.98 9.26 34.15
CA LEU D 280 -34.96 7.91 34.74
C LEU D 280 -35.84 7.83 35.96
N GLU D 281 -35.66 8.80 36.85
CA GLU D 281 -36.44 8.83 38.05
C GLU D 281 -37.93 9.03 37.76
N ASN D 282 -38.25 9.88 36.80
CA ASN D 282 -39.66 10.09 36.42
C ASN D 282 -40.31 8.82 35.84
N LEU D 283 -39.53 8.07 35.08
CA LEU D 283 -39.99 6.82 34.51
C LEU D 283 -40.30 5.84 35.65
N LYS D 284 -39.40 5.72 36.61
CA LYS D 284 -39.65 4.87 37.76
C LYS D 284 -40.90 5.29 38.55
N LYS D 285 -41.11 6.58 38.73
CA LYS D 285 -42.28 7.03 39.50
C LYS D 285 -43.55 6.64 38.77
N ALA D 286 -43.45 6.53 37.45
CA ALA D 286 -44.55 6.19 36.57
C ALA D 286 -44.72 4.68 36.40
N GLY D 287 -43.96 3.91 37.19
CA GLY D 287 -44.14 2.47 37.23
C GLY D 287 -43.19 1.66 36.38
N VAL D 288 -42.20 2.32 35.79
CA VAL D 288 -41.23 1.64 34.95
C VAL D 288 -40.25 0.82 35.79
N THR D 289 -40.10 -0.44 35.45
CA THR D 289 -39.02 -1.28 35.99
C THR D 289 -37.75 -1.00 35.19
N VAL D 290 -36.65 -0.78 35.91
CA VAL D 290 -35.35 -0.57 35.29
C VAL D 290 -34.47 -1.80 35.48
N ASN D 291 -34.05 -2.41 34.37
CA ASN D 291 -33.27 -3.64 34.40
C ASN D 291 -31.84 -3.41 33.95
N ASP D 292 -30.89 -3.83 34.77
CA ASP D 292 -29.52 -3.96 34.29
C ASP D 292 -29.41 -5.12 33.30
N VAL D 293 -28.47 -5.01 32.38
CA VAL D 293 -28.29 -6.04 31.36
C VAL D 293 -26.85 -6.53 31.32
N ASP D 294 -26.68 -7.65 30.63
CA ASP D 294 -25.36 -8.20 30.40
C ASP D 294 -24.70 -7.36 29.31
N LEU D 295 -24.03 -6.29 29.72
CA LEU D 295 -23.44 -5.37 28.72
C LEU D 295 -22.39 -6.04 27.83
N PRO D 296 -21.49 -6.85 28.40
CA PRO D 296 -20.56 -7.57 27.52
C PRO D 296 -21.26 -8.41 26.45
N ALA D 297 -22.35 -9.09 26.82
CA ALA D 297 -23.09 -9.90 25.87
C ALA D 297 -23.72 -9.03 24.77
N PHE D 298 -24.36 -7.93 25.17
CA PHE D 298 -24.97 -7.02 24.21
C PHE D 298 -23.92 -6.41 23.29
N GLU D 299 -22.77 -6.03 23.84
CA GLU D 299 -21.71 -5.50 22.98
C GLU D 299 -21.14 -6.56 22.01
N ALA D 300 -20.87 -7.76 22.52
CA ALA D 300 -20.39 -8.85 21.69
C ALA D 300 -21.36 -9.13 20.54
N SER D 301 -22.66 -9.01 20.80
CA SER D 301 -23.66 -9.33 19.79
C SER D 301 -23.54 -8.49 18.49
N VAL D 302 -22.98 -7.28 18.60
CA VAL D 302 -22.85 -6.40 17.41
C VAL D 302 -21.47 -6.43 16.77
N ALA D 303 -20.61 -7.36 17.19
CA ALA D 303 -19.23 -7.39 16.77
C ALA D 303 -19.08 -7.51 15.26
N ASP D 304 -19.95 -8.30 14.63
CA ASP D 304 -19.92 -8.42 13.19
C ASP D 304 -20.58 -7.23 12.47
N VAL D 305 -21.72 -6.75 12.96
CA VAL D 305 -22.36 -5.58 12.36
C VAL D 305 -21.36 -4.42 12.23
N ILE D 306 -20.59 -4.17 13.28
CA ILE D 306 -19.70 -3.00 13.31
C ILE D 306 -18.45 -3.16 12.44
N SER D 307 -18.14 -4.40 12.03
CA SER D 307 -16.91 -4.66 11.32
C SER D 307 -17.19 -5.00 9.85
N THR D 308 -18.11 -5.93 9.61
CA THR D 308 -18.39 -6.36 8.23
C THR D 308 -19.85 -6.19 7.77
N GLY D 309 -20.70 -5.68 8.67
CA GLY D 309 -22.11 -5.51 8.38
C GLY D 309 -22.44 -4.52 7.28
N PHE D 310 -21.62 -3.46 7.17
CA PHE D 310 -21.81 -2.45 6.15
C PHE D 310 -20.54 -2.35 5.33
N PRO D 311 -20.46 -3.17 4.27
CA PRO D 311 -19.22 -3.25 3.51
C PRO D 311 -18.92 -1.96 2.81
N GLU D 312 -19.92 -1.09 2.67
CA GLU D 312 -19.70 0.21 2.02
C GLU D 312 -18.84 1.15 2.90
N TRP D 313 -18.73 0.87 4.19
CA TRP D 313 -17.81 1.62 5.04
C TRP D 313 -16.39 1.34 4.59
N SER D 314 -15.50 2.29 4.85
CA SER D 314 -14.07 2.06 4.73
C SER D 314 -13.66 0.89 5.63
N PRO D 315 -12.76 0.04 5.15
CA PRO D 315 -12.26 -1.06 5.98
C PRO D 315 -11.77 -0.62 7.35
N ASN D 316 -12.17 -1.36 8.39
CA ASN D 316 -11.65 -1.19 9.75
C ASN D 316 -12.05 0.13 10.36
N LEU D 317 -13.14 0.71 9.85
CA LEU D 317 -13.55 2.05 10.28
C LEU D 317 -13.81 2.15 11.80
N TYR D 318 -14.59 1.23 12.36
CA TYR D 318 -14.87 1.22 13.79
C TYR D 318 -13.59 1.10 14.62
N LYS D 319 -12.72 0.16 14.22
CA LYS D 319 -11.46 -0.03 14.95
C LYS D 319 -10.65 1.26 14.89
N ASN D 320 -10.63 1.88 13.73
CA ASN D 320 -9.76 3.06 13.56
C ASN D 320 -10.30 4.22 14.41
N VAL D 321 -11.62 4.32 14.50
CA VAL D 321 -12.20 5.38 15.29
C VAL D 321 -11.94 5.10 16.78
N GLN D 322 -12.13 3.86 17.21
CA GLN D 322 -11.79 3.50 18.59
C GLN D 322 -10.29 3.77 18.89
N GLU D 323 -9.40 3.57 17.94
CA GLU D 323 -8.00 3.89 18.18
C GLU D 323 -7.81 5.39 18.41
N LYS D 324 -8.49 6.23 17.62
CA LYS D 324 -8.42 7.67 17.82
C LYS D 324 -8.92 8.08 19.21
N LEU D 325 -9.98 7.43 19.68
CA LEU D 325 -10.58 7.73 20.99
C LEU D 325 -10.02 6.91 22.16
N SER D 326 -8.82 6.36 21.99
CA SER D 326 -8.19 5.49 22.99
C SER D 326 -8.12 6.16 24.38
N GLU E 26 65.83 -19.54 -33.55
CA GLU E 26 64.37 -19.40 -33.46
C GLU E 26 63.96 -18.25 -32.55
N THR E 27 62.81 -17.65 -32.86
CA THR E 27 62.23 -16.63 -32.02
C THR E 27 61.01 -17.23 -31.32
N GLU E 28 61.14 -17.44 -30.01
CA GLU E 28 60.04 -17.99 -29.21
C GLU E 28 59.15 -16.87 -28.68
N ILE E 29 57.84 -17.03 -28.84
CA ILE E 29 56.89 -16.06 -28.34
C ILE E 29 55.85 -16.76 -27.46
N MET E 30 55.62 -16.23 -26.26
CA MET E 30 54.65 -16.83 -25.34
C MET E 30 53.28 -16.22 -25.61
N VAL E 31 52.25 -17.07 -25.70
CA VAL E 31 50.89 -16.62 -26.01
C VAL E 31 49.96 -16.88 -24.80
N ALA E 32 49.45 -15.81 -24.22
CA ALA E 32 48.75 -15.85 -22.96
C ALA E 32 47.28 -15.60 -23.11
N TYR E 33 46.45 -16.36 -22.40
CA TYR E 33 45.02 -16.15 -22.41
C TYR E 33 44.41 -16.91 -21.24
N GLY E 34 43.12 -16.68 -20.99
CA GLY E 34 42.48 -17.21 -19.79
C GLY E 34 41.64 -18.45 -20.02
N ASN E 35 41.41 -18.80 -21.28
CA ASN E 35 40.55 -19.92 -21.59
C ASN E 35 41.21 -21.25 -21.30
N GLN E 36 40.38 -22.27 -21.12
CA GLN E 36 40.89 -23.61 -20.84
C GLN E 36 41.20 -24.36 -22.13
N PRO E 37 42.11 -25.34 -22.05
CA PRO E 37 42.37 -26.21 -23.20
C PRO E 37 41.08 -26.78 -23.75
N GLY E 38 40.98 -26.79 -25.07
CA GLY E 38 39.83 -27.33 -25.77
C GLY E 38 38.79 -26.29 -26.12
N GLU E 39 38.80 -25.14 -25.42
CA GLU E 39 37.89 -24.04 -25.76
C GLU E 39 38.20 -23.47 -27.14
N PRO E 40 37.22 -22.82 -27.76
CA PRO E 40 37.53 -22.25 -29.07
C PRO E 40 38.75 -21.31 -29.10
N ILE E 41 38.93 -20.44 -28.12
CA ILE E 41 40.11 -19.57 -28.17
C ILE E 41 41.38 -20.40 -28.10
N ASP E 42 41.39 -21.42 -27.27
CA ASP E 42 42.54 -22.32 -27.21
C ASP E 42 42.80 -23.04 -28.57
N LYS E 43 41.76 -23.57 -29.21
CA LYS E 43 41.95 -24.20 -30.52
C LYS E 43 42.45 -23.19 -31.55
N ALA E 44 41.91 -21.97 -31.48
CA ALA E 44 42.37 -20.90 -32.37
C ALA E 44 43.84 -20.58 -32.15
N MET E 45 44.29 -20.55 -30.89
CA MET E 45 45.69 -20.26 -30.59
C MET E 45 46.60 -21.38 -31.13
N HIS E 46 46.15 -22.63 -31.04
CA HIS E 46 46.91 -23.72 -31.64
C HIS E 46 46.99 -23.65 -33.16
N PHE E 47 45.88 -23.27 -33.79
CA PHE E 47 45.88 -23.02 -35.22
C PHE E 47 46.92 -21.95 -35.59
N TRP E 48 46.92 -20.87 -34.83
CA TRP E 48 47.82 -19.73 -35.15
C TRP E 48 49.24 -20.21 -34.98
N ALA E 49 49.50 -20.87 -33.87
CA ALA E 49 50.83 -21.39 -33.60
C ALA E 49 51.35 -22.31 -34.70
N ASP E 50 50.51 -23.25 -35.12
CA ASP E 50 50.95 -24.20 -36.14
C ASP E 50 51.25 -23.44 -37.45
N LYS E 51 50.39 -22.49 -37.79
CA LYS E 51 50.50 -21.77 -39.04
C LYS E 51 51.81 -20.94 -39.06
N VAL E 52 52.07 -20.26 -37.96
CA VAL E 52 53.28 -19.44 -37.84
C VAL E 52 54.53 -20.31 -37.92
N LYS E 53 54.47 -21.50 -37.34
CA LYS E 53 55.66 -22.36 -37.35
C LYS E 53 55.89 -22.89 -38.76
N GLU E 54 54.80 -23.17 -39.46
CA GLU E 54 54.85 -23.72 -40.81
C GLU E 54 55.39 -22.67 -41.78
N LYS E 55 54.80 -21.48 -41.76
CA LYS E 55 55.15 -20.44 -42.72
C LYS E 55 56.56 -19.91 -42.48
N SER E 56 57.05 -20.04 -41.25
CA SER E 56 58.35 -19.51 -40.90
C SER E 56 59.44 -20.58 -40.87
N ASN E 57 59.09 -21.78 -41.32
CA ASN E 57 60.04 -22.89 -41.33
C ASN E 57 60.69 -23.10 -39.96
N GLY E 58 59.94 -22.87 -38.89
CA GLY E 58 60.45 -23.07 -37.55
C GLY E 58 61.17 -21.89 -36.91
N ASP E 59 61.31 -20.79 -37.65
CA ASP E 59 61.98 -19.60 -37.12
C ASP E 59 61.18 -18.87 -36.04
N ILE E 60 59.86 -19.04 -36.07
CA ILE E 60 58.99 -18.43 -35.09
C ILE E 60 58.16 -19.53 -34.42
N VAL E 61 58.33 -19.70 -33.12
CA VAL E 61 57.60 -20.71 -32.38
C VAL E 61 56.74 -20.04 -31.33
N PHE E 62 55.44 -20.32 -31.35
CA PHE E 62 54.55 -19.93 -30.26
C PHE E 62 54.52 -21.01 -29.17
N LYS E 63 54.59 -20.56 -27.92
CA LYS E 63 54.40 -21.40 -26.75
C LYS E 63 53.12 -20.91 -26.07
N LEU E 64 52.13 -21.80 -25.89
CA LEU E 64 50.81 -21.41 -25.43
C LEU E 64 50.63 -21.57 -23.91
N PHE E 65 50.03 -20.56 -23.32
CA PHE E 65 49.81 -20.50 -21.88
C PHE E 65 48.34 -20.22 -21.63
N PRO E 66 47.50 -21.28 -21.75
CA PRO E 66 46.08 -21.13 -21.43
C PRO E 66 45.89 -21.01 -19.93
N SER E 67 44.64 -20.90 -19.51
CA SER E 67 44.27 -20.97 -18.10
C SER E 67 45.02 -19.96 -17.22
N SER E 68 45.35 -18.80 -17.78
CA SER E 68 45.99 -17.72 -17.00
C SER E 68 47.34 -18.17 -16.42
N GLN E 69 48.02 -19.09 -17.09
CA GLN E 69 49.28 -19.63 -16.55
C GLN E 69 50.35 -18.56 -16.31
N LEU E 70 50.40 -17.55 -17.18
CA LEU E 70 51.41 -16.50 -17.07
C LEU E 70 51.05 -15.42 -16.09
N GLY E 71 49.82 -15.45 -15.59
CA GLY E 71 49.34 -14.43 -14.66
C GLY E 71 47.95 -13.98 -15.10
N SER E 72 47.34 -13.06 -14.37
CA SER E 72 46.07 -12.49 -14.78
C SER E 72 46.23 -11.73 -16.10
N GLU E 73 45.11 -11.53 -16.80
CA GLU E 73 45.11 -10.75 -18.06
C GLU E 73 45.76 -9.39 -17.86
N THR E 74 45.39 -8.71 -16.78
CA THR E 74 45.90 -7.35 -16.50
C THR E 74 47.39 -7.40 -16.19
N GLU E 75 47.81 -8.36 -15.39
CA GLU E 75 49.24 -8.53 -15.08
C GLU E 75 50.10 -8.80 -16.32
N VAL E 76 49.60 -9.67 -17.19
CA VAL E 76 50.35 -10.05 -18.39
C VAL E 76 50.50 -8.86 -19.38
N LEU E 77 49.48 -8.05 -19.53
CA LEU E 77 49.61 -6.86 -20.38
C LEU E 77 50.79 -6.01 -19.91
N GLU E 78 50.93 -5.92 -18.60
CA GLU E 78 52.02 -5.16 -17.98
C GLU E 78 53.39 -5.75 -18.35
N GLN E 79 53.49 -7.07 -18.31
CA GLN E 79 54.73 -7.76 -18.67
C GLN E 79 55.07 -7.49 -20.14
N ALA E 80 54.05 -7.48 -20.99
CA ALA E 80 54.23 -7.27 -22.42
C ALA E 80 54.68 -5.83 -22.66
N LYS E 81 54.07 -4.90 -21.93
CA LYS E 81 54.37 -3.49 -22.10
C LYS E 81 55.83 -3.21 -21.78
N PHE E 82 56.41 -4.00 -20.90
CA PHE E 82 57.80 -3.77 -20.54
C PHE E 82 58.78 -4.58 -21.37
N GLY E 83 58.28 -5.28 -22.38
CA GLY E 83 59.16 -5.84 -23.39
C GLY E 83 59.34 -7.34 -23.37
N ALA E 84 58.57 -8.03 -22.52
CA ALA E 84 58.58 -9.49 -22.54
C ALA E 84 58.08 -10.03 -23.87
N ASN E 85 58.56 -11.21 -24.24
CA ASN E 85 58.22 -11.80 -25.53
C ASN E 85 56.85 -12.45 -25.46
N ILE E 86 55.83 -11.60 -25.37
CA ILE E 86 54.47 -12.06 -25.13
C ILE E 86 53.51 -11.45 -26.11
N ILE E 87 52.62 -12.29 -26.61
CA ILE E 87 51.39 -11.88 -27.28
C ILE E 87 50.29 -12.33 -26.29
N THR E 88 49.45 -11.40 -25.85
CA THR E 88 48.38 -11.73 -24.92
C THR E 88 47.05 -11.24 -25.46
N ILE E 89 45.99 -11.97 -25.15
CA ILE E 89 44.66 -11.44 -25.34
C ILE E 89 44.52 -10.24 -24.38
N SER E 90 43.69 -9.28 -24.77
CA SER E 90 43.36 -8.14 -23.95
C SER E 90 41.89 -7.84 -24.19
N ASP E 91 41.47 -6.64 -23.85
CA ASP E 91 40.08 -6.29 -23.90
C ASP E 91 39.99 -4.83 -24.14
N TYR E 92 39.10 -4.46 -25.06
CA TYR E 92 38.91 -3.05 -25.37
C TYR E 92 38.44 -2.23 -24.17
N GLY E 93 37.57 -2.80 -23.35
CA GLY E 93 37.14 -2.12 -22.14
C GLY E 93 38.23 -1.88 -21.13
N ALA E 94 39.17 -2.82 -21.02
CA ALA E 94 40.32 -2.63 -20.14
C ALA E 94 41.29 -1.61 -20.76
N LEU E 95 41.45 -1.67 -22.08
CA LEU E 95 42.35 -0.74 -22.78
C LEU E 95 41.85 0.71 -22.82
N MET E 96 40.59 0.90 -22.48
CA MET E 96 40.01 2.22 -22.46
C MET E 96 40.59 3.05 -21.30
N ASP E 97 41.34 2.42 -20.40
CA ASP E 97 42.12 3.19 -19.43
C ASP E 97 43.18 4.03 -20.14
N ILE E 98 43.63 3.55 -21.31
CA ILE E 98 44.74 4.13 -22.03
C ILE E 98 44.27 5.00 -23.20
N VAL E 99 43.40 4.44 -24.06
CA VAL E 99 42.76 5.19 -25.14
C VAL E 99 41.27 4.99 -24.95
N PRO E 100 40.58 5.98 -24.33
CA PRO E 100 39.18 5.81 -23.93
C PRO E 100 38.23 5.29 -25.00
N ASP E 101 38.31 5.80 -26.23
CA ASP E 101 37.28 5.46 -27.21
C ASP E 101 37.26 3.99 -27.65
N LEU E 102 38.32 3.26 -27.36
CA LEU E 102 38.38 1.86 -27.73
C LEU E 102 37.28 1.12 -26.99
N GLY E 103 36.93 1.62 -25.80
CA GLY E 103 35.97 0.94 -24.95
C GLY E 103 34.61 0.72 -25.58
N VAL E 104 34.26 1.48 -26.59
CA VAL E 104 32.92 1.43 -27.16
C VAL E 104 32.69 0.16 -28.00
N ILE E 105 33.76 -0.51 -28.38
CA ILE E 105 33.69 -1.61 -29.36
C ILE E 105 32.73 -2.69 -28.82
N ASN E 106 32.77 -2.92 -27.51
CA ASN E 106 31.94 -3.96 -26.87
C ASN E 106 30.93 -3.38 -25.90
N ALA E 107 30.60 -2.11 -26.10
CA ALA E 107 29.57 -1.47 -25.27
C ALA E 107 28.29 -2.27 -25.42
N PRO E 108 27.52 -2.36 -24.35
CA PRO E 108 26.34 -3.24 -24.33
C PRO E 108 25.35 -2.93 -25.45
N TYR E 109 24.91 -3.97 -26.17
CA TYR E 109 23.86 -3.89 -27.20
C TYR E 109 24.20 -3.04 -28.45
N ILE E 110 25.47 -2.70 -28.64
CA ILE E 110 25.81 -1.77 -29.71
C ILE E 110 25.57 -2.41 -31.09
N SER E 111 25.79 -3.71 -31.18
CA SER E 111 25.52 -4.45 -32.43
C SER E 111 25.33 -5.93 -32.17
N GLN E 112 24.37 -6.54 -32.86
CA GLN E 112 24.23 -7.99 -32.81
C GLN E 112 25.15 -8.74 -33.79
N SER E 113 25.93 -8.03 -34.59
CA SER E 113 26.70 -8.67 -35.67
C SER E 113 28.21 -8.68 -35.47
N PHE E 114 28.80 -9.88 -35.31
CA PHE E 114 30.25 -9.97 -35.21
C PHE E 114 30.88 -9.48 -36.50
N GLU E 115 30.27 -9.79 -37.63
CA GLU E 115 30.84 -9.36 -38.93
C GLU E 115 30.86 -7.82 -39.08
N LYS E 116 29.81 -7.15 -38.62
CA LYS E 116 29.81 -5.69 -38.72
C LYS E 116 30.91 -5.10 -37.83
N LYS E 117 31.06 -5.66 -36.64
CA LYS E 117 32.16 -5.22 -35.78
C LYS E 117 33.50 -5.53 -36.44
N SER E 118 33.62 -6.65 -37.12
CA SER E 118 34.89 -6.91 -37.82
C SER E 118 35.18 -5.77 -38.78
N LYS E 119 34.17 -5.32 -39.53
CA LYS E 119 34.39 -4.23 -40.48
C LYS E 119 34.78 -2.94 -39.76
N LEU E 120 34.08 -2.65 -38.67
CA LEU E 120 34.41 -1.50 -37.86
C LEU E 120 35.87 -1.58 -37.45
N LEU E 121 36.31 -2.79 -37.13
CA LEU E 121 37.68 -2.98 -36.64
C LEU E 121 38.73 -2.96 -37.75
N HIS E 122 38.28 -2.70 -38.97
CA HIS E 122 39.18 -2.42 -40.10
C HIS E 122 38.99 -1.01 -40.64
N SER E 123 38.28 -0.19 -39.89
CA SER E 123 38.02 1.17 -40.34
C SER E 123 39.17 2.12 -40.00
N ASP E 124 39.22 3.26 -40.67
CA ASP E 124 40.21 4.31 -40.37
C ASP E 124 39.99 4.81 -38.94
N TRP E 125 38.73 4.82 -38.50
CA TRP E 125 38.39 5.26 -37.15
C TRP E 125 39.14 4.42 -36.14
N PHE E 126 39.13 3.11 -36.36
CA PHE E 126 39.83 2.20 -35.48
C PHE E 126 41.34 2.26 -35.64
N LYS E 127 41.82 2.34 -36.88
CA LYS E 127 43.25 2.41 -37.09
C LYS E 127 43.86 3.56 -36.32
N ASP E 128 43.16 4.69 -36.27
CA ASP E 128 43.69 5.88 -35.58
C ASP E 128 43.78 5.65 -34.08
N LEU E 129 42.85 4.85 -33.53
CA LEU E 129 42.91 4.54 -32.13
C LEU E 129 44.03 3.54 -31.84
N SER E 130 44.24 2.58 -32.73
CA SER E 130 45.34 1.64 -32.58
C SER E 130 46.68 2.40 -32.63
N ASP E 131 46.78 3.35 -33.54
CA ASP E 131 48.00 4.19 -33.63
C ASP E 131 48.25 4.94 -32.32
N LYS E 132 47.19 5.52 -31.76
CA LYS E 132 47.32 6.17 -30.45
C LYS E 132 47.78 5.18 -29.39
N LEU E 133 47.23 3.96 -29.37
CA LEU E 133 47.62 3.00 -28.33
C LEU E 133 49.10 2.61 -28.49
N ASP E 134 49.56 2.47 -29.73
CA ASP E 134 50.98 2.20 -29.98
C ASP E 134 51.91 3.20 -29.25
N GLN E 135 51.53 4.46 -29.25
CA GLN E 135 52.34 5.49 -28.55
C GLN E 135 52.35 5.30 -27.04
N HIS E 136 51.44 4.46 -26.56
CA HIS E 136 51.37 4.13 -25.13
C HIS E 136 51.91 2.73 -24.88
N ASP E 137 52.72 2.26 -25.82
CA ASP E 137 53.56 1.08 -25.68
C ASP E 137 52.86 -0.26 -25.85
N ILE E 138 51.63 -0.25 -26.33
CA ILE E 138 50.90 -1.50 -26.62
C ILE E 138 50.45 -1.53 -28.08
N HIS E 139 50.71 -2.65 -28.77
CA HIS E 139 50.31 -2.79 -30.16
C HIS E 139 49.33 -3.93 -30.39
N ILE E 140 48.18 -3.56 -30.95
CA ILE E 140 47.19 -4.53 -31.33
C ILE E 140 47.65 -5.19 -32.64
N ILE E 141 47.91 -6.49 -32.56
CA ILE E 141 48.28 -7.32 -33.70
C ILE E 141 47.08 -7.81 -34.49
N VAL E 142 46.08 -8.29 -33.79
CA VAL E 142 44.86 -8.77 -34.44
C VAL E 142 43.69 -8.22 -33.62
N PRO E 143 42.79 -7.49 -34.28
CA PRO E 143 41.82 -6.75 -33.48
C PRO E 143 40.48 -7.43 -33.32
N ASP E 144 40.23 -8.50 -34.08
CA ASP E 144 38.88 -8.92 -34.32
C ASP E 144 38.61 -10.42 -34.09
N VAL E 145 39.23 -11.00 -33.08
CA VAL E 145 38.91 -12.38 -32.71
C VAL E 145 37.52 -12.45 -32.10
N ILE E 146 36.66 -13.34 -32.62
CA ILE E 146 35.32 -13.51 -32.07
C ILE E 146 35.39 -14.30 -30.77
N TYR E 147 35.01 -13.67 -29.66
CA TYR E 147 35.10 -14.29 -28.35
C TYR E 147 33.78 -14.98 -27.96
N GLY E 148 32.67 -14.43 -28.47
CA GLY E 148 31.32 -14.95 -28.27
C GLY E 148 30.33 -13.97 -27.65
N THR E 149 29.10 -14.42 -27.45
CA THR E 149 28.08 -13.57 -26.84
C THR E 149 28.06 -13.78 -25.33
N ARG E 150 28.29 -12.68 -24.58
CA ARG E 150 28.29 -12.74 -23.14
C ARG E 150 26.86 -12.74 -22.58
N HIS E 151 26.64 -13.65 -21.63
CA HIS E 151 25.42 -13.74 -20.86
C HIS E 151 25.74 -13.79 -19.38
N LEU E 152 24.74 -13.53 -18.54
CA LEU E 152 24.88 -13.74 -17.11
C LEU E 152 24.81 -15.21 -16.71
N LEU E 153 25.63 -15.62 -15.74
CA LEU E 153 25.48 -16.90 -15.08
C LEU E 153 25.44 -16.61 -13.59
N THR E 154 24.33 -16.98 -12.95
CA THR E 154 24.09 -16.57 -11.56
C THR E 154 23.47 -17.72 -10.75
N LYS E 155 23.49 -17.55 -9.44
CA LYS E 155 22.93 -18.54 -8.53
C LYS E 155 21.41 -18.56 -8.52
N LYS E 156 20.78 -17.40 -8.66
CA LYS E 156 19.33 -17.34 -8.76
C LYS E 156 18.91 -16.78 -10.11
N PRO E 157 17.69 -17.11 -10.55
CA PRO E 157 17.25 -16.62 -11.85
C PRO E 157 17.22 -15.09 -11.98
N VAL E 158 17.62 -14.63 -13.15
CA VAL E 158 17.53 -13.23 -13.48
C VAL E 158 16.81 -13.09 -14.79
N THR E 159 15.64 -12.44 -14.79
CA THR E 159 14.91 -12.26 -16.05
C THR E 159 14.67 -10.80 -16.39
N LYS E 160 15.09 -9.92 -15.49
CA LYS E 160 14.86 -8.49 -15.64
C LYS E 160 15.82 -7.76 -14.71
N PRO E 161 16.15 -6.52 -15.07
CA PRO E 161 17.12 -5.74 -14.29
C PRO E 161 16.89 -5.74 -12.78
N SER E 162 15.63 -5.59 -12.36
CA SER E 162 15.33 -5.57 -10.92
C SER E 162 15.75 -6.85 -10.18
N ASP E 163 15.79 -7.98 -10.88
CA ASP E 163 16.31 -9.22 -10.31
C ASP E 163 17.77 -9.14 -9.86
N LEU E 164 18.53 -8.17 -10.37
CA LEU E 164 19.93 -8.03 -9.99
C LEU E 164 20.14 -7.24 -8.72
N LYS E 165 19.06 -6.70 -8.15
CA LYS E 165 19.14 -5.91 -6.94
C LYS E 165 20.00 -6.57 -5.86
N GLY E 166 21.04 -5.84 -5.44
CA GLY E 166 21.98 -6.33 -4.44
C GLY E 166 22.77 -7.58 -4.80
N MET E 167 22.65 -8.05 -6.04
CA MET E 167 23.39 -9.25 -6.45
C MET E 167 24.85 -8.89 -6.78
N LYS E 168 25.79 -9.58 -6.15
CA LYS E 168 27.21 -9.38 -6.41
C LYS E 168 27.64 -10.10 -7.69
N VAL E 169 27.80 -9.35 -8.77
CA VAL E 169 28.08 -9.94 -10.07
C VAL E 169 29.51 -9.62 -10.44
N ARG E 170 30.32 -10.66 -10.54
CA ARG E 170 31.72 -10.44 -10.88
C ARG E 170 31.87 -9.86 -12.27
N VAL E 171 32.80 -8.93 -12.40
CA VAL E 171 33.34 -8.54 -13.70
C VAL E 171 34.85 -8.62 -13.71
N GLN E 172 35.44 -8.72 -14.91
CA GLN E 172 36.86 -8.57 -15.01
C GLN E 172 37.25 -7.13 -14.72
N HIS E 173 38.55 -6.86 -14.68
CA HIS E 173 39.01 -5.50 -14.51
C HIS E 173 38.82 -4.74 -15.80
N SER E 174 37.69 -4.08 -15.91
CA SER E 174 37.32 -3.34 -17.12
C SER E 174 36.27 -2.35 -16.79
N ARG E 175 36.58 -1.10 -17.01
CA ARG E 175 35.66 -0.02 -16.76
C ARG E 175 34.35 -0.18 -17.53
N LEU E 176 34.42 -0.67 -18.76
CA LEU E 176 33.22 -0.87 -19.55
C LEU E 176 32.25 -1.83 -18.86
N PHE E 177 32.76 -2.95 -18.37
CA PHE E 177 31.86 -3.98 -17.77
C PHE E 177 31.45 -3.61 -16.35
N LEU E 178 32.31 -2.91 -15.62
CA LEU E 178 31.94 -2.49 -14.27
C LEU E 178 30.71 -1.59 -14.41
N GLN E 179 30.84 -0.61 -15.32
CA GLN E 179 29.79 0.36 -15.50
C GLN E 179 28.52 -0.28 -16.10
N THR E 180 28.70 -1.25 -17.01
CA THR E 180 27.56 -1.93 -17.61
C THR E 180 26.76 -2.70 -16.57
N ILE E 181 27.43 -3.50 -15.77
CA ILE E 181 26.73 -4.28 -14.72
C ILE E 181 26.11 -3.36 -13.67
N ASN E 182 26.76 -2.24 -13.36
CA ASN E 182 26.16 -1.30 -12.43
C ASN E 182 24.87 -0.72 -12.99
N ALA E 183 24.88 -0.44 -14.30
CA ALA E 183 23.72 0.15 -14.95
C ALA E 183 22.57 -0.87 -15.06
N MET E 184 22.90 -2.13 -15.31
CA MET E 184 21.92 -3.20 -15.44
C MET E 184 21.24 -3.48 -14.12
N GLY E 185 21.87 -3.07 -13.03
CA GLY E 185 21.22 -3.13 -11.73
C GLY E 185 21.91 -3.98 -10.70
N GLY E 186 23.06 -4.54 -11.05
CA GLY E 186 23.82 -5.36 -10.12
C GLY E 186 24.90 -4.62 -9.35
N VAL E 187 25.60 -5.36 -8.49
CA VAL E 187 26.74 -4.84 -7.76
C VAL E 187 28.02 -5.43 -8.35
N PRO E 188 28.73 -4.65 -9.19
CA PRO E 188 29.87 -5.23 -9.90
C PRO E 188 31.00 -5.46 -8.91
N THR E 189 31.64 -6.60 -9.05
CA THR E 189 32.75 -6.97 -8.18
C THR E 189 33.92 -7.40 -9.08
N PRO E 190 34.91 -6.52 -9.24
CA PRO E 190 35.99 -6.86 -10.16
C PRO E 190 36.92 -7.93 -9.60
N MET E 191 37.32 -8.88 -10.43
CA MET E 191 38.24 -9.92 -9.98
C MET E 191 38.78 -10.68 -11.17
N SER E 192 39.99 -11.20 -11.03
CA SER E 192 40.64 -11.92 -12.12
C SER E 192 39.89 -13.22 -12.39
N LEU E 193 39.96 -13.69 -13.63
CA LEU E 193 39.18 -14.85 -14.00
C LEU E 193 39.47 -16.09 -13.14
N SER E 194 40.74 -16.32 -12.84
CA SER E 194 41.14 -17.48 -12.08
C SER E 194 40.59 -17.46 -10.64
N ASP E 195 40.17 -16.28 -10.18
CA ASP E 195 39.62 -16.15 -8.82
C ASP E 195 38.11 -16.33 -8.76
N VAL E 196 37.47 -16.45 -9.91
CA VAL E 196 36.01 -16.50 -9.95
C VAL E 196 35.41 -17.79 -9.36
N TYR E 197 35.95 -18.94 -9.75
CA TYR E 197 35.39 -20.20 -9.26
C TYR E 197 35.42 -20.22 -7.72
N PRO E 198 36.57 -19.92 -7.09
CA PRO E 198 36.55 -19.92 -5.62
C PRO E 198 35.68 -18.81 -5.04
N GLY E 199 35.59 -17.68 -5.73
CA GLY E 199 34.72 -16.60 -5.28
C GLY E 199 33.28 -17.03 -5.15
N LEU E 200 32.81 -17.71 -6.18
CA LEU E 200 31.46 -18.27 -6.18
C LEU E 200 31.30 -19.32 -5.08
N SER E 201 32.28 -20.21 -4.98
CA SER E 201 32.23 -21.28 -4.01
C SER E 201 32.14 -20.73 -2.59
N GLU E 202 32.84 -19.62 -2.35
CA GLU E 202 32.98 -19.05 -1.02
C GLU E 202 31.96 -17.96 -0.73
N GLY E 203 31.10 -17.67 -1.70
CA GLY E 203 30.01 -16.72 -1.52
C GLY E 203 30.42 -15.26 -1.61
N ILE E 204 31.63 -15.01 -2.09
CA ILE E 204 32.11 -13.64 -2.30
C ILE E 204 31.34 -12.97 -3.44
N ILE E 205 30.94 -13.76 -4.45
CA ILE E 205 30.13 -13.28 -5.55
C ILE E 205 29.00 -14.28 -5.84
N ASP E 206 27.93 -13.78 -6.47
CA ASP E 206 26.75 -14.58 -6.79
C ASP E 206 26.65 -14.93 -8.27
N GLY E 207 27.60 -14.48 -9.07
CA GLY E 207 27.53 -14.78 -10.49
C GLY E 207 28.60 -14.03 -11.26
N LEU E 208 28.56 -14.19 -12.57
CA LEU E 208 29.50 -13.54 -13.49
C LEU E 208 28.87 -13.46 -14.87
N GLU E 209 29.62 -12.98 -15.87
CA GLU E 209 29.11 -12.98 -17.22
C GLU E 209 30.21 -13.35 -18.22
N ASN E 210 29.85 -14.04 -19.30
CA ASN E 210 30.81 -14.55 -20.27
C ASN E 210 30.05 -15.36 -21.31
N PRO E 211 30.71 -15.71 -22.38
CA PRO E 211 30.00 -16.56 -23.33
C PRO E 211 29.85 -17.99 -22.84
N THR E 212 28.94 -18.72 -23.47
CA THR E 212 28.71 -20.08 -23.03
C THR E 212 30.00 -20.93 -23.04
N VAL E 213 30.86 -20.75 -24.04
CA VAL E 213 31.97 -21.66 -24.14
C VAL E 213 32.96 -21.47 -22.98
N VAL E 214 32.99 -20.24 -22.46
CA VAL E 214 33.86 -19.87 -21.35
C VAL E 214 33.23 -20.29 -20.00
N LEU E 215 31.94 -20.09 -19.88
CA LEU E 215 31.20 -20.55 -18.69
C LEU E 215 31.39 -22.07 -18.52
N PHE E 216 31.25 -22.82 -19.61
CA PHE E 216 31.35 -24.26 -19.55
C PHE E 216 32.78 -24.68 -19.28
N GLY E 217 33.73 -24.05 -19.99
CA GLY E 217 35.12 -24.39 -19.85
C GLY E 217 35.68 -24.21 -18.47
N GLY E 218 35.23 -23.16 -17.78
CA GLY E 218 35.70 -22.87 -16.43
C GLY E 218 34.90 -23.55 -15.33
N LYS E 219 33.93 -24.36 -15.72
CA LYS E 219 33.14 -25.22 -14.83
C LYS E 219 32.29 -24.42 -13.86
N PHE E 220 31.96 -23.18 -14.24
CA PHE E 220 31.22 -22.29 -13.37
C PHE E 220 29.83 -22.84 -13.05
N PHE E 221 29.32 -23.71 -13.93
CA PHE E 221 28.02 -24.34 -13.73
C PHE E 221 27.97 -25.19 -12.49
N GLU E 222 29.14 -25.56 -11.94
CA GLU E 222 29.18 -26.35 -10.72
C GLU E 222 28.72 -25.53 -9.51
N VAL E 223 28.81 -24.21 -9.61
CA VAL E 223 28.52 -23.35 -8.48
C VAL E 223 27.52 -22.23 -8.80
N ALA E 224 27.12 -22.10 -10.07
CA ALA E 224 26.03 -21.19 -10.45
C ALA E 224 25.23 -21.80 -11.61
N LYS E 225 23.92 -22.01 -11.41
CA LYS E 225 23.16 -22.83 -12.35
C LYS E 225 22.03 -22.10 -13.07
N ASN E 226 22.10 -20.77 -13.14
CA ASN E 226 21.15 -20.01 -13.97
C ASN E 226 21.86 -19.20 -15.06
N LEU E 227 21.68 -19.62 -16.30
CA LEU E 227 22.17 -18.91 -17.44
C LEU E 227 21.05 -18.00 -17.92
N ASN E 228 21.30 -16.71 -17.82
CA ASN E 228 20.31 -15.71 -18.15
C ASN E 228 20.74 -15.01 -19.44
N LEU E 229 19.94 -15.17 -20.48
CA LEU E 229 20.39 -14.85 -21.85
C LEU E 229 20.27 -13.34 -22.18
N THR E 230 21.02 -12.54 -21.43
CA THR E 230 21.02 -11.09 -21.63
C THR E 230 21.69 -10.70 -22.95
N ALA E 231 22.65 -11.50 -23.39
CA ALA E 231 23.32 -11.33 -24.68
C ALA E 231 23.73 -9.87 -24.83
N HIS E 232 24.41 -9.36 -23.80
CA HIS E 232 24.61 -7.92 -23.72
C HIS E 232 25.78 -7.45 -24.55
N THR E 233 26.72 -8.35 -24.82
CA THR E 233 27.91 -8.04 -25.62
C THR E 233 28.25 -9.13 -26.62
N LYS E 234 28.25 -8.76 -27.90
CA LYS E 234 28.89 -9.58 -28.94
C LYS E 234 30.39 -9.35 -28.93
N HIS E 235 31.12 -10.14 -28.16
CA HIS E 235 32.45 -9.71 -27.73
C HIS E 235 33.56 -9.96 -28.77
N MET E 236 34.27 -8.89 -29.17
CA MET E 236 35.44 -8.97 -30.06
C MET E 236 36.70 -8.77 -29.23
N SER E 237 37.74 -9.56 -29.50
CA SER E 237 38.97 -9.54 -28.69
C SER E 237 40.22 -9.16 -29.48
N PRO E 238 41.04 -8.25 -28.92
CA PRO E 238 42.33 -7.96 -29.54
C PRO E 238 43.39 -8.91 -28.96
N PHE E 239 44.39 -9.27 -29.74
CA PHE E 239 45.64 -9.83 -29.21
C PHE E 239 46.73 -8.81 -29.42
N VAL E 240 47.52 -8.58 -28.37
CA VAL E 240 48.41 -7.44 -28.33
C VAL E 240 49.81 -7.84 -27.89
N ALA E 241 50.79 -7.00 -28.23
CA ALA E 241 52.12 -7.12 -27.65
C ALA E 241 52.68 -5.73 -27.32
N GLY E 242 53.75 -5.69 -26.55
CA GLY E 242 54.40 -4.43 -26.27
C GLY E 242 54.98 -3.94 -27.58
N THR E 243 54.90 -2.64 -27.80
CA THR E 243 55.51 -2.04 -29.00
C THR E 243 56.99 -2.33 -29.04
N ALA E 244 57.63 -2.27 -27.87
CA ALA E 244 59.05 -2.57 -27.73
C ALA E 244 59.42 -3.92 -28.36
N PHE E 245 58.69 -4.95 -27.95
CA PHE E 245 58.93 -6.30 -28.45
C PHE E 245 58.56 -6.40 -29.94
N TRP E 246 57.39 -5.90 -30.29
CA TRP E 246 56.88 -6.07 -31.63
C TRP E 246 57.78 -5.42 -32.68
N ASN E 247 58.14 -4.16 -32.47
CA ASN E 247 58.95 -3.42 -33.45
C ASN E 247 60.32 -4.03 -33.62
N ASN E 248 60.76 -4.81 -32.64
CA ASN E 248 62.03 -5.50 -32.71
C ASN E 248 62.01 -6.78 -33.56
N LEU E 249 60.83 -7.39 -33.78
CA LEU E 249 60.73 -8.48 -34.73
C LEU E 249 61.04 -7.97 -36.14
N THR E 250 61.43 -8.85 -37.06
CA THR E 250 61.73 -8.38 -38.42
C THR E 250 60.43 -8.10 -39.11
N PRO E 251 60.45 -7.33 -40.20
CA PRO E 251 59.22 -7.09 -40.97
C PRO E 251 58.66 -8.38 -41.56
N GLU E 252 59.56 -9.31 -41.90
CA GLU E 252 59.19 -10.61 -42.45
C GLU E 252 58.47 -11.43 -41.37
N GLN E 253 59.01 -11.43 -40.15
CA GLN E 253 58.36 -12.08 -39.01
C GLN E 253 56.97 -11.50 -38.68
N GLN E 254 56.89 -10.17 -38.67
CA GLN E 254 55.65 -9.49 -38.38
C GLN E 254 54.60 -9.91 -39.40
N LYS E 255 55.02 -9.98 -40.65
CA LYS E 255 54.11 -10.37 -41.73
C LYS E 255 53.58 -11.80 -41.60
N ILE E 256 54.45 -12.73 -41.26
CA ILE E 256 54.04 -14.09 -41.04
C ILE E 256 53.00 -14.17 -39.89
N ILE E 257 53.27 -13.44 -38.81
CA ILE E 257 52.35 -13.49 -37.66
C ILE E 257 51.00 -12.85 -37.99
N VAL E 258 51.01 -11.71 -38.66
CA VAL E 258 49.75 -11.04 -39.02
C VAL E 258 48.96 -11.84 -40.06
N ASP E 259 49.60 -12.26 -41.15
CA ASP E 259 48.91 -13.03 -42.18
C ASP E 259 48.25 -14.26 -41.54
N ALA E 260 48.98 -14.99 -40.70
CA ALA E 260 48.46 -16.16 -40.05
C ALA E 260 47.31 -15.78 -39.13
N SER E 261 47.37 -14.61 -38.50
CA SER E 261 46.33 -14.19 -37.57
C SER E 261 44.99 -14.00 -38.29
N ARG E 262 45.06 -13.59 -39.57
CA ARG E 262 43.83 -13.35 -40.35
C ARG E 262 43.18 -14.70 -40.58
N GLU E 263 43.98 -15.73 -40.77
CA GLU E 263 43.43 -17.05 -41.01
C GLU E 263 42.85 -17.57 -39.70
N MET E 264 43.57 -17.36 -38.62
CA MET E 264 43.11 -17.71 -37.28
C MET E 264 41.75 -17.12 -36.98
N VAL E 265 41.56 -15.85 -37.34
CA VAL E 265 40.28 -15.21 -37.05
C VAL E 265 39.14 -15.90 -37.79
N THR E 266 39.43 -16.32 -39.02
CA THR E 266 38.42 -16.95 -39.86
C THR E 266 38.12 -18.36 -39.34
N TYR E 267 39.17 -19.10 -38.98
CA TYR E 267 39.04 -20.43 -38.37
C TYR E 267 38.21 -20.34 -37.11
N GLY E 268 38.57 -19.35 -36.31
CA GLY E 268 37.94 -19.13 -35.01
C GLY E 268 36.48 -18.79 -35.16
N GLY E 269 36.17 -18.06 -36.22
CA GLY E 269 34.79 -17.73 -36.57
C GLY E 269 34.02 -19.03 -36.83
N GLY E 270 34.64 -19.98 -37.50
CA GLY E 270 34.01 -21.28 -37.72
C GLY E 270 33.79 -22.04 -36.40
N LEU E 271 34.81 -22.07 -35.57
CA LEU E 271 34.72 -22.76 -34.31
C LEU E 271 33.56 -22.24 -33.49
N ILE E 272 33.50 -20.93 -33.33
CA ILE E 272 32.51 -20.28 -32.48
C ILE E 272 31.09 -20.45 -33.02
N GLU E 273 30.95 -20.42 -34.34
CA GLU E 273 29.66 -20.57 -34.97
C GLU E 273 28.98 -21.84 -34.50
N GLN E 274 29.78 -22.88 -34.26
CA GLN E 274 29.27 -24.18 -33.82
C GLN E 274 29.25 -24.23 -32.29
N ALA E 275 30.28 -23.70 -31.68
CA ALA E 275 30.56 -23.95 -30.27
C ALA E 275 29.60 -23.29 -29.28
N GLU E 276 29.09 -22.09 -29.56
CA GLU E 276 28.27 -21.42 -28.55
C GLU E 276 27.02 -22.23 -28.22
N ASN E 277 26.36 -22.74 -29.24
CA ASN E 277 25.16 -23.54 -28.99
C ASN E 277 25.50 -24.89 -28.41
N GLU E 278 26.59 -25.50 -28.86
CA GLU E 278 27.00 -26.76 -28.23
C GLU E 278 27.26 -26.56 -26.74
N ALA E 279 27.92 -25.46 -26.36
CA ALA E 279 28.15 -25.22 -24.92
C ALA E 279 26.87 -24.93 -24.14
N LEU E 280 25.92 -24.27 -24.77
CA LEU E 280 24.61 -24.06 -24.18
C LEU E 280 24.02 -25.43 -23.81
N GLU E 281 24.02 -26.36 -24.77
CA GLU E 281 23.49 -27.69 -24.50
C GLU E 281 24.32 -28.39 -23.44
N ASN E 282 25.64 -28.21 -23.47
CA ASN E 282 26.46 -28.89 -22.48
C ASN E 282 26.21 -28.32 -21.07
N LEU E 283 25.91 -27.02 -20.99
CA LEU E 283 25.58 -26.42 -19.71
C LEU E 283 24.25 -27.00 -19.17
N LYS E 284 23.28 -27.19 -20.05
CA LYS E 284 21.98 -27.73 -19.62
C LYS E 284 22.15 -29.15 -19.13
N LYS E 285 22.97 -29.91 -19.84
CA LYS E 285 23.18 -31.31 -19.45
C LYS E 285 23.82 -31.36 -18.08
N ALA E 286 24.66 -30.37 -17.77
CA ALA E 286 25.32 -30.30 -16.46
C ALA E 286 24.45 -29.72 -15.35
N GLY E 287 23.21 -29.35 -15.67
CA GLY E 287 22.25 -28.97 -14.66
C GLY E 287 21.89 -27.49 -14.63
N VAL E 288 22.33 -26.76 -15.65
CA VAL E 288 22.04 -25.33 -15.74
C VAL E 288 20.68 -25.11 -16.35
N THR E 289 19.89 -24.26 -15.69
CA THR E 289 18.64 -23.73 -16.23
C THR E 289 18.86 -22.48 -17.07
N VAL E 290 18.26 -22.46 -18.26
CA VAL E 290 18.41 -21.34 -19.16
C VAL E 290 17.20 -20.45 -19.10
N ASN E 291 17.39 -19.19 -18.71
CA ASN E 291 16.30 -18.22 -18.66
C ASN E 291 16.38 -17.17 -19.76
N ASP E 292 15.28 -17.00 -20.49
CA ASP E 292 15.13 -15.83 -21.36
C ASP E 292 14.92 -14.62 -20.48
N VAL E 293 15.38 -13.47 -20.96
CA VAL E 293 15.19 -12.21 -20.23
C VAL E 293 14.36 -11.23 -21.03
N ASP E 294 13.95 -10.16 -20.34
CA ASP E 294 13.30 -9.01 -20.93
C ASP E 294 14.41 -8.19 -21.60
N LEU E 295 14.66 -8.47 -22.87
CA LEU E 295 15.74 -7.79 -23.58
C LEU E 295 15.50 -6.30 -23.79
N PRO E 296 14.26 -5.92 -24.12
CA PRO E 296 14.02 -4.48 -24.14
C PRO E 296 14.33 -3.78 -22.79
N ALA E 297 13.98 -4.41 -21.67
CA ALA E 297 14.28 -3.83 -20.35
C ALA E 297 15.80 -3.79 -20.10
N PHE E 298 16.52 -4.83 -20.49
CA PHE E 298 17.96 -4.81 -20.27
C PHE E 298 18.67 -3.74 -21.11
N GLU E 299 18.23 -3.58 -22.35
CA GLU E 299 18.80 -2.53 -23.21
C GLU E 299 18.46 -1.12 -22.69
N ALA E 300 17.24 -0.92 -22.21
CA ALA E 300 16.84 0.39 -21.70
C ALA E 300 17.67 0.76 -20.47
N SER E 301 18.02 -0.24 -19.68
CA SER E 301 18.76 0.00 -18.43
C SER E 301 20.19 0.58 -18.63
N VAL E 302 20.75 0.38 -19.80
CA VAL E 302 22.06 0.91 -20.09
C VAL E 302 22.06 2.21 -20.93
N ALA E 303 20.89 2.78 -21.22
CA ALA E 303 20.81 3.94 -22.12
C ALA E 303 21.59 5.10 -21.57
N ASP E 304 21.50 5.33 -20.26
CA ASP E 304 22.20 6.48 -19.68
C ASP E 304 23.68 6.24 -19.62
N VAL E 305 24.09 5.05 -19.22
CA VAL E 305 25.51 4.85 -18.98
C VAL E 305 26.27 4.91 -20.32
N ILE E 306 25.68 4.42 -21.39
CA ILE E 306 26.36 4.50 -22.69
C ILE E 306 26.43 5.94 -23.25
N SER E 307 25.56 6.81 -22.76
CA SER E 307 25.49 8.15 -23.29
C SER E 307 26.41 9.10 -22.54
N THR E 308 26.31 9.13 -21.21
CA THR E 308 27.12 10.04 -20.39
C THR E 308 27.80 9.37 -19.19
N GLY E 309 27.75 8.05 -19.14
CA GLY E 309 28.38 7.28 -18.06
C GLY E 309 29.85 7.03 -18.22
N PHE E 310 30.39 7.39 -19.40
CA PHE E 310 31.81 7.31 -19.68
C PHE E 310 32.29 8.69 -20.09
N PRO E 311 32.50 9.54 -19.11
CA PRO E 311 32.88 10.90 -19.45
C PRO E 311 34.23 11.01 -20.15
N GLU E 312 35.07 9.98 -20.12
CA GLU E 312 36.30 10.00 -20.91
C GLU E 312 36.07 9.86 -22.45
N TRP E 313 34.88 9.39 -22.86
CA TRP E 313 34.60 9.19 -24.29
C TRP E 313 34.39 10.50 -25.05
N SER E 314 34.71 10.50 -26.35
CA SER E 314 34.31 11.57 -27.24
C SER E 314 32.80 11.69 -27.20
N PRO E 315 32.27 12.90 -27.35
CA PRO E 315 30.83 13.09 -27.30
C PRO E 315 30.13 12.21 -28.33
N ASN E 316 29.00 11.63 -27.93
CA ASN E 316 28.14 10.86 -28.82
C ASN E 316 28.79 9.62 -29.41
N LEU E 317 29.80 9.08 -28.73
CA LEU E 317 30.56 8.00 -29.33
C LEU E 317 29.72 6.77 -29.64
N TYR E 318 28.87 6.36 -28.72
CA TYR E 318 28.05 5.16 -28.91
C TYR E 318 27.13 5.29 -30.11
N LYS E 319 26.39 6.40 -30.18
CA LYS E 319 25.52 6.65 -31.34
C LYS E 319 26.31 6.74 -32.62
N ASN E 320 27.43 7.44 -32.57
CA ASN E 320 28.26 7.59 -33.75
C ASN E 320 28.74 6.24 -34.28
N VAL E 321 29.27 5.40 -33.39
CA VAL E 321 29.74 4.08 -33.78
C VAL E 321 28.58 3.19 -34.22
N GLN E 322 27.41 3.37 -33.63
CA GLN E 322 26.22 2.65 -34.12
C GLN E 322 25.90 2.99 -35.57
N GLU E 323 26.01 4.26 -35.89
CA GLU E 323 25.77 4.71 -37.25
C GLU E 323 26.78 4.08 -38.18
N LYS E 324 28.06 4.14 -37.80
CA LYS E 324 29.11 3.52 -38.61
C LYS E 324 28.76 2.06 -38.89
N LEU E 325 28.28 1.35 -37.86
CA LEU E 325 27.97 -0.06 -37.97
C LEU E 325 26.80 -0.30 -38.95
N SER E 326 25.89 0.68 -39.04
CA SER E 326 24.73 0.60 -39.91
C SER E 326 25.06 0.55 -41.39
N GLN E 327 26.11 1.27 -41.78
CA GLN E 327 26.48 1.39 -43.18
C GLN E 327 27.14 0.11 -43.68
N PHE E 328 27.43 -0.80 -42.76
CA PHE E 328 27.97 -2.10 -43.11
C PHE E 328 26.82 -3.05 -43.40
N GLU F 26 -73.66 -17.47 -8.60
CA GLU F 26 -72.22 -17.71 -8.68
C GLU F 26 -71.54 -17.10 -7.49
N THR F 27 -70.47 -17.75 -7.05
CA THR F 27 -69.57 -17.20 -6.05
C THR F 27 -68.37 -16.63 -6.82
N GLU F 28 -68.21 -15.31 -6.82
CA GLU F 28 -67.10 -14.69 -7.55
C GLU F 28 -65.94 -14.47 -6.59
N ILE F 29 -64.73 -14.73 -7.09
CA ILE F 29 -63.51 -14.61 -6.29
C ILE F 29 -62.46 -13.90 -7.12
N MET F 30 -61.94 -12.80 -6.57
CA MET F 30 -60.88 -12.05 -7.21
C MET F 30 -59.53 -12.69 -6.92
N VAL F 31 -58.71 -12.90 -7.97
CA VAL F 31 -57.38 -13.45 -7.79
C VAL F 31 -56.29 -12.42 -8.12
N ALA F 32 -55.45 -12.13 -7.13
CA ALA F 32 -54.47 -11.04 -7.20
C ALA F 32 -53.02 -11.51 -7.32
N TYR F 33 -52.27 -10.85 -8.20
CA TYR F 33 -50.84 -11.10 -8.35
C TYR F 33 -50.18 -9.94 -9.11
N GLY F 34 -48.87 -9.86 -9.08
CA GLY F 34 -48.16 -8.74 -9.69
C GLY F 34 -47.59 -9.04 -11.06
N ASN F 35 -47.68 -10.29 -11.49
CA ASN F 35 -47.12 -10.65 -12.81
C ASN F 35 -47.96 -10.12 -13.94
N GLN F 36 -47.34 -9.95 -15.11
CA GLN F 36 -48.00 -9.35 -16.27
C GLN F 36 -48.69 -10.42 -17.09
N PRO F 37 -49.72 -10.03 -17.84
CA PRO F 37 -50.38 -11.01 -18.72
C PRO F 37 -49.35 -11.72 -19.58
N GLY F 38 -49.54 -13.02 -19.75
CA GLY F 38 -48.64 -13.79 -20.58
C GLY F 38 -47.52 -14.45 -19.81
N GLU F 39 -47.22 -13.95 -18.61
CA GLU F 39 -46.20 -14.58 -17.80
C GLU F 39 -46.71 -15.93 -17.33
N PRO F 40 -45.81 -16.82 -16.91
CA PRO F 40 -46.19 -18.16 -16.44
C PRO F 40 -47.20 -18.14 -15.29
N ILE F 41 -47.04 -17.23 -14.33
CA ILE F 41 -47.97 -17.20 -13.22
C ILE F 41 -49.35 -16.75 -13.73
N ASP F 42 -49.37 -15.85 -14.73
CA ASP F 42 -50.64 -15.41 -15.30
C ASP F 42 -51.33 -16.55 -16.03
N LYS F 43 -50.58 -17.36 -16.75
CA LYS F 43 -51.19 -18.48 -17.46
C LYS F 43 -51.72 -19.49 -16.46
N ALA F 44 -50.95 -19.68 -15.38
CA ALA F 44 -51.34 -20.59 -14.31
C ALA F 44 -52.67 -20.17 -13.68
N MET F 45 -52.83 -18.87 -13.44
CA MET F 45 -54.04 -18.37 -12.83
C MET F 45 -55.22 -18.56 -13.79
N HIS F 46 -54.98 -18.41 -15.09
CA HIS F 46 -56.03 -18.67 -16.08
C HIS F 46 -56.43 -20.15 -16.13
N PHE F 47 -55.44 -21.03 -16.01
CA PHE F 47 -55.69 -22.47 -15.99
C PHE F 47 -56.57 -22.83 -14.80
N TRP F 48 -56.20 -22.26 -13.64
CA TRP F 48 -56.95 -22.44 -12.39
C TRP F 48 -58.37 -21.92 -12.54
N ALA F 49 -58.50 -20.69 -13.03
CA ALA F 49 -59.82 -20.09 -13.22
C ALA F 49 -60.71 -20.95 -14.11
N ASP F 50 -60.18 -21.37 -15.25
CA ASP F 50 -60.94 -22.20 -16.17
C ASP F 50 -61.35 -23.54 -15.56
N LYS F 51 -60.43 -24.18 -14.84
CA LYS F 51 -60.71 -25.51 -14.29
C LYS F 51 -61.81 -25.44 -13.22
N VAL F 52 -61.70 -24.46 -12.33
CA VAL F 52 -62.70 -24.24 -11.31
C VAL F 52 -64.06 -23.93 -11.94
N LYS F 53 -64.09 -23.19 -13.04
CA LYS F 53 -65.37 -22.85 -13.64
C LYS F 53 -65.99 -24.11 -14.26
N GLU F 54 -65.14 -24.94 -14.84
CA GLU F 54 -65.55 -26.19 -15.48
C GLU F 54 -66.08 -27.21 -14.47
N LYS F 55 -65.38 -27.34 -13.35
CA LYS F 55 -65.74 -28.33 -12.33
C LYS F 55 -66.90 -27.88 -11.47
N SER F 56 -67.12 -26.58 -11.35
CA SER F 56 -68.28 -26.09 -10.61
C SER F 56 -69.51 -25.79 -11.49
N ASN F 57 -69.45 -26.13 -12.77
CA ASN F 57 -70.54 -25.81 -13.70
C ASN F 57 -70.90 -24.32 -13.65
N GLY F 58 -69.89 -23.49 -13.42
CA GLY F 58 -70.07 -22.05 -13.37
C GLY F 58 -70.40 -21.48 -12.00
N ASP F 59 -70.52 -22.32 -10.98
CA ASP F 59 -70.89 -21.87 -9.63
C ASP F 59 -69.77 -21.03 -8.99
N ILE F 60 -68.53 -21.30 -9.37
CA ILE F 60 -67.39 -20.54 -8.87
C ILE F 60 -66.69 -19.89 -10.04
N VAL F 61 -66.58 -18.56 -10.00
CA VAL F 61 -65.92 -17.83 -11.07
C VAL F 61 -64.74 -17.10 -10.47
N PHE F 62 -63.57 -17.26 -11.08
CA PHE F 62 -62.41 -16.45 -10.71
C PHE F 62 -62.36 -15.22 -11.63
N LYS F 63 -62.14 -14.05 -11.04
CA LYS F 63 -61.80 -12.85 -11.82
C LYS F 63 -60.33 -12.53 -11.59
N LEU F 64 -59.55 -12.39 -12.66
CA LEU F 64 -58.10 -12.25 -12.53
C LEU F 64 -57.62 -10.82 -12.56
N PHE F 65 -56.69 -10.52 -11.66
CA PHE F 65 -56.17 -9.17 -11.54
C PHE F 65 -54.66 -9.18 -11.53
N PRO F 66 -54.07 -9.31 -12.71
CA PRO F 66 -52.62 -9.29 -12.81
C PRO F 66 -52.07 -7.87 -12.63
N SER F 67 -50.75 -7.74 -12.63
CA SER F 67 -50.12 -6.43 -12.71
C SER F 67 -50.48 -5.54 -11.51
N SER F 68 -50.73 -6.17 -10.36
CA SER F 68 -51.02 -5.44 -9.12
C SER F 68 -52.29 -4.59 -9.23
N GLN F 69 -53.27 -5.04 -10.00
CA GLN F 69 -54.42 -4.22 -10.28
C GLN F 69 -55.20 -3.91 -8.99
N LEU F 70 -55.27 -4.86 -8.06
CA LEU F 70 -55.97 -4.63 -6.80
C LEU F 70 -55.16 -3.94 -5.72
N GLY F 71 -53.89 -3.66 -6.02
CA GLY F 71 -53.00 -2.97 -5.11
C GLY F 71 -51.72 -3.76 -4.95
N SER F 72 -50.84 -3.29 -4.08
CA SER F 72 -49.60 -4.00 -3.84
C SER F 72 -49.86 -5.33 -3.17
N GLU F 73 -48.89 -6.22 -3.27
CA GLU F 73 -49.03 -7.54 -2.66
C GLU F 73 -49.42 -7.45 -1.17
N THR F 74 -48.75 -6.54 -0.47
N THR F 74 -48.77 -6.55 -0.44
CA THR F 74 -48.94 -6.34 0.97
CA THR F 74 -48.99 -6.42 0.98
C THR F 74 -50.33 -5.80 1.28
C THR F 74 -50.35 -5.79 1.29
N GLU F 75 -50.76 -4.81 0.50
CA GLU F 75 -52.08 -4.19 0.69
C GLU F 75 -53.22 -5.19 0.49
N VAL F 76 -53.07 -6.04 -0.52
CA VAL F 76 -54.09 -7.02 -0.86
C VAL F 76 -54.20 -8.09 0.23
N LEU F 77 -53.08 -8.49 0.81
CA LEU F 77 -53.15 -9.43 1.93
C LEU F 77 -54.02 -8.84 3.07
N GLU F 78 -53.92 -7.56 3.31
CA GLU F 78 -54.73 -6.94 4.37
C GLU F 78 -56.21 -6.99 4.01
N GLN F 79 -56.54 -6.70 2.75
CA GLN F 79 -57.92 -6.77 2.28
C GLN F 79 -58.49 -8.19 2.46
N ALA F 80 -57.67 -9.20 2.14
CA ALA F 80 -58.05 -10.59 2.32
C ALA F 80 -58.23 -10.89 3.78
N LYS F 81 -57.24 -10.48 4.58
CA LYS F 81 -57.27 -10.68 6.04
C LYS F 81 -58.61 -10.23 6.62
N PHE F 82 -59.15 -9.15 6.06
CA PHE F 82 -60.37 -8.59 6.62
C PHE F 82 -61.66 -9.11 5.99
N GLY F 83 -61.53 -10.08 5.09
CA GLY F 83 -62.69 -10.79 4.59
C GLY F 83 -63.09 -10.55 3.15
N ALA F 84 -62.31 -9.78 2.39
CA ALA F 84 -62.63 -9.55 0.98
C ALA F 84 -62.61 -10.89 0.26
N ASN F 85 -63.37 -10.97 -0.82
CA ASN F 85 -63.42 -12.21 -1.61
C ASN F 85 -62.22 -12.31 -2.54
N ILE F 86 -61.07 -12.55 -1.95
CA ILE F 86 -59.82 -12.50 -2.66
C ILE F 86 -58.96 -13.72 -2.41
N ILE F 87 -58.37 -14.24 -3.49
CA ILE F 87 -57.24 -15.13 -3.36
C ILE F 87 -56.03 -14.40 -3.92
N THR F 88 -55.00 -14.24 -3.11
CA THR F 88 -53.85 -13.48 -3.52
C THR F 88 -52.58 -14.28 -3.36
N ILE F 89 -51.64 -14.06 -4.27
CA ILE F 89 -50.32 -14.61 -4.07
C ILE F 89 -49.78 -13.90 -2.85
N SER F 90 -48.91 -14.57 -2.10
CA SER F 90 -48.20 -13.94 -1.00
C SER F 90 -46.75 -14.44 -1.03
N ASP F 91 -46.03 -14.28 0.06
CA ASP F 91 -44.63 -14.69 0.14
C ASP F 91 -44.31 -15.15 1.55
N TYR F 92 -43.58 -16.25 1.64
CA TYR F 92 -43.30 -16.85 2.92
C TYR F 92 -42.42 -15.92 3.74
N GLY F 93 -41.61 -15.14 3.02
CA GLY F 93 -40.74 -14.16 3.67
C GLY F 93 -41.50 -13.00 4.27
N ALA F 94 -42.65 -12.65 3.68
CA ALA F 94 -43.52 -11.61 4.23
C ALA F 94 -44.36 -12.20 5.38
N LEU F 95 -44.85 -13.41 5.14
CA LEU F 95 -45.70 -14.08 6.11
C LEU F 95 -44.96 -14.40 7.40
N MET F 96 -43.62 -14.35 7.34
CA MET F 96 -42.80 -14.63 8.52
C MET F 96 -42.91 -13.53 9.57
N ASP F 97 -43.56 -12.40 9.24
CA ASP F 97 -43.91 -11.38 10.23
C ASP F 97 -44.92 -11.99 11.21
N ILE F 98 -45.71 -12.93 10.71
CA ILE F 98 -46.81 -13.53 11.46
C ILE F 98 -46.43 -14.89 12.08
N VAL F 99 -45.88 -15.78 11.26
CA VAL F 99 -45.35 -17.04 11.74
C VAL F 99 -43.89 -17.15 11.29
N PRO F 100 -42.95 -16.80 12.18
CA PRO F 100 -41.54 -16.64 11.75
C PRO F 100 -40.96 -17.79 10.91
N ASP F 101 -41.24 -19.03 11.27
CA ASP F 101 -40.54 -20.16 10.67
C ASP F 101 -40.93 -20.42 9.22
N LEU F 102 -42.03 -19.84 8.78
CA LEU F 102 -42.35 -19.90 7.37
C LEU F 102 -41.25 -19.26 6.51
N GLY F 103 -40.54 -18.27 7.03
CA GLY F 103 -39.57 -17.55 6.25
C GLY F 103 -38.42 -18.40 5.74
N VAL F 104 -38.20 -19.57 6.33
CA VAL F 104 -37.06 -20.39 5.94
C VAL F 104 -37.24 -21.03 4.55
N ILE F 105 -38.49 -21.11 4.10
CA ILE F 105 -38.80 -21.87 2.88
C ILE F 105 -37.98 -21.40 1.66
N ASN F 106 -37.83 -20.08 1.53
CA ASN F 106 -37.07 -19.49 0.43
C ASN F 106 -35.76 -18.84 0.86
N ALA F 107 -35.27 -19.25 2.03
CA ALA F 107 -33.98 -18.75 2.51
C ALA F 107 -32.91 -19.06 1.47
N PRO F 108 -31.97 -18.14 1.27
CA PRO F 108 -31.00 -18.28 0.16
C PRO F 108 -30.20 -19.56 0.20
N TYR F 109 -30.16 -20.24 -0.97
CA TYR F 109 -29.38 -21.44 -1.24
C TYR F 109 -29.80 -22.70 -0.50
N ILE F 110 -30.99 -22.68 0.11
CA ILE F 110 -31.36 -23.78 1.01
C ILE F 110 -31.56 -25.07 0.23
N SER F 111 -32.04 -24.95 -0.99
CA SER F 111 -32.14 -26.09 -1.87
C SER F 111 -32.18 -25.64 -3.32
N GLN F 112 -31.53 -26.41 -4.19
CA GLN F 112 -31.61 -26.21 -5.64
C GLN F 112 -32.89 -26.79 -6.27
N SER F 113 -33.71 -27.50 -5.49
CA SER F 113 -34.80 -28.30 -6.09
C SER F 113 -36.22 -27.85 -5.74
N PHE F 114 -36.98 -27.41 -6.75
CA PHE F 114 -38.37 -27.06 -6.56
C PHE F 114 -39.13 -28.30 -6.03
N GLU F 115 -38.77 -29.47 -6.52
CA GLU F 115 -39.51 -30.68 -6.17
C GLU F 115 -39.25 -31.07 -4.72
N LYS F 116 -38.01 -30.88 -4.25
CA LYS F 116 -37.70 -31.14 -2.86
C LYS F 116 -38.45 -30.14 -1.97
N LYS F 117 -38.50 -28.87 -2.38
CA LYS F 117 -39.31 -27.88 -1.67
C LYS F 117 -40.80 -28.27 -1.64
N SER F 118 -41.33 -28.75 -2.76
CA SER F 118 -42.73 -29.16 -2.83
C SER F 118 -42.99 -30.22 -1.75
N LYS F 119 -42.09 -31.19 -1.65
CA LYS F 119 -42.22 -32.25 -0.68
C LYS F 119 -42.22 -31.67 0.74
N LEU F 120 -41.28 -30.78 1.04
CA LEU F 120 -41.28 -30.09 2.33
C LEU F 120 -42.63 -29.42 2.60
N LEU F 121 -43.22 -28.86 1.56
CA LEU F 121 -44.43 -28.04 1.69
C LEU F 121 -45.67 -28.93 1.80
N HIS F 122 -45.42 -30.24 1.95
CA HIS F 122 -46.47 -31.22 2.25
C HIS F 122 -46.17 -32.00 3.54
N SER F 123 -45.12 -31.59 4.24
CA SER F 123 -44.70 -32.29 5.44
C SER F 123 -45.54 -31.84 6.65
N ASP F 124 -45.50 -32.61 7.73
CA ASP F 124 -46.21 -32.20 8.97
C ASP F 124 -45.59 -30.92 9.53
N TRP F 125 -44.27 -30.75 9.35
CA TRP F 125 -43.60 -29.54 9.79
C TRP F 125 -44.32 -28.32 9.24
N PHE F 126 -44.56 -28.36 7.93
CA PHE F 126 -45.22 -27.26 7.25
C PHE F 126 -46.66 -27.14 7.66
N LYS F 127 -47.33 -28.28 7.82
CA LYS F 127 -48.76 -28.26 8.11
C LYS F 127 -48.99 -27.55 9.44
N ASP F 128 -48.13 -27.82 10.41
CA ASP F 128 -48.20 -27.16 11.71
C ASP F 128 -48.08 -25.63 11.60
N LEU F 129 -47.24 -25.14 10.69
CA LEU F 129 -47.10 -23.70 10.51
C LEU F 129 -48.33 -23.12 9.85
N SER F 130 -48.83 -23.78 8.83
CA SER F 130 -50.10 -23.40 8.23
C SER F 130 -51.22 -23.33 9.27
N ASP F 131 -51.33 -24.34 10.12
CA ASP F 131 -52.37 -24.30 11.17
C ASP F 131 -52.19 -23.06 12.07
N LYS F 132 -50.94 -22.72 12.38
CA LYS F 132 -50.68 -21.52 13.20
C LYS F 132 -51.12 -20.28 12.45
N LEU F 133 -50.79 -20.20 11.16
CA LEU F 133 -51.13 -19.00 10.39
C LEU F 133 -52.65 -18.83 10.27
N ASP F 134 -53.40 -19.94 10.15
CA ASP F 134 -54.86 -19.87 10.12
C ASP F 134 -55.41 -19.14 11.32
N GLN F 135 -54.80 -19.36 12.48
CA GLN F 135 -55.28 -18.71 13.71
C GLN F 135 -55.01 -17.20 13.67
N HIS F 136 -54.13 -16.78 12.77
CA HIS F 136 -53.89 -15.34 12.56
C HIS F 136 -54.66 -14.79 11.35
N ASP F 137 -55.73 -15.51 10.99
CA ASP F 137 -56.71 -15.02 10.00
C ASP F 137 -56.30 -15.15 8.51
N ILE F 138 -55.23 -15.88 8.21
CA ILE F 138 -54.80 -16.06 6.82
C ILE F 138 -54.63 -17.55 6.58
N HIS F 139 -55.21 -18.06 5.48
CA HIS F 139 -55.16 -19.48 5.19
C HIS F 139 -54.42 -19.68 3.87
N ILE F 140 -53.42 -20.55 3.90
CA ILE F 140 -52.73 -20.95 2.69
C ILE F 140 -53.55 -22.04 1.98
N ILE F 141 -53.99 -21.76 0.75
CA ILE F 141 -54.83 -22.67 -0.02
C ILE F 141 -53.97 -23.61 -0.83
N VAL F 142 -52.94 -23.04 -1.46
CA VAL F 142 -51.97 -23.82 -2.21
C VAL F 142 -50.57 -23.33 -1.83
N PRO F 143 -49.71 -24.25 -1.41
CA PRO F 143 -48.46 -23.80 -0.79
C PRO F 143 -47.25 -23.78 -1.70
N ASP F 144 -47.37 -24.44 -2.84
CA ASP F 144 -46.17 -24.83 -3.58
C ASP F 144 -46.16 -24.43 -5.05
N VAL F 145 -46.60 -23.23 -5.35
CA VAL F 145 -46.53 -22.75 -6.73
C VAL F 145 -45.10 -22.39 -7.02
N ILE F 146 -44.54 -22.98 -8.09
CA ILE F 146 -43.19 -22.66 -8.52
C ILE F 146 -43.14 -21.27 -9.17
N TYR F 147 -42.39 -20.36 -8.57
CA TYR F 147 -42.32 -18.98 -9.06
C TYR F 147 -41.09 -18.77 -9.96
N GLY F 148 -40.02 -19.51 -9.66
CA GLY F 148 -38.81 -19.43 -10.44
C GLY F 148 -37.54 -19.19 -9.65
N THR F 149 -36.43 -19.08 -10.39
CA THR F 149 -35.13 -18.94 -9.80
C THR F 149 -34.76 -17.46 -9.81
N ARG F 150 -34.61 -16.87 -8.65
CA ARG F 150 -34.33 -15.46 -8.53
C ARG F 150 -32.86 -15.18 -8.78
N HIS F 151 -32.62 -14.16 -9.61
CA HIS F 151 -31.30 -13.62 -9.90
C HIS F 151 -31.30 -12.11 -9.76
N LEU F 152 -30.11 -11.53 -9.64
CA LEU F 152 -29.94 -10.07 -9.62
C LEU F 152 -30.06 -9.44 -11.00
N LEU F 153 -30.82 -8.37 -11.14
CA LEU F 153 -30.79 -7.56 -12.36
C LEU F 153 -30.34 -6.17 -11.96
N THR F 154 -29.21 -5.72 -12.53
CA THR F 154 -28.58 -4.48 -12.04
C THR F 154 -27.99 -3.63 -13.18
N LYS F 155 -27.66 -2.37 -12.89
CA LYS F 155 -27.17 -1.48 -13.94
C LYS F 155 -25.71 -1.74 -14.32
N LYS F 156 -24.91 -2.16 -13.36
CA LYS F 156 -23.53 -2.56 -13.64
C LYS F 156 -23.28 -4.00 -13.23
N PRO F 157 -22.23 -4.60 -13.78
CA PRO F 157 -22.02 -6.02 -13.51
C PRO F 157 -21.77 -6.37 -12.04
N VAL F 158 -22.28 -7.52 -11.64
CA VAL F 158 -22.03 -8.06 -10.33
C VAL F 158 -21.59 -9.52 -10.51
N THR F 159 -20.36 -9.84 -10.11
CA THR F 159 -19.88 -11.21 -10.15
C THR F 159 -19.42 -11.74 -8.80
N LYS F 160 -19.41 -10.89 -7.78
CA LYS F 160 -19.07 -11.31 -6.43
C LYS F 160 -19.70 -10.33 -5.47
N PRO F 161 -19.86 -10.71 -4.19
CA PRO F 161 -20.52 -9.84 -3.20
C PRO F 161 -19.98 -8.42 -3.14
N SER F 162 -18.66 -8.26 -3.20
CA SER F 162 -18.08 -6.91 -3.11
C SER F 162 -18.56 -5.94 -4.21
N ASP F 163 -18.99 -6.48 -5.36
CA ASP F 163 -19.50 -5.61 -6.44
C ASP F 163 -20.80 -4.94 -6.04
N LEU F 164 -21.45 -5.45 -4.99
CA LEU F 164 -22.71 -4.89 -4.49
C LEU F 164 -22.51 -3.71 -3.53
N LYS F 165 -21.26 -3.38 -3.18
CA LYS F 165 -20.97 -2.27 -2.27
C LYS F 165 -21.62 -0.95 -2.68
N GLY F 166 -22.43 -0.40 -1.79
CA GLY F 166 -23.13 0.85 -2.06
C GLY F 166 -24.28 0.76 -3.05
N MET F 167 -24.58 -0.44 -3.55
CA MET F 167 -25.59 -0.53 -4.59
C MET F 167 -26.96 -0.64 -3.97
N LYS F 168 -27.85 0.26 -4.36
CA LYS F 168 -29.25 0.20 -3.90
C LYS F 168 -30.03 -0.86 -4.66
N VAL F 169 -30.17 -2.01 -4.05
CA VAL F 169 -30.83 -3.13 -4.67
C VAL F 169 -32.22 -3.22 -4.10
N ARG F 170 -33.21 -3.15 -4.96
CA ARG F 170 -34.58 -3.15 -4.53
C ARG F 170 -34.94 -4.53 -4.02
N VAL F 171 -35.71 -4.58 -2.93
CA VAL F 171 -36.40 -5.82 -2.51
C VAL F 171 -37.88 -5.53 -2.29
N GLN F 172 -38.73 -6.55 -2.39
CA GLN F 172 -40.12 -6.36 -2.00
C GLN F 172 -40.16 -6.20 -0.50
N HIS F 173 -41.35 -5.91 0.01
CA HIS F 173 -41.55 -5.82 1.45
C HIS F 173 -41.57 -7.22 2.04
N SER F 174 -40.38 -7.72 2.36
CA SER F 174 -40.16 -9.07 2.89
C SER F 174 -38.91 -9.09 3.73
N ARG F 175 -39.03 -9.47 4.99
CA ARG F 175 -37.86 -9.49 5.87
C ARG F 175 -36.75 -10.45 5.39
N LEU F 176 -37.16 -11.57 4.83
CA LEU F 176 -36.21 -12.55 4.36
C LEU F 176 -35.29 -11.97 3.27
N PHE F 177 -35.88 -11.26 2.31
CA PHE F 177 -35.13 -10.77 1.17
C PHE F 177 -34.35 -9.52 1.55
N LEU F 178 -34.90 -8.70 2.45
CA LEU F 178 -34.18 -7.52 2.91
C LEU F 178 -32.87 -7.97 3.56
N GLN F 179 -32.99 -8.91 4.49
CA GLN F 179 -31.82 -9.42 5.19
C GLN F 179 -30.88 -10.16 4.26
N THR F 180 -31.45 -10.91 3.29
CA THR F 180 -30.61 -11.65 2.37
C THR F 180 -29.72 -10.69 1.55
N ILE F 181 -30.31 -9.64 1.00
CA ILE F 181 -29.57 -8.74 0.12
C ILE F 181 -28.56 -7.96 0.91
N ASN F 182 -28.91 -7.61 2.16
CA ASN F 182 -27.96 -6.91 3.01
C ASN F 182 -26.75 -7.77 3.28
N ALA F 183 -26.98 -9.07 3.50
CA ALA F 183 -25.89 -10.00 3.81
C ALA F 183 -25.02 -10.23 2.56
N MET F 184 -25.66 -10.25 1.39
CA MET F 184 -24.93 -10.39 0.13
C MET F 184 -24.04 -9.15 -0.12
N GLY F 185 -24.29 -8.08 0.61
CA GLY F 185 -23.41 -6.91 0.57
C GLY F 185 -23.96 -5.67 -0.13
N GLY F 186 -25.23 -5.71 -0.50
CA GLY F 186 -25.91 -4.58 -1.10
C GLY F 186 -26.69 -3.78 -0.07
N VAL F 187 -27.31 -2.70 -0.54
CA VAL F 187 -28.08 -1.81 0.31
C VAL F 187 -29.55 -2.02 -0.02
N PRO F 188 -30.27 -2.81 0.79
CA PRO F 188 -31.62 -3.20 0.38
C PRO F 188 -32.61 -2.04 0.44
N THR F 189 -33.47 -1.95 -0.56
CA THR F 189 -34.41 -0.84 -0.68
C THR F 189 -35.82 -1.38 -0.91
N PRO F 190 -36.65 -1.47 0.15
CA PRO F 190 -37.98 -2.07 -0.01
C PRO F 190 -38.91 -1.22 -0.83
N MET F 191 -39.61 -1.83 -1.79
CA MET F 191 -40.60 -1.08 -2.55
C MET F 191 -41.48 -2.05 -3.28
N SER F 192 -42.70 -1.64 -3.56
CA SER F 192 -43.64 -2.52 -4.21
C SER F 192 -43.24 -2.72 -5.66
N LEU F 193 -43.66 -3.83 -6.22
CA LEU F 193 -43.28 -4.22 -7.57
C LEU F 193 -43.61 -3.16 -8.58
N SER F 194 -44.81 -2.56 -8.47
CA SER F 194 -45.23 -1.60 -9.48
C SER F 194 -44.35 -0.31 -9.45
N ASP F 195 -43.66 -0.07 -8.35
CA ASP F 195 -42.83 1.13 -8.24
C ASP F 195 -41.37 0.91 -8.73
N VAL F 196 -41.02 -0.32 -9.07
CA VAL F 196 -39.64 -0.65 -9.39
C VAL F 196 -39.18 -0.02 -10.71
N TYR F 197 -39.98 -0.15 -11.76
CA TYR F 197 -39.54 0.43 -13.04
C TYR F 197 -39.22 1.94 -12.94
N PRO F 198 -40.17 2.77 -12.48
CA PRO F 198 -39.84 4.19 -12.29
C PRO F 198 -38.70 4.39 -11.30
N GLY F 199 -38.61 3.54 -10.28
CA GLY F 199 -37.51 3.63 -9.33
C GLY F 199 -36.17 3.50 -10.05
N LEU F 200 -36.07 2.53 -10.95
CA LEU F 200 -34.86 2.35 -11.74
C LEU F 200 -34.63 3.53 -12.66
N SER F 201 -35.69 3.95 -13.35
CA SER F 201 -35.57 5.01 -14.34
C SER F 201 -35.16 6.32 -13.68
N GLU F 202 -35.52 6.49 -12.41
CA GLU F 202 -35.26 7.74 -11.70
C GLU F 202 -34.00 7.71 -10.84
N GLY F 203 -33.28 6.59 -10.82
CA GLY F 203 -32.04 6.49 -10.08
C GLY F 203 -32.19 6.27 -8.59
N ILE F 204 -33.40 5.97 -8.15
CA ILE F 204 -33.66 5.71 -6.74
C ILE F 204 -33.07 4.36 -6.33
N ILE F 205 -33.05 3.44 -7.29
CA ILE F 205 -32.48 2.11 -7.11
C ILE F 205 -31.66 1.78 -8.34
N ASP F 206 -30.67 0.90 -8.16
CA ASP F 206 -29.72 0.49 -9.18
C ASP F 206 -29.97 -0.93 -9.65
N GLY F 207 -30.92 -1.63 -9.00
CA GLY F 207 -31.24 -2.98 -9.39
C GLY F 207 -32.35 -3.64 -8.57
N LEU F 208 -32.56 -4.92 -8.85
CA LEU F 208 -33.58 -5.69 -8.17
C LEU F 208 -33.25 -7.16 -8.36
N GLU F 209 -34.12 -8.05 -7.89
CA GLU F 209 -33.91 -9.47 -8.10
C GLU F 209 -35.28 -10.17 -8.29
N ASN F 210 -35.29 -11.21 -9.12
CA ASN F 210 -36.51 -11.90 -9.50
C ASN F 210 -36.16 -12.92 -10.54
N PRO F 211 -37.08 -13.85 -10.84
CA PRO F 211 -36.78 -14.80 -11.90
C PRO F 211 -36.76 -14.14 -13.27
N THR F 212 -36.15 -14.80 -14.25
CA THR F 212 -36.05 -14.24 -15.59
C THR F 212 -37.41 -13.94 -16.22
N VAL F 213 -38.43 -14.77 -15.95
CA VAL F 213 -39.74 -14.50 -16.53
C VAL F 213 -40.34 -13.21 -15.95
N VAL F 214 -40.02 -12.92 -14.70
CA VAL F 214 -40.56 -11.72 -14.07
C VAL F 214 -39.76 -10.49 -14.54
N LEU F 215 -38.46 -10.64 -14.64
CA LEU F 215 -37.60 -9.57 -15.15
C LEU F 215 -37.99 -9.19 -16.58
N PHE F 216 -38.27 -10.19 -17.42
CA PHE F 216 -38.71 -9.89 -18.80
C PHE F 216 -40.13 -9.31 -18.85
N GLY F 217 -41.06 -9.90 -18.12
CA GLY F 217 -42.44 -9.44 -18.20
C GLY F 217 -42.56 -7.99 -17.74
N GLY F 218 -41.74 -7.62 -16.77
CA GLY F 218 -41.78 -6.29 -16.18
C GLY F 218 -41.02 -5.27 -17.01
N LYS F 219 -40.35 -5.77 -18.05
CA LYS F 219 -39.54 -4.93 -18.94
C LYS F 219 -38.38 -4.23 -18.22
N PHE F 220 -37.91 -4.77 -17.10
CA PHE F 220 -36.89 -4.08 -16.32
C PHE F 220 -35.58 -4.03 -17.10
N PHE F 221 -35.43 -4.89 -18.11
CA PHE F 221 -34.26 -4.86 -19.00
C PHE F 221 -34.09 -3.53 -19.72
N GLU F 222 -35.18 -2.78 -19.85
CA GLU F 222 -35.13 -1.50 -20.52
C GLU F 222 -34.26 -0.51 -19.74
N VAL F 223 -34.15 -0.69 -18.43
CA VAL F 223 -33.42 0.24 -17.56
C VAL F 223 -32.33 -0.38 -16.67
N ALA F 224 -32.15 -1.70 -16.73
CA ALA F 224 -31.03 -2.42 -16.08
C ALA F 224 -30.61 -3.61 -16.93
N LYS F 225 -29.35 -3.64 -17.39
CA LYS F 225 -28.95 -4.60 -18.41
C LYS F 225 -27.87 -5.60 -18.00
N ASN F 226 -27.65 -5.79 -16.69
CA ASN F 226 -26.80 -6.89 -16.21
C ASN F 226 -27.60 -7.91 -15.39
N LEU F 227 -27.77 -9.10 -15.96
CA LEU F 227 -28.39 -10.23 -15.27
C LEU F 227 -27.27 -11.06 -14.67
N ASN F 228 -27.26 -11.13 -13.36
CA ASN F 228 -26.16 -11.79 -12.64
C ASN F 228 -26.72 -13.03 -11.98
N LEU F 229 -26.21 -14.20 -12.40
CA LEU F 229 -26.81 -15.48 -12.08
C LEU F 229 -26.49 -15.97 -10.67
N THR F 230 -26.92 -15.21 -9.68
CA THR F 230 -26.70 -15.57 -8.30
C THR F 230 -27.58 -16.76 -7.89
N ALA F 231 -28.75 -16.87 -8.50
CA ALA F 231 -29.61 -18.03 -8.35
C ALA F 231 -29.79 -18.31 -6.86
N HIS F 232 -30.11 -17.26 -6.13
CA HIS F 232 -30.06 -17.36 -4.68
C HIS F 232 -31.32 -17.98 -4.07
N THR F 233 -32.43 -17.90 -4.78
CA THR F 233 -33.67 -18.48 -4.31
C THR F 233 -34.37 -19.31 -5.38
N LYS F 234 -34.66 -20.57 -5.07
CA LYS F 234 -35.58 -21.32 -5.91
C LYS F 234 -36.92 -21.08 -5.29
N HIS F 235 -37.62 -20.08 -5.81
CA HIS F 235 -38.75 -19.48 -5.11
C HIS F 235 -40.09 -20.21 -5.20
N MET F 236 -40.61 -20.63 -4.06
CA MET F 236 -41.95 -21.23 -3.95
C MET F 236 -42.93 -20.18 -3.43
N SER F 237 -44.14 -20.17 -4.00
CA SER F 237 -45.17 -19.19 -3.66
C SER F 237 -46.45 -19.80 -3.09
N PRO F 238 -46.98 -19.21 -2.02
CA PRO F 238 -48.32 -19.56 -1.54
C PRO F 238 -49.37 -18.65 -2.15
N PHE F 239 -50.57 -19.18 -2.34
CA PHE F 239 -51.74 -18.36 -2.61
C PHE F 239 -52.66 -18.52 -1.43
N VAL F 240 -53.16 -17.40 -0.93
CA VAL F 240 -53.82 -17.35 0.38
C VAL F 240 -55.14 -16.61 0.30
N ALA F 241 -55.96 -16.78 1.32
CA ALA F 241 -57.19 -16.01 1.48
C ALA F 241 -57.40 -15.82 2.97
N GLY F 242 -58.28 -14.88 3.32
CA GLY F 242 -58.63 -14.69 4.71
C GLY F 242 -59.38 -15.91 5.17
N THR F 243 -59.10 -16.33 6.40
CA THR F 243 -59.83 -17.45 6.99
C THR F 243 -61.32 -17.10 7.07
N ALA F 244 -61.60 -15.81 7.27
CA ALA F 244 -63.00 -15.36 7.35
C ALA F 244 -63.74 -15.72 6.07
N PHE F 245 -63.06 -15.50 4.95
CA PHE F 245 -63.67 -15.76 3.66
C PHE F 245 -63.67 -17.25 3.30
N TRP F 246 -62.51 -17.89 3.49
CA TRP F 246 -62.34 -19.28 3.09
C TRP F 246 -63.32 -20.20 3.82
N ASN F 247 -63.40 -20.10 5.16
CA ASN F 247 -64.20 -21.04 5.94
C ASN F 247 -65.68 -20.91 5.64
N ASN F 248 -66.07 -19.75 5.14
CA ASN F 248 -67.45 -19.48 4.72
C ASN F 248 -67.83 -20.25 3.44
N LEU F 249 -66.87 -20.53 2.56
CA LEU F 249 -67.13 -21.31 1.35
C LEU F 249 -67.64 -22.69 1.75
N THR F 250 -68.34 -23.38 0.85
CA THR F 250 -68.83 -24.70 1.23
C THR F 250 -67.68 -25.70 1.10
N PRO F 251 -67.74 -26.80 1.85
CA PRO F 251 -66.76 -27.86 1.66
C PRO F 251 -66.66 -28.28 0.21
N GLU F 252 -67.75 -28.12 -0.55
CA GLU F 252 -67.78 -28.60 -1.92
C GLU F 252 -66.95 -27.66 -2.78
N GLN F 253 -67.12 -26.36 -2.53
CA GLN F 253 -66.38 -25.34 -3.26
C GLN F 253 -64.89 -25.41 -2.92
N GLN F 254 -64.58 -25.54 -1.64
CA GLN F 254 -63.18 -25.58 -1.21
C GLN F 254 -62.48 -26.73 -1.90
N LYS F 255 -63.18 -27.85 -2.01
CA LYS F 255 -62.57 -29.02 -2.62
C LYS F 255 -62.33 -28.80 -4.12
N ILE F 256 -63.26 -28.16 -4.81
CA ILE F 256 -63.06 -27.87 -6.25
C ILE F 256 -61.85 -26.94 -6.41
N ILE F 257 -61.76 -25.95 -5.53
CA ILE F 257 -60.68 -24.96 -5.64
C ILE F 257 -59.33 -25.60 -5.33
N VAL F 258 -59.27 -26.41 -4.28
CA VAL F 258 -58.03 -27.09 -3.92
C VAL F 258 -57.67 -28.17 -4.95
N ASP F 259 -58.63 -28.97 -5.38
CA ASP F 259 -58.34 -29.99 -6.38
C ASP F 259 -57.75 -29.36 -7.64
N ALA F 260 -58.42 -28.36 -8.20
CA ALA F 260 -57.88 -27.63 -9.35
C ALA F 260 -56.54 -26.96 -9.09
N SER F 261 -56.30 -26.53 -7.85
CA SER F 261 -55.03 -25.87 -7.55
C SER F 261 -53.88 -26.84 -7.72
N ARG F 262 -54.11 -28.12 -7.48
CA ARG F 262 -53.02 -29.07 -7.56
C ARG F 262 -52.61 -29.22 -9.02
N GLU F 263 -53.61 -29.31 -9.90
CA GLU F 263 -53.36 -29.42 -11.33
C GLU F 263 -52.68 -28.15 -11.82
N MET F 264 -53.08 -27.00 -11.26
CA MET F 264 -52.47 -25.70 -11.61
C MET F 264 -50.99 -25.68 -11.28
N VAL F 265 -50.64 -26.24 -10.13
CA VAL F 265 -49.25 -26.26 -9.67
C VAL F 265 -48.40 -27.12 -10.61
N THR F 266 -48.94 -28.25 -11.02
CA THR F 266 -48.25 -29.14 -11.95
C THR F 266 -48.09 -28.51 -13.33
N TYR F 267 -49.17 -27.92 -13.82
CA TYR F 267 -49.16 -27.21 -15.09
C TYR F 267 -48.14 -26.07 -15.04
N GLY F 268 -48.23 -25.27 -13.97
CA GLY F 268 -47.31 -24.16 -13.80
C GLY F 268 -45.85 -24.57 -13.73
N GLY F 269 -45.57 -25.74 -13.14
CA GLY F 269 -44.23 -26.27 -13.07
C GLY F 269 -43.72 -26.59 -14.48
N GLY F 270 -44.60 -27.12 -15.31
CA GLY F 270 -44.29 -27.34 -16.71
C GLY F 270 -43.98 -26.03 -17.42
N LEU F 271 -44.84 -25.04 -17.20
CA LEU F 271 -44.62 -23.74 -17.80
C LEU F 271 -43.27 -23.19 -17.39
N ILE F 272 -42.97 -23.19 -16.09
CA ILE F 272 -41.70 -22.61 -15.62
C ILE F 272 -40.45 -23.35 -16.15
N GLU F 273 -40.53 -24.69 -16.25
CA GLU F 273 -39.41 -25.47 -16.77
C GLU F 273 -39.07 -25.04 -18.19
N GLN F 274 -40.10 -24.73 -18.99
CA GLN F 274 -39.89 -24.28 -20.34
C GLN F 274 -39.48 -22.79 -20.36
N ALA F 275 -40.07 -21.99 -19.48
CA ALA F 275 -39.98 -20.53 -19.63
C ALA F 275 -38.70 -19.90 -19.10
N GLU F 276 -38.10 -20.45 -18.05
CA GLU F 276 -36.97 -19.71 -17.45
C GLU F 276 -35.86 -19.38 -18.47
N ASN F 277 -35.45 -20.38 -19.23
CA ASN F 277 -34.36 -20.19 -20.18
C ASN F 277 -34.78 -19.43 -21.42
N GLU F 278 -36.03 -19.58 -21.84
CA GLU F 278 -36.49 -18.78 -22.97
C GLU F 278 -36.53 -17.28 -22.59
N ALA F 279 -36.84 -16.97 -21.32
CA ALA F 279 -36.83 -15.57 -20.90
C ALA F 279 -35.39 -15.06 -20.80
N LEU F 280 -34.48 -15.93 -20.40
CA LEU F 280 -33.07 -15.59 -20.41
C LEU F 280 -32.66 -15.19 -21.84
N GLU F 281 -33.02 -16.02 -22.81
CA GLU F 281 -32.71 -15.72 -24.20
C GLU F 281 -33.44 -14.45 -24.65
N ASN F 282 -34.69 -14.26 -24.22
CA ASN F 282 -35.36 -13.03 -24.59
C ASN F 282 -34.71 -11.79 -23.96
N LEU F 283 -34.26 -11.92 -22.72
CA LEU F 283 -33.49 -10.84 -22.09
C LEU F 283 -32.20 -10.49 -22.90
N LYS F 284 -31.44 -11.51 -23.30
CA LYS F 284 -30.24 -11.23 -24.06
C LYS F 284 -30.58 -10.56 -25.37
N LYS F 285 -31.67 -10.98 -26.00
CA LYS F 285 -32.10 -10.43 -27.27
C LYS F 285 -32.40 -8.95 -27.14
N ALA F 286 -32.86 -8.55 -25.96
CA ALA F 286 -33.22 -7.17 -25.70
C ALA F 286 -32.06 -6.34 -25.13
N GLY F 287 -30.87 -6.93 -25.12
CA GLY F 287 -29.64 -6.23 -24.77
C GLY F 287 -29.04 -6.50 -23.41
N VAL F 288 -29.57 -7.49 -22.71
CA VAL F 288 -29.04 -7.83 -21.40
C VAL F 288 -27.78 -8.67 -21.55
N THR F 289 -26.77 -8.33 -20.73
CA THR F 289 -25.55 -9.09 -20.56
C THR F 289 -25.77 -10.03 -19.39
N VAL F 290 -25.41 -11.29 -19.58
CA VAL F 290 -25.59 -12.30 -18.55
C VAL F 290 -24.23 -12.57 -17.95
N ASN F 291 -24.13 -12.42 -16.64
CA ASN F 291 -22.88 -12.62 -15.93
C ASN F 291 -22.96 -13.81 -15.00
N ASP F 292 -22.01 -14.72 -15.11
CA ASP F 292 -21.87 -15.77 -14.13
C ASP F 292 -21.27 -15.11 -12.89
N VAL F 293 -21.62 -15.63 -11.71
CA VAL F 293 -21.04 -15.14 -10.47
C VAL F 293 -20.24 -16.22 -9.75
N ASP F 294 -19.50 -15.78 -8.73
CA ASP F 294 -18.78 -16.68 -7.81
C ASP F 294 -19.81 -17.19 -6.81
N LEU F 295 -20.38 -18.35 -7.09
CA LEU F 295 -21.46 -18.87 -6.26
C LEU F 295 -20.98 -19.24 -4.86
N PRO F 296 -19.83 -19.93 -4.76
CA PRO F 296 -19.36 -20.14 -3.39
C PRO F 296 -19.24 -18.85 -2.57
N ALA F 297 -18.77 -17.77 -3.19
CA ALA F 297 -18.66 -16.50 -2.49
C ALA F 297 -20.04 -15.98 -2.09
N PHE F 298 -21.03 -16.12 -2.97
CA PHE F 298 -22.36 -15.64 -2.61
C PHE F 298 -22.99 -16.49 -1.50
N GLU F 299 -22.83 -17.81 -1.57
CA GLU F 299 -23.39 -18.64 -0.50
C GLU F 299 -22.66 -18.33 0.81
N ALA F 300 -21.37 -18.02 0.76
CA ALA F 300 -20.61 -17.79 2.00
C ALA F 300 -21.08 -16.49 2.63
N SER F 301 -21.49 -15.55 1.78
CA SER F 301 -21.94 -14.23 2.24
C SER F 301 -23.19 -14.30 3.11
N VAL F 302 -23.96 -15.38 2.98
CA VAL F 302 -25.22 -15.50 3.71
C VAL F 302 -25.15 -16.50 4.87
N ALA F 303 -23.97 -17.04 5.17
CA ALA F 303 -23.84 -18.08 6.17
C ALA F 303 -24.23 -17.55 7.55
N ASP F 304 -23.89 -16.30 7.84
CA ASP F 304 -24.22 -15.73 9.15
C ASP F 304 -25.69 -15.38 9.30
N VAL F 305 -26.27 -14.78 8.28
CA VAL F 305 -27.63 -14.31 8.38
C VAL F 305 -28.60 -15.50 8.49
N ILE F 306 -28.35 -16.59 7.75
CA ILE F 306 -29.26 -17.75 7.86
C ILE F 306 -29.16 -18.42 9.23
N SER F 307 -28.05 -18.22 9.91
CA SER F 307 -27.78 -18.87 11.18
C SER F 307 -28.30 -18.09 12.40
N THR F 308 -28.00 -16.80 12.47
CA THR F 308 -28.40 -16.00 13.63
C THR F 308 -29.04 -14.65 13.27
N GLY F 309 -29.14 -14.37 11.98
CA GLY F 309 -29.74 -13.14 11.49
C GLY F 309 -31.26 -13.04 11.53
N PHE F 310 -31.93 -14.16 11.79
CA PHE F 310 -33.38 -14.13 12.02
C PHE F 310 -33.59 -14.67 13.43
N PRO F 311 -33.37 -13.80 14.41
CA PRO F 311 -33.49 -14.30 15.79
C PRO F 311 -34.91 -14.80 16.15
N GLU F 312 -35.92 -14.44 15.36
CA GLU F 312 -37.30 -14.91 15.60
C GLU F 312 -37.48 -16.40 15.28
N TRP F 313 -36.59 -16.95 14.47
CA TRP F 313 -36.69 -18.37 14.06
C TRP F 313 -36.36 -19.34 15.21
N SER F 314 -36.95 -20.53 15.16
CA SER F 314 -36.47 -21.63 15.97
C SER F 314 -34.97 -21.86 15.73
N PRO F 315 -34.26 -22.29 16.78
CA PRO F 315 -32.83 -22.59 16.70
C PRO F 315 -32.52 -23.59 15.62
N ASN F 316 -31.46 -23.33 14.88
CA ASN F 316 -30.96 -24.20 13.83
C ASN F 316 -31.97 -24.50 12.73
N LEU F 317 -32.87 -23.56 12.46
CA LEU F 317 -33.97 -23.82 11.55
C LEU F 317 -33.48 -24.11 10.10
N TYR F 318 -32.61 -23.26 9.59
CA TYR F 318 -32.08 -23.46 8.24
C TYR F 318 -31.41 -24.81 8.11
N LYS F 319 -30.52 -25.13 9.05
CA LYS F 319 -29.84 -26.41 9.02
C LYS F 319 -30.85 -27.57 9.16
N ASN F 320 -31.75 -27.45 10.13
CA ASN F 320 -32.73 -28.50 10.35
C ASN F 320 -33.55 -28.74 9.07
N VAL F 321 -33.99 -27.67 8.42
CA VAL F 321 -34.75 -27.82 7.19
C VAL F 321 -33.87 -28.38 6.06
N GLN F 322 -32.60 -28.04 6.02
CA GLN F 322 -31.70 -28.73 5.08
C GLN F 322 -31.64 -30.23 5.32
N GLU F 323 -31.65 -30.65 6.58
CA GLU F 323 -31.63 -32.07 6.90
C GLU F 323 -32.92 -32.74 6.42
N LYS F 324 -34.06 -32.08 6.61
CA LYS F 324 -35.32 -32.58 6.06
C LYS F 324 -35.22 -32.69 4.53
N LEU F 325 -34.83 -31.60 3.85
CA LEU F 325 -34.81 -31.59 2.40
C LEU F 325 -33.96 -32.73 1.84
N SER F 326 -32.96 -33.18 2.60
CA SER F 326 -31.96 -34.12 2.09
C SER F 326 -32.31 -35.57 2.39
N GLN F 327 -33.20 -35.78 3.33
CA GLN F 327 -33.78 -37.10 3.53
C GLN F 327 -34.51 -37.44 2.24
N PHE F 328 -35.22 -36.46 1.68
CA PHE F 328 -35.92 -36.64 0.41
C PHE F 328 -34.94 -37.07 -0.68
N THR G 27 30.84 -41.81 1.04
CA THR G 27 30.16 -40.68 1.68
C THR G 27 28.79 -41.11 2.29
N GLU G 28 28.73 -41.16 3.62
CA GLU G 28 27.50 -41.54 4.32
C GLU G 28 26.65 -40.33 4.66
N ILE G 29 25.37 -40.40 4.32
CA ILE G 29 24.41 -39.35 4.66
C ILE G 29 23.21 -39.95 5.39
N MET G 30 22.92 -39.39 6.56
CA MET G 30 21.77 -39.83 7.34
C MET G 30 20.52 -39.07 6.88
N VAL G 31 19.43 -39.78 6.64
CA VAL G 31 18.19 -39.15 6.20
C VAL G 31 17.13 -39.25 7.31
N ALA G 32 16.64 -38.10 7.74
CA ALA G 32 15.80 -38.02 8.92
C ALA G 32 14.37 -37.63 8.60
N TYR G 33 13.40 -38.30 9.25
CA TYR G 33 11.99 -37.92 9.13
C TYR G 33 11.18 -38.57 10.25
N GLY G 34 9.91 -38.20 10.36
CA GLY G 34 9.07 -38.58 11.49
C GLY G 34 8.18 -39.77 11.18
N ASN G 35 8.02 -40.07 9.90
CA ASN G 35 7.12 -41.16 9.49
C ASN G 35 7.60 -42.55 9.81
N GLN G 36 6.65 -43.49 9.94
CA GLN G 36 6.93 -44.87 10.27
C GLN G 36 7.31 -45.72 9.06
N PRO G 37 8.10 -46.76 9.31
CA PRO G 37 8.39 -47.72 8.24
C PRO G 37 7.11 -48.14 7.50
N GLY G 38 7.21 -48.10 6.19
CA GLY G 38 6.14 -48.52 5.29
C GLY G 38 5.21 -47.40 4.86
N GLU G 39 5.29 -46.25 5.52
CA GLU G 39 4.51 -45.10 5.09
C GLU G 39 5.12 -44.60 3.77
N PRO G 40 4.33 -43.84 2.99
CA PRO G 40 4.81 -43.34 1.71
C PRO G 40 6.11 -42.60 1.83
N ILE G 41 6.30 -41.79 2.88
CA ILE G 41 7.54 -41.01 2.93
C ILE G 41 8.71 -41.95 3.11
N ASP G 42 8.49 -42.99 3.90
CA ASP G 42 9.52 -43.99 4.13
C ASP G 42 9.84 -44.75 2.84
N LYS G 43 8.83 -45.07 2.06
CA LYS G 43 9.07 -45.76 0.79
C LYS G 43 9.80 -44.85 -0.18
N ALA G 44 9.42 -43.59 -0.20
CA ALA G 44 10.06 -42.60 -1.06
C ALA G 44 11.54 -42.42 -0.67
N MET G 45 11.83 -42.40 0.63
CA MET G 45 13.22 -42.30 1.07
C MET G 45 14.06 -43.53 0.68
N HIS G 46 13.45 -44.70 0.74
CA HIS G 46 14.12 -45.90 0.30
C HIS G 46 14.36 -45.84 -1.20
N PHE G 47 13.39 -45.34 -1.93
CA PHE G 47 13.59 -45.14 -3.37
C PHE G 47 14.79 -44.20 -3.65
N TRP G 48 14.86 -43.11 -2.90
CA TRP G 48 15.91 -42.13 -3.09
C TRP G 48 17.27 -42.71 -2.77
N ALA G 49 17.35 -43.43 -1.66
CA ALA G 49 18.57 -44.11 -1.25
C ALA G 49 19.04 -45.11 -2.33
N ASP G 50 18.12 -45.92 -2.85
CA ASP G 50 18.50 -46.92 -3.84
C ASP G 50 19.02 -46.24 -5.10
N LYS G 51 18.31 -45.20 -5.57
CA LYS G 51 18.74 -44.51 -6.79
C LYS G 51 20.10 -43.85 -6.63
N VAL G 52 20.31 -43.21 -5.49
CA VAL G 52 21.58 -42.51 -5.23
C VAL G 52 22.76 -43.47 -5.15
N LYS G 53 22.52 -44.62 -4.54
CA LYS G 53 23.59 -45.61 -4.37
C LYS G 53 23.95 -46.21 -5.71
N GLU G 54 22.93 -46.43 -6.54
CA GLU G 54 23.11 -46.99 -7.87
C GLU G 54 23.90 -46.02 -8.75
N LYS G 55 23.41 -44.80 -8.87
CA LYS G 55 23.98 -43.80 -9.76
C LYS G 55 25.39 -43.37 -9.35
N SER G 56 25.72 -43.54 -8.09
CA SER G 56 27.04 -43.15 -7.58
C SER G 56 27.97 -44.36 -7.46
N ASN G 57 27.49 -45.54 -7.82
CA ASN G 57 28.25 -46.79 -7.71
C ASN G 57 28.76 -47.03 -6.29
N GLY G 58 27.93 -46.69 -5.33
CA GLY G 58 28.22 -46.95 -3.93
C GLY G 58 29.01 -45.85 -3.26
N ASP G 59 29.35 -44.79 -3.98
CA ASP G 59 30.09 -43.68 -3.39
C ASP G 59 29.23 -42.90 -2.39
N ILE G 60 27.92 -42.78 -2.67
CA ILE G 60 27.01 -42.09 -1.78
C ILE G 60 26.04 -43.09 -1.18
N VAL G 61 25.98 -43.11 0.14
CA VAL G 61 25.15 -44.07 0.85
C VAL G 61 24.24 -43.34 1.84
N PHE G 62 22.95 -43.34 1.57
CA PHE G 62 21.96 -42.85 2.53
C PHE G 62 21.72 -43.88 3.65
N LYS G 63 21.66 -43.43 4.90
CA LYS G 63 21.19 -44.29 5.99
C LYS G 63 19.90 -43.69 6.53
N LEU G 64 18.82 -44.48 6.55
CA LEU G 64 17.51 -43.91 6.87
C LEU G 64 17.18 -43.99 8.36
N PHE G 65 16.60 -42.91 8.84
CA PHE G 65 16.26 -42.76 10.26
C PHE G 65 14.83 -42.31 10.37
N PRO G 66 13.90 -43.25 10.13
CA PRO G 66 12.49 -42.94 10.29
C PRO G 66 12.12 -42.75 11.77
N SER G 67 10.85 -42.45 12.01
CA SER G 67 10.27 -42.48 13.38
C SER G 67 11.03 -41.53 14.34
N SER G 68 11.54 -40.41 13.82
CA SER G 68 12.22 -39.42 14.63
C SER G 68 13.41 -40.00 15.40
N GLN G 69 14.08 -40.99 14.82
CA GLN G 69 15.20 -41.64 15.50
C GLN G 69 16.38 -40.72 15.83
N LEU G 70 16.64 -39.72 14.97
CA LEU G 70 17.76 -38.81 15.23
C LEU G 70 17.37 -37.66 16.17
N GLY G 71 16.07 -37.56 16.46
CA GLY G 71 15.55 -36.45 17.23
C GLY G 71 14.27 -35.92 16.60
N SER G 72 13.66 -34.95 17.26
CA SER G 72 12.50 -34.26 16.72
C SER G 72 12.91 -33.54 15.43
N GLU G 73 11.93 -33.15 14.63
CA GLU G 73 12.21 -32.50 13.34
C GLU G 73 13.00 -31.21 13.58
N THR G 74 12.60 -30.51 14.62
CA THR G 74 13.17 -29.22 14.99
C THR G 74 14.61 -29.39 15.45
N GLU G 75 14.87 -30.37 16.31
CA GLU G 75 16.21 -30.65 16.82
C GLU G 75 17.15 -31.02 15.67
N VAL G 76 16.67 -31.87 14.75
CA VAL G 76 17.51 -32.37 13.67
C VAL G 76 17.93 -31.28 12.68
N LEU G 77 17.06 -30.31 12.39
CA LEU G 77 17.43 -29.19 11.55
C LEU G 77 18.54 -28.40 12.21
N GLU G 78 18.50 -28.31 13.53
CA GLU G 78 19.59 -27.62 14.20
C GLU G 78 20.90 -28.37 13.99
N GLN G 79 20.84 -29.70 14.06
CA GLN G 79 22.04 -30.53 13.87
C GLN G 79 22.57 -30.35 12.47
N ALA G 80 21.67 -30.26 11.49
CA ALA G 80 22.08 -30.14 10.08
C ALA G 80 22.73 -28.80 9.81
N LYS G 81 22.13 -27.75 10.34
CA LYS G 81 22.65 -26.42 10.14
C LYS G 81 24.08 -26.32 10.63
N PHE G 82 24.41 -27.03 11.70
CA PHE G 82 25.76 -26.98 12.24
C PHE G 82 26.78 -27.87 11.49
N GLY G 83 26.32 -28.57 10.47
CA GLY G 83 27.24 -29.29 9.62
C GLY G 83 27.18 -30.80 9.70
N ALA G 84 26.26 -31.35 10.48
CA ALA G 84 26.13 -32.80 10.54
C ALA G 84 25.77 -33.32 9.16
N ASN G 85 26.23 -34.53 8.85
CA ASN G 85 25.94 -35.16 7.55
C ASN G 85 24.49 -35.62 7.44
N ILE G 86 23.58 -34.65 7.42
CA ILE G 86 22.15 -34.97 7.49
C ILE G 86 21.34 -34.32 6.37
N ILE G 87 20.43 -35.10 5.81
CA ILE G 87 19.37 -34.57 4.97
C ILE G 87 18.10 -34.85 5.77
N THR G 88 17.30 -33.83 6.04
CA THR G 88 16.12 -34.01 6.85
C THR G 88 14.91 -33.41 6.15
N ILE G 89 13.75 -33.99 6.42
CA ILE G 89 12.51 -33.35 6.08
C ILE G 89 12.45 -32.09 6.98
N SER G 90 11.79 -31.05 6.47
CA SER G 90 11.54 -29.84 7.23
C SER G 90 10.13 -29.39 6.87
N ASP G 91 9.82 -28.11 7.08
CA ASP G 91 8.47 -27.60 6.84
C ASP G 91 8.51 -26.11 6.55
N TYR G 92 7.75 -25.67 5.54
CA TYR G 92 7.77 -24.27 5.15
C TYR G 92 7.26 -23.36 6.28
N GLY G 93 6.27 -23.81 7.06
CA GLY G 93 5.81 -23.00 8.18
C GLY G 93 6.88 -22.83 9.22
N ALA G 94 7.66 -23.87 9.44
CA ALA G 94 8.75 -23.76 10.40
C ALA G 94 9.86 -22.88 9.86
N LEU G 95 10.17 -23.03 8.57
CA LEU G 95 11.27 -22.27 7.96
C LEU G 95 10.93 -20.79 7.81
N MET G 96 9.65 -20.45 7.97
CA MET G 96 9.25 -19.07 7.82
C MET G 96 9.83 -18.23 8.97
N ASP G 97 10.31 -18.89 10.03
CA ASP G 97 11.04 -18.19 11.09
C ASP G 97 12.33 -17.59 10.54
N ILE G 98 12.83 -18.15 9.46
CA ILE G 98 14.08 -17.69 8.81
C ILE G 98 13.82 -16.82 7.59
N VAL G 99 12.98 -17.29 6.67
CA VAL G 99 12.52 -16.51 5.51
C VAL G 99 11.01 -16.45 5.54
N PRO G 100 10.45 -15.32 5.97
CA PRO G 100 9.00 -15.33 6.25
C PRO G 100 8.07 -15.78 5.10
N ASP G 101 8.36 -15.42 3.87
CA ASP G 101 7.38 -15.66 2.81
C ASP G 101 7.26 -17.13 2.42
N LEU G 102 8.19 -17.98 2.85
CA LEU G 102 8.05 -19.41 2.66
C LEU G 102 6.78 -19.88 3.36
N GLY G 103 6.35 -19.15 4.38
CA GLY G 103 5.25 -19.63 5.21
C GLY G 103 3.91 -19.74 4.51
N VAL G 104 3.79 -19.14 3.33
CA VAL G 104 2.55 -19.12 2.59
C VAL G 104 2.26 -20.46 1.86
N ILE G 105 3.28 -21.29 1.66
CA ILE G 105 3.15 -22.43 0.74
C ILE G 105 2.07 -23.43 1.21
N ASN G 106 1.99 -23.60 2.51
CA ASN G 106 1.00 -24.51 3.11
C ASN G 106 -0.01 -23.79 4.01
N ALA G 107 -0.12 -22.46 3.83
CA ALA G 107 -1.19 -21.66 4.41
C ALA G 107 -2.53 -22.30 4.13
N PRO G 108 -3.41 -22.29 5.11
CA PRO G 108 -4.64 -23.08 4.98
C PRO G 108 -5.51 -22.69 3.80
N TYR G 109 -5.95 -23.71 3.06
CA TYR G 109 -6.85 -23.58 1.92
C TYR G 109 -6.30 -22.79 0.73
N ILE G 110 -4.98 -22.61 0.68
CA ILE G 110 -4.43 -21.79 -0.38
C ILE G 110 -4.67 -22.43 -1.76
N SER G 111 -4.73 -23.76 -1.81
CA SER G 111 -4.96 -24.49 -3.08
C SER G 111 -5.33 -25.93 -2.79
N GLN G 112 -6.23 -26.46 -3.60
CA GLN G 112 -6.60 -27.86 -3.51
C GLN G 112 -5.72 -28.76 -4.39
N SER G 113 -4.72 -28.21 -5.08
CA SER G 113 -3.97 -28.99 -6.06
C SER G 113 -2.48 -29.17 -5.74
N PHE G 114 -2.04 -30.41 -5.52
CA PHE G 114 -0.61 -30.67 -5.34
C PHE G 114 0.18 -30.27 -6.59
N GLU G 115 -0.42 -30.47 -7.75
CA GLU G 115 0.31 -30.16 -9.00
C GLU G 115 0.55 -28.64 -9.15
N LYS G 116 -0.47 -27.82 -8.88
CA LYS G 116 -0.27 -26.37 -8.94
C LYS G 116 0.76 -25.93 -7.91
N LYS G 117 0.75 -26.51 -6.71
CA LYS G 117 1.76 -26.17 -5.72
C LYS G 117 3.14 -26.61 -6.19
N SER G 118 3.25 -27.78 -6.82
CA SER G 118 4.52 -28.19 -7.42
C SER G 118 5.04 -27.13 -8.41
N LYS G 119 4.18 -26.60 -9.29
CA LYS G 119 4.66 -25.60 -10.24
C LYS G 119 5.07 -24.33 -9.53
N LEU G 120 4.32 -23.95 -8.49
CA LEU G 120 4.68 -22.80 -7.65
C LEU G 120 6.08 -23.03 -7.10
N LEU G 121 6.33 -24.24 -6.63
CA LEU G 121 7.62 -24.58 -6.03
C LEU G 121 8.75 -24.75 -7.04
N HIS G 122 8.42 -24.57 -8.31
CA HIS G 122 9.45 -24.44 -9.34
C HIS G 122 9.57 -23.06 -9.97
N SER G 123 8.83 -22.09 -9.45
CA SER G 123 8.82 -20.75 -10.01
C SER G 123 10.05 -19.95 -9.57
N ASP G 124 10.37 -18.91 -10.35
CA ASP G 124 11.42 -18.01 -9.94
C ASP G 124 11.14 -17.34 -8.59
N TRP G 125 9.86 -17.07 -8.32
CA TRP G 125 9.46 -16.50 -7.03
C TRP G 125 9.97 -17.39 -5.91
N PHE G 126 9.77 -18.69 -6.06
CA PHE G 126 10.21 -19.62 -5.03
C PHE G 126 11.74 -19.73 -5.04
N LYS G 127 12.33 -19.73 -6.22
CA LYS G 127 13.79 -19.84 -6.31
C LYS G 127 14.50 -18.70 -5.61
N ASP G 128 13.89 -17.53 -5.65
CA ASP G 128 14.45 -16.35 -4.97
C ASP G 128 14.41 -16.55 -3.46
N LEU G 129 13.29 -17.09 -2.95
CA LEU G 129 13.17 -17.39 -1.51
C LEU G 129 14.14 -18.46 -1.11
N SER G 130 14.29 -19.50 -1.94
CA SER G 130 15.26 -20.55 -1.66
C SER G 130 16.67 -19.98 -1.61
N ASP G 131 16.98 -19.04 -2.51
CA ASP G 131 18.31 -18.40 -2.49
C ASP G 131 18.47 -17.65 -1.17
N LYS G 132 17.41 -16.99 -0.71
CA LYS G 132 17.50 -16.29 0.58
C LYS G 132 17.77 -17.25 1.72
N LEU G 133 17.06 -18.38 1.77
CA LEU G 133 17.28 -19.35 2.83
C LEU G 133 18.71 -19.86 2.83
N ASP G 134 19.30 -19.98 1.63
CA ASP G 134 20.67 -20.43 1.47
C ASP G 134 21.64 -19.48 2.20
N GLN G 135 21.27 -18.22 2.29
CA GLN G 135 22.10 -17.24 2.98
C GLN G 135 22.05 -17.41 4.49
N HIS G 136 21.11 -18.25 4.94
CA HIS G 136 20.90 -18.49 6.36
C HIS G 136 21.22 -19.93 6.72
N ASP G 137 22.14 -20.53 5.99
CA ASP G 137 22.76 -21.77 6.40
C ASP G 137 21.89 -23.02 6.21
N ILE G 138 20.73 -22.88 5.55
CA ILE G 138 19.93 -24.05 5.19
C ILE G 138 19.70 -24.06 3.68
N HIS G 139 19.92 -25.24 3.07
CA HIS G 139 19.69 -25.44 1.63
C HIS G 139 18.58 -26.45 1.37
N ILE G 140 17.53 -26.00 0.69
CA ILE G 140 16.50 -26.91 0.20
C ILE G 140 17.02 -27.68 -1.03
N ILE G 141 17.15 -28.99 -0.85
CA ILE G 141 17.57 -29.87 -1.92
C ILE G 141 16.41 -30.19 -2.84
N VAL G 142 15.27 -30.53 -2.25
CA VAL G 142 14.07 -30.84 -3.03
C VAL G 142 12.89 -30.18 -2.35
N PRO G 143 12.13 -29.39 -3.12
CA PRO G 143 11.13 -28.55 -2.45
C PRO G 143 9.72 -29.09 -2.38
N ASP G 144 9.41 -30.18 -3.10
CA ASP G 144 8.04 -30.44 -3.47
C ASP G 144 7.63 -31.90 -3.30
N VAL G 145 8.08 -32.51 -2.24
CA VAL G 145 7.55 -33.82 -1.89
C VAL G 145 6.10 -33.70 -1.43
N ILE G 146 5.22 -34.50 -2.02
CA ILE G 146 3.82 -34.51 -1.63
C ILE G 146 3.71 -35.27 -0.32
N TYR G 147 3.31 -34.56 0.74
CA TYR G 147 3.15 -35.16 2.07
C TYR G 147 1.72 -35.66 2.30
N GLY G 148 0.73 -34.98 1.73
CA GLY G 148 -0.65 -35.40 1.82
C GLY G 148 -1.59 -34.30 2.31
N THR G 149 -2.88 -34.61 2.34
CA THR G 149 -3.89 -33.67 2.80
C THR G 149 -4.13 -33.81 4.30
N ARG G 150 -3.81 -32.75 5.04
CA ARG G 150 -4.02 -32.70 6.48
C ARG G 150 -5.50 -32.57 6.88
N HIS G 151 -5.87 -33.43 7.83
CA HIS G 151 -7.21 -33.41 8.44
C HIS G 151 -7.06 -33.43 9.94
N LEU G 152 -8.10 -33.02 10.66
CA LEU G 152 -8.17 -33.20 12.12
C LEU G 152 -8.44 -34.64 12.53
N LEU G 153 -7.74 -35.12 13.55
CA LEU G 153 -8.16 -36.36 14.20
C LEU G 153 -8.36 -36.05 15.68
N THR G 154 -9.59 -36.25 16.16
CA THR G 154 -9.96 -35.87 17.53
C THR G 154 -10.74 -36.98 18.21
N LYS G 155 -10.87 -36.83 19.52
CA LYS G 155 -11.66 -37.82 20.31
C LYS G 155 -13.17 -37.71 20.07
N LYS G 156 -13.64 -36.49 19.88
CA LYS G 156 -15.06 -36.20 19.67
C LYS G 156 -15.28 -35.57 18.31
N PRO G 157 -16.44 -35.83 17.70
CA PRO G 157 -16.65 -35.36 16.33
C PRO G 157 -16.60 -33.84 16.21
N VAL G 158 -16.09 -33.37 15.07
CA VAL G 158 -16.07 -31.96 14.76
C VAL G 158 -16.57 -31.82 13.33
N THR G 159 -17.61 -31.04 13.11
CA THR G 159 -18.15 -30.85 11.77
C THR G 159 -18.16 -29.37 11.39
N LYS G 160 -17.81 -28.52 12.35
CA LYS G 160 -17.80 -27.08 12.15
C LYS G 160 -16.92 -26.47 13.20
N PRO G 161 -16.43 -25.24 12.95
CA PRO G 161 -15.49 -24.67 13.92
C PRO G 161 -15.98 -24.60 15.37
N SER G 162 -17.25 -24.30 15.60
CA SER G 162 -17.75 -24.22 16.99
C SER G 162 -17.56 -25.54 17.74
N ASP G 163 -17.60 -26.68 17.05
CA ASP G 163 -17.44 -28.00 17.69
C ASP G 163 -16.05 -28.14 18.22
N LEU G 164 -15.10 -27.53 17.52
CA LEU G 164 -13.72 -27.69 17.87
C LEU G 164 -13.39 -26.81 19.06
N LYS G 165 -14.18 -25.77 19.28
CA LYS G 165 -13.84 -24.75 20.26
C LYS G 165 -13.55 -25.31 21.66
N GLY G 166 -12.33 -25.10 22.16
CA GLY G 166 -11.96 -25.55 23.50
C GLY G 166 -11.14 -26.85 23.55
N MET G 167 -11.12 -27.61 22.47
CA MET G 167 -10.31 -28.83 22.45
C MET G 167 -8.84 -28.46 22.36
N LYS G 168 -8.00 -29.22 23.06
CA LYS G 168 -6.56 -29.10 22.90
C LYS G 168 -6.08 -29.90 21.69
N VAL G 169 -5.65 -29.18 20.66
CA VAL G 169 -5.21 -29.84 19.44
C VAL G 169 -3.71 -29.66 19.28
N ARG G 170 -3.01 -30.79 19.22
CA ARG G 170 -1.57 -30.74 19.04
C ARG G 170 -1.22 -30.17 17.67
N VAL G 171 -0.18 -29.33 17.64
CA VAL G 171 0.53 -28.99 16.40
C VAL G 171 2.00 -29.25 16.60
N GLN G 172 2.74 -29.45 15.50
CA GLN G 172 4.17 -29.42 15.56
C GLN G 172 4.59 -28.00 15.87
N HIS G 173 5.89 -27.80 16.03
CA HIS G 173 6.42 -26.45 16.23
C HIS G 173 6.45 -25.67 14.92
N SER G 174 5.34 -24.99 14.66
CA SER G 174 5.15 -24.18 13.48
C SER G 174 4.14 -23.10 13.86
N ARG G 175 4.55 -21.84 13.74
N ARG G 175 4.55 -21.84 13.73
CA ARG G 175 3.68 -20.72 14.09
CA ARG G 175 3.68 -20.73 14.08
C ARG G 175 2.50 -20.66 13.12
C ARG G 175 2.49 -20.66 13.11
N LEU G 176 2.74 -21.05 11.87
CA LEU G 176 1.66 -21.13 10.89
C LEU G 176 0.53 -22.05 11.39
N PHE G 177 0.89 -23.25 11.78
CA PHE G 177 -0.11 -24.26 12.13
C PHE G 177 -0.69 -23.93 13.53
N LEU G 178 0.12 -23.38 14.41
CA LEU G 178 -0.37 -22.95 15.72
C LEU G 178 -1.48 -21.91 15.50
N GLN G 179 -1.20 -20.87 14.72
CA GLN G 179 -2.20 -19.82 14.52
C GLN G 179 -3.39 -20.24 13.65
N THR G 180 -3.18 -21.20 12.74
CA THR G 180 -4.26 -21.75 11.99
C THR G 180 -5.21 -22.49 12.92
N ILE G 181 -4.68 -23.37 13.75
CA ILE G 181 -5.55 -24.15 14.62
C ILE G 181 -6.26 -23.24 15.63
N ASN G 182 -5.57 -22.19 16.09
CA ASN G 182 -6.15 -21.23 17.03
C ASN G 182 -7.37 -20.54 16.39
N ALA G 183 -7.21 -20.16 15.13
CA ALA G 183 -8.27 -19.44 14.40
C ALA G 183 -9.48 -20.36 14.16
N MET G 184 -9.21 -21.62 13.92
CA MET G 184 -10.28 -22.60 13.71
C MET G 184 -11.06 -22.94 14.99
N GLY G 185 -10.51 -22.59 16.15
CA GLY G 185 -11.23 -22.75 17.40
C GLY G 185 -10.53 -23.66 18.40
N GLY G 186 -9.47 -24.31 17.99
CA GLY G 186 -8.74 -25.20 18.86
C GLY G 186 -7.78 -24.47 19.78
N VAL G 187 -7.39 -25.12 20.86
CA VAL G 187 -6.30 -24.65 21.67
C VAL G 187 -5.03 -25.29 21.18
N PRO G 188 -4.23 -24.54 20.38
CA PRO G 188 -3.06 -25.24 19.84
C PRO G 188 -2.06 -25.61 20.91
N THR G 189 -1.48 -26.80 20.81
CA THR G 189 -0.62 -27.35 21.85
C THR G 189 0.62 -27.89 21.14
N PRO G 190 1.69 -27.08 21.05
CA PRO G 190 2.85 -27.54 20.29
C PRO G 190 3.53 -28.72 20.96
N MET G 191 3.85 -29.73 20.17
CA MET G 191 4.45 -30.94 20.67
C MET G 191 5.12 -31.69 19.50
N SER G 192 6.23 -32.36 19.77
CA SER G 192 6.91 -33.19 18.81
C SER G 192 6.04 -34.38 18.44
N LEU G 193 6.17 -34.84 17.22
CA LEU G 193 5.36 -35.96 16.76
C LEU G 193 5.44 -37.20 17.66
N SER G 194 6.64 -37.51 18.16
CA SER G 194 6.84 -38.73 18.97
C SER G 194 6.14 -38.63 20.32
N ASP G 195 5.69 -37.43 20.68
CA ASP G 195 5.03 -37.21 21.97
C ASP G 195 3.51 -37.24 21.86
N VAL G 196 2.99 -37.30 20.64
CA VAL G 196 1.56 -37.19 20.42
C VAL G 196 0.79 -38.40 20.97
N TYR G 197 1.25 -39.62 20.68
CA TYR G 197 0.46 -40.81 21.08
C TYR G 197 0.22 -40.84 22.59
N PRO G 198 1.27 -40.70 23.40
CA PRO G 198 1.05 -40.65 24.85
C PRO G 198 0.27 -39.41 25.32
N GLY G 199 0.46 -38.28 24.64
CA GLY G 199 -0.33 -37.10 24.93
C GLY G 199 -1.82 -37.44 24.86
N LEU G 200 -2.22 -38.08 23.76
CA LEU G 200 -3.62 -38.45 23.59
C LEU G 200 -4.04 -39.50 24.63
N SER G 201 -3.20 -40.51 24.83
CA SER G 201 -3.55 -41.58 25.74
C SER G 201 -3.78 -41.07 27.14
N GLU G 202 -2.94 -40.15 27.56
CA GLU G 202 -3.01 -39.65 28.94
C GLU G 202 -3.96 -38.48 29.10
N GLY G 203 -4.66 -38.09 28.04
CA GLY G 203 -5.67 -37.05 28.15
C GLY G 203 -5.14 -35.61 28.27
N ILE G 204 -3.94 -35.38 27.76
CA ILE G 204 -3.24 -34.09 27.75
C ILE G 204 -3.61 -33.26 26.50
N ILE G 205 -3.91 -33.97 25.41
CA ILE G 205 -4.45 -33.37 24.19
C ILE G 205 -5.66 -34.17 23.71
N ASP G 206 -6.55 -33.48 23.00
CA ASP G 206 -7.79 -34.09 22.50
C ASP G 206 -7.65 -34.52 21.02
N GLY G 207 -6.62 -34.06 20.36
CA GLY G 207 -6.44 -34.41 18.96
C GLY G 207 -5.17 -33.84 18.37
N LEU G 208 -5.07 -33.97 17.05
CA LEU G 208 -3.94 -33.50 16.27
C LEU G 208 -4.40 -33.35 14.81
N GLU G 209 -3.47 -33.03 13.91
CA GLU G 209 -3.80 -33.05 12.50
C GLU G 209 -2.64 -33.50 11.66
N ASN G 210 -2.98 -34.17 10.56
CA ASN G 210 -2.02 -34.81 9.67
C ASN G 210 -2.80 -35.54 8.59
N PRO G 211 -2.10 -35.95 7.52
CA PRO G 211 -2.75 -36.73 6.47
C PRO G 211 -3.10 -38.13 6.97
N THR G 212 -4.02 -38.80 6.29
CA THR G 212 -4.44 -40.13 6.70
C THR G 212 -3.24 -41.09 6.82
N VAL G 213 -2.26 -41.05 5.89
CA VAL G 213 -1.20 -42.04 5.97
C VAL G 213 -0.36 -41.87 7.24
N VAL G 214 -0.25 -40.64 7.71
CA VAL G 214 0.55 -40.34 8.88
C VAL G 214 -0.27 -40.71 10.13
N LEU G 215 -1.56 -40.40 10.09
CA LEU G 215 -2.46 -40.73 11.21
C LEU G 215 -2.51 -42.24 11.43
N PHE G 216 -2.61 -42.99 10.34
CA PHE G 216 -2.67 -44.44 10.42
C PHE G 216 -1.30 -45.01 10.83
N GLY G 217 -0.24 -44.50 10.23
CA GLY G 217 1.09 -45.00 10.49
C GLY G 217 1.54 -44.85 11.92
N GLY G 218 1.07 -43.79 12.56
CA GLY G 218 1.43 -43.47 13.92
C GLY G 218 0.47 -44.11 14.92
N LYS G 219 -0.54 -44.81 14.41
CA LYS G 219 -1.51 -45.52 15.25
C LYS G 219 -2.39 -44.60 16.13
N PHE G 220 -2.50 -43.34 15.78
CA PHE G 220 -3.16 -42.40 16.68
C PHE G 220 -4.63 -42.77 16.81
N PHE G 221 -5.12 -43.49 15.82
CA PHE G 221 -6.50 -43.90 15.78
C PHE G 221 -6.90 -44.78 16.99
N GLU G 222 -5.91 -45.36 17.68
CA GLU G 222 -6.18 -46.24 18.81
C GLU G 222 -6.73 -45.45 20.00
N VAL G 223 -6.45 -44.14 19.99
CA VAL G 223 -6.79 -43.28 21.13
C VAL G 223 -7.56 -42.02 20.72
N ALA G 224 -7.91 -41.91 19.44
CA ALA G 224 -8.77 -40.84 18.93
C ALA G 224 -9.45 -41.33 17.66
N LYS G 225 -10.78 -41.30 17.64
CA LYS G 225 -11.56 -42.05 16.65
C LYS G 225 -12.37 -41.19 15.70
N ASN G 226 -12.21 -39.87 15.75
CA ASN G 226 -12.98 -39.03 14.83
C ASN G 226 -12.06 -38.33 13.89
N LEU G 227 -12.10 -38.75 12.61
CA LEU G 227 -11.39 -38.09 11.55
C LEU G 227 -12.34 -37.07 10.97
N ASN G 228 -11.99 -35.80 11.05
CA ASN G 228 -12.84 -34.73 10.56
C ASN G 228 -12.15 -34.12 9.34
N LEU G 229 -12.82 -34.18 8.19
CA LEU G 229 -12.16 -33.95 6.91
C LEU G 229 -12.04 -32.45 6.58
N THR G 230 -11.34 -31.73 7.44
CA THR G 230 -11.09 -30.30 7.24
C THR G 230 -10.24 -29.99 5.99
N ALA G 231 -9.36 -30.92 5.61
CA ALA G 231 -8.59 -30.76 4.37
C ALA G 231 -8.02 -29.36 4.31
N HIS G 232 -7.43 -28.92 5.41
CA HIS G 232 -7.00 -27.55 5.56
C HIS G 232 -5.67 -27.27 4.85
N THR G 233 -4.81 -28.27 4.72
CA THR G 233 -3.56 -28.13 3.96
C THR G 233 -3.28 -29.28 3.00
N LYS G 234 -3.03 -28.94 1.75
CA LYS G 234 -2.45 -29.90 0.81
C LYS G 234 -0.96 -29.76 0.95
N HIS G 235 -0.41 -30.56 1.84
CA HIS G 235 0.89 -30.28 2.41
C HIS G 235 2.05 -30.69 1.47
N MET G 236 2.91 -29.72 1.10
CA MET G 236 4.15 -29.98 0.38
C MET G 236 5.37 -29.87 1.31
N SER G 237 6.33 -30.76 1.15
CA SER G 237 7.46 -30.86 2.06
C SER G 237 8.80 -30.65 1.38
N PRO G 238 9.68 -29.83 2.00
CA PRO G 238 11.05 -29.74 1.47
C PRO G 238 11.92 -30.74 2.21
N PHE G 239 12.98 -31.22 1.58
CA PHE G 239 14.08 -31.90 2.26
C PHE G 239 15.31 -31.04 2.12
N VAL G 240 15.99 -30.83 3.24
CA VAL G 240 17.02 -29.85 3.33
C VAL G 240 18.28 -30.42 3.96
N ALA G 241 19.37 -29.69 3.78
CA ALA G 241 20.59 -29.93 4.53
C ALA G 241 21.16 -28.59 4.94
N GLY G 242 22.06 -28.60 5.91
CA GLY G 242 22.85 -27.43 6.20
C GLY G 242 23.78 -27.10 5.04
N THR G 243 23.95 -25.82 4.76
CA THR G 243 24.84 -25.39 3.69
C THR G 243 26.28 -25.82 3.94
N ALA G 244 26.68 -25.80 5.21
CA ALA G 244 28.04 -26.19 5.57
C ALA G 244 28.32 -27.61 5.13
N PHE G 245 27.32 -28.48 5.22
CA PHE G 245 27.51 -29.86 4.80
C PHE G 245 27.32 -30.00 3.29
N TRP G 246 26.24 -29.43 2.79
CA TRP G 246 25.89 -29.55 1.38
C TRP G 246 26.98 -28.97 0.48
N ASN G 247 27.50 -27.78 0.82
CA ASN G 247 28.48 -27.14 -0.06
C ASN G 247 29.78 -27.93 -0.09
N ASN G 248 29.99 -28.74 0.94
CA ASN G 248 31.18 -29.58 1.04
C ASN G 248 31.10 -30.88 0.22
N LEU G 249 29.92 -31.24 -0.27
CA LEU G 249 29.80 -32.39 -1.17
C LEU G 249 30.34 -31.96 -2.52
N THR G 250 30.77 -32.92 -3.34
CA THR G 250 31.33 -32.53 -4.65
C THR G 250 30.18 -32.15 -5.56
N PRO G 251 30.47 -31.37 -6.60
CA PRO G 251 29.37 -31.02 -7.51
C PRO G 251 28.72 -32.26 -8.12
N GLU G 252 29.52 -33.30 -8.33
CA GLU G 252 29.06 -34.52 -8.95
C GLU G 252 28.12 -35.24 -7.99
N GLN G 253 28.47 -35.24 -6.72
CA GLN G 253 27.60 -35.85 -5.71
C GLN G 253 26.31 -35.07 -5.57
N GLN G 254 26.41 -33.74 -5.55
CA GLN G 254 25.24 -32.89 -5.47
C GLN G 254 24.27 -33.21 -6.60
N LYS G 255 24.79 -33.30 -7.82
CA LYS G 255 23.95 -33.54 -8.96
C LYS G 255 23.25 -34.89 -8.91
N ILE G 256 23.95 -35.93 -8.45
CA ILE G 256 23.33 -37.26 -8.37
C ILE G 256 22.16 -37.25 -7.37
N ILE G 257 22.39 -36.58 -6.24
CA ILE G 257 21.38 -36.49 -5.20
C ILE G 257 20.17 -35.73 -5.68
N VAL G 258 20.39 -34.62 -6.37
CA VAL G 258 19.32 -33.79 -6.87
C VAL G 258 18.56 -34.45 -8.03
N ASP G 259 19.30 -35.05 -8.96
CA ASP G 259 18.64 -35.73 -10.05
C ASP G 259 17.78 -36.88 -9.54
N ALA G 260 18.31 -37.67 -8.63
CA ALA G 260 17.55 -38.75 -8.02
C ALA G 260 16.35 -38.22 -7.22
N SER G 261 16.48 -37.03 -6.62
CA SER G 261 15.40 -36.49 -5.82
C SER G 261 14.19 -36.15 -6.69
N ARG G 262 14.41 -35.80 -7.96
CA ARG G 262 13.29 -35.49 -8.85
C ARG G 262 12.49 -36.77 -9.16
N GLU G 263 13.18 -37.88 -9.32
CA GLU G 263 12.48 -39.17 -9.52
C GLU G 263 11.76 -39.60 -8.26
N MET G 264 12.40 -39.38 -7.11
CA MET G 264 11.77 -39.64 -5.83
C MET G 264 10.45 -38.85 -5.73
N VAL G 265 10.46 -37.57 -6.12
CA VAL G 265 9.22 -36.82 -6.05
C VAL G 265 8.09 -37.45 -6.90
N THR G 266 8.45 -37.86 -8.11
CA THR G 266 7.49 -38.51 -8.99
C THR G 266 6.96 -39.84 -8.44
N TYR G 267 7.87 -40.68 -7.94
CA TYR G 267 7.51 -41.95 -7.35
C TYR G 267 6.61 -41.72 -6.15
N GLY G 268 6.92 -40.71 -5.35
CA GLY G 268 6.14 -40.45 -4.16
C GLY G 268 4.75 -39.97 -4.50
N GLY G 269 4.67 -39.19 -5.58
CA GLY G 269 3.41 -38.77 -6.17
C GLY G 269 2.50 -39.97 -6.47
N GLY G 270 3.07 -41.00 -7.08
CA GLY G 270 2.35 -42.26 -7.29
C GLY G 270 1.94 -42.92 -5.99
N LEU G 271 2.86 -43.03 -5.04
CA LEU G 271 2.52 -43.65 -3.77
C LEU G 271 1.32 -42.98 -3.11
N ILE G 272 1.36 -41.66 -3.05
CA ILE G 272 0.36 -40.90 -2.27
C ILE G 272 -0.99 -40.88 -2.99
N GLU G 273 -0.97 -40.90 -4.32
CA GLU G 273 -2.23 -40.95 -5.10
C GLU G 273 -3.06 -42.16 -4.65
N GLN G 274 -2.39 -43.27 -4.36
CA GLN G 274 -3.09 -44.47 -3.93
C GLN G 274 -3.28 -44.50 -2.40
N ALA G 275 -2.25 -44.10 -1.68
CA ALA G 275 -2.20 -44.38 -0.26
C ALA G 275 -3.15 -43.56 0.61
N GLU G 276 -3.55 -42.37 0.19
CA GLU G 276 -4.30 -41.51 1.11
C GLU G 276 -5.65 -42.15 1.34
N ASN G 277 -6.26 -42.59 0.25
CA ASN G 277 -7.59 -43.20 0.31
C ASN G 277 -7.56 -44.60 0.88
N GLU G 278 -6.49 -45.33 0.63
CA GLU G 278 -6.31 -46.61 1.30
C GLU G 278 -6.15 -46.45 2.83
N ALA G 279 -5.38 -45.44 3.26
CA ALA G 279 -5.27 -45.18 4.69
C ALA G 279 -6.62 -44.77 5.32
N LEU G 280 -7.43 -44.05 4.57
CA LEU G 280 -8.74 -43.67 5.02
C LEU G 280 -9.52 -44.95 5.31
N GLU G 281 -9.46 -45.88 4.37
CA GLU G 281 -10.21 -47.10 4.54
C GLU G 281 -9.71 -47.92 5.72
N ASN G 282 -8.40 -47.96 5.91
CA ASN G 282 -7.85 -48.71 7.01
C ASN G 282 -8.23 -48.06 8.34
N LEU G 283 -8.21 -46.73 8.38
CA LEU G 283 -8.69 -46.02 9.57
C LEU G 283 -10.12 -46.45 9.89
N LYS G 284 -10.98 -46.51 8.86
CA LYS G 284 -12.37 -46.91 9.08
C LYS G 284 -12.46 -48.35 9.59
N LYS G 285 -11.65 -49.24 9.01
CA LYS G 285 -11.64 -50.64 9.46
C LYS G 285 -11.21 -50.71 10.92
N ALA G 286 -10.41 -49.73 11.33
CA ALA G 286 -9.89 -49.71 12.67
C ALA G 286 -10.87 -49.03 13.62
N GLY G 287 -12.05 -48.69 13.12
CA GLY G 287 -13.06 -48.10 13.98
C GLY G 287 -13.18 -46.59 14.04
N VAL G 288 -12.57 -45.88 13.09
CA VAL G 288 -12.63 -44.43 13.04
C VAL G 288 -13.90 -43.98 12.31
N THR G 289 -14.58 -42.98 12.85
CA THR G 289 -15.71 -42.32 12.21
C THR G 289 -15.19 -41.15 11.37
N VAL G 290 -15.63 -41.09 10.12
CA VAL G 290 -15.16 -40.05 9.21
C VAL G 290 -16.27 -39.03 9.07
N ASN G 291 -15.96 -37.79 9.44
CA ASN G 291 -16.96 -36.73 9.44
C ASN G 291 -16.65 -35.72 8.37
N ASP G 292 -17.63 -35.42 7.52
CA ASP G 292 -17.52 -34.30 6.62
C ASP G 292 -17.67 -33.04 7.48
N VAL G 293 -17.03 -31.96 7.10
CA VAL G 293 -17.17 -30.72 7.83
C VAL G 293 -17.73 -29.62 6.94
N ASP G 294 -18.07 -28.49 7.57
CA ASP G 294 -18.49 -27.28 6.87
C ASP G 294 -17.22 -26.60 6.38
N LEU G 295 -16.81 -26.93 5.16
CA LEU G 295 -15.54 -26.45 4.63
C LEU G 295 -15.55 -24.94 4.47
N PRO G 296 -16.68 -24.38 4.00
CA PRO G 296 -16.69 -22.91 3.90
C PRO G 296 -16.52 -22.20 5.26
N ALA G 297 -17.05 -22.80 6.31
CA ALA G 297 -16.94 -22.24 7.65
C ALA G 297 -15.51 -22.34 8.17
N PHE G 298 -14.85 -23.47 7.90
CA PHE G 298 -13.47 -23.64 8.34
C PHE G 298 -12.55 -22.70 7.59
N GLU G 299 -12.77 -22.56 6.29
CA GLU G 299 -11.98 -21.60 5.52
C GLU G 299 -12.23 -20.17 5.98
N ALA G 300 -13.49 -19.83 6.29
CA ALA G 300 -13.76 -18.47 6.72
C ALA G 300 -13.04 -18.17 8.03
N SER G 301 -12.92 -19.17 8.90
CA SER G 301 -12.29 -18.92 10.21
C SER G 301 -10.84 -18.46 10.12
N VAL G 302 -10.15 -18.78 9.03
CA VAL G 302 -8.74 -18.45 8.91
C VAL G 302 -8.49 -17.18 8.08
N ALA G 303 -9.55 -16.46 7.72
CA ALA G 303 -9.40 -15.33 6.81
C ALA G 303 -8.44 -14.27 7.37
N ASP G 304 -8.45 -14.04 8.69
CA ASP G 304 -7.56 -13.04 9.26
C ASP G 304 -6.12 -13.56 9.40
N VAL G 305 -5.97 -14.82 9.80
CA VAL G 305 -4.63 -15.35 10.01
C VAL G 305 -3.82 -15.27 8.71
N ILE G 306 -4.44 -15.64 7.58
CA ILE G 306 -3.72 -15.68 6.31
C ILE G 306 -3.43 -14.31 5.66
N SER G 307 -4.08 -13.27 6.17
CA SER G 307 -3.98 -11.92 5.61
C SER G 307 -3.13 -11.01 6.48
N THR G 308 -3.47 -10.91 7.76
CA THR G 308 -2.78 -10.00 8.67
C THR G 308 -2.14 -10.67 9.88
N GLY G 309 -2.33 -11.99 10.01
CA GLY G 309 -1.82 -12.73 11.14
C GLY G 309 -0.30 -12.78 11.30
N PHE G 310 0.43 -12.77 10.18
CA PHE G 310 1.88 -12.81 10.21
C PHE G 310 2.39 -11.55 9.52
N PRO G 311 2.58 -10.48 10.28
CA PRO G 311 2.99 -9.19 9.69
C PRO G 311 4.32 -9.27 8.99
N GLU G 312 5.15 -10.23 9.39
CA GLU G 312 6.47 -10.34 8.80
C GLU G 312 6.38 -10.80 7.35
N TRP G 313 5.26 -11.38 6.96
CA TRP G 313 5.08 -11.73 5.53
C TRP G 313 5.00 -10.47 4.67
N SER G 314 5.41 -10.54 3.41
CA SER G 314 5.11 -9.47 2.47
C SER G 314 3.63 -9.18 2.42
N PRO G 315 3.24 -7.91 2.26
CA PRO G 315 1.80 -7.61 2.18
C PRO G 315 1.09 -8.34 1.05
N ASN G 316 -0.12 -8.83 1.33
CA ASN G 316 -0.97 -9.46 0.33
C ASN G 316 -0.40 -10.76 -0.25
N LEU G 317 0.49 -11.39 0.50
CA LEU G 317 1.18 -12.59 0.04
C LEU G 317 0.23 -13.74 -0.34
N TYR G 318 -0.69 -14.10 0.54
CA TYR G 318 -1.62 -15.18 0.25
C TYR G 318 -2.44 -14.91 -1.00
N LYS G 319 -3.05 -13.73 -1.06
CA LYS G 319 -3.76 -13.30 -2.27
C LYS G 319 -2.88 -13.34 -3.51
N ASN G 320 -1.64 -12.86 -3.38
CA ASN G 320 -0.74 -12.82 -4.52
C ASN G 320 -0.34 -14.21 -4.98
N VAL G 321 -0.10 -15.12 -4.03
CA VAL G 321 0.25 -16.50 -4.37
C VAL G 321 -0.96 -17.21 -5.01
N GLN G 322 -2.17 -16.96 -4.50
CA GLN G 322 -3.37 -17.51 -5.14
C GLN G 322 -3.44 -17.07 -6.62
N GLU G 323 -3.09 -15.81 -6.90
CA GLU G 323 -3.06 -15.32 -8.29
C GLU G 323 -2.04 -16.09 -9.12
N LYS G 324 -0.84 -16.30 -8.58
CA LYS G 324 0.15 -17.13 -9.25
C LYS G 324 -0.40 -18.51 -9.56
N LEU G 325 -1.01 -19.15 -8.55
CA LEU G 325 -1.49 -20.53 -8.66
C LEU G 325 -2.52 -20.66 -9.77
N SER G 326 -3.39 -19.65 -9.91
CA SER G 326 -4.43 -19.68 -10.94
C SER G 326 -3.90 -19.54 -12.37
N GLN G 327 -2.63 -19.19 -12.53
CA GLN G 327 -2.04 -19.14 -13.86
C GLN G 327 -1.65 -20.55 -14.33
N PHE G 328 -1.49 -21.46 -13.38
CA PHE G 328 -1.33 -22.88 -13.67
C PHE G 328 -2.72 -23.51 -13.80
N THR H 27 -36.94 11.73 -34.67
CA THR H 27 -36.01 12.21 -33.65
C THR H 27 -34.63 12.57 -34.25
N GLU H 28 -34.29 13.86 -34.23
CA GLU H 28 -33.02 14.34 -34.75
C GLU H 28 -31.97 14.40 -33.66
N ILE H 29 -30.79 13.83 -33.94
CA ILE H 29 -29.66 13.91 -33.03
C ILE H 29 -28.45 14.49 -33.77
N MET H 30 -27.84 15.51 -33.19
CA MET H 30 -26.64 16.12 -33.76
C MET H 30 -25.39 15.36 -33.27
N VAL H 31 -24.51 14.98 -34.19
CA VAL H 31 -23.30 14.24 -33.86
C VAL H 31 -22.08 15.14 -34.08
N ALA H 32 -21.32 15.38 -33.01
CA ALA H 32 -20.29 16.42 -33.01
C ALA H 32 -18.90 15.84 -32.86
N TYR H 33 -17.97 16.34 -33.68
CA TYR H 33 -16.57 15.91 -33.64
C TYR H 33 -15.67 16.92 -34.35
N GLY H 34 -14.36 16.79 -34.20
CA GLY H 34 -13.46 17.82 -34.72
C GLY H 34 -12.80 17.48 -36.05
N ASN H 35 -12.94 16.24 -36.47
CA ASN H 35 -12.35 15.78 -37.72
C ASN H 35 -13.01 16.36 -38.95
N GLN H 36 -12.22 16.44 -40.02
CA GLN H 36 -12.62 17.04 -41.27
C GLN H 36 -13.38 16.02 -42.11
N PRO H 37 -14.30 16.53 -42.93
CA PRO H 37 -15.03 15.63 -43.84
C PRO H 37 -14.06 14.71 -44.56
N GLY H 38 -14.39 13.42 -44.62
CA GLY H 38 -13.60 12.46 -45.38
C GLY H 38 -12.53 11.76 -44.57
N GLU H 39 -12.27 12.24 -43.35
CA GLU H 39 -11.37 11.53 -42.46
C GLU H 39 -12.06 10.23 -42.00
N PRO H 40 -11.28 9.28 -41.46
CA PRO H 40 -11.89 8.04 -40.98
C PRO H 40 -12.98 8.27 -39.93
N ILE H 41 -12.84 9.24 -39.05
CA ILE H 41 -13.88 9.42 -38.03
C ILE H 41 -15.13 9.93 -38.70
N ASP H 42 -14.97 10.81 -39.67
CA ASP H 42 -16.12 11.35 -40.39
C ASP H 42 -16.85 10.23 -41.14
N LYS H 43 -16.09 9.33 -41.76
CA LYS H 43 -16.66 8.18 -42.47
C LYS H 43 -17.38 7.23 -41.51
N ALA H 44 -16.81 7.05 -40.33
CA ALA H 44 -17.41 6.17 -39.34
C ALA H 44 -18.74 6.73 -38.89
N MET H 45 -18.81 8.05 -38.73
CA MET H 45 -20.04 8.69 -38.29
C MET H 45 -21.15 8.60 -39.36
N HIS H 46 -20.78 8.74 -40.62
CA HIS H 46 -21.75 8.53 -41.68
C HIS H 46 -22.29 7.10 -41.72
N PHE H 47 -21.40 6.15 -41.46
CA PHE H 47 -21.79 4.76 -41.34
C PHE H 47 -22.82 4.65 -40.22
N TRP H 48 -22.50 5.24 -39.08
CA TRP H 48 -23.37 5.13 -37.92
C TRP H 48 -24.73 5.72 -38.29
N ALA H 49 -24.69 6.93 -38.83
CA ALA H 49 -25.87 7.67 -39.27
C ALA H 49 -26.76 6.83 -40.18
N ASP H 50 -26.18 6.28 -41.24
CA ASP H 50 -26.94 5.54 -42.24
C ASP H 50 -27.55 4.25 -41.68
N LYS H 51 -26.82 3.56 -40.81
CA LYS H 51 -27.28 2.30 -40.22
C LYS H 51 -28.49 2.57 -39.29
N VAL H 52 -28.37 3.63 -38.49
CA VAL H 52 -29.40 4.01 -37.53
C VAL H 52 -30.67 4.46 -38.24
N LYS H 53 -30.52 5.20 -39.33
CA LYS H 53 -31.67 5.65 -40.10
C LYS H 53 -32.35 4.47 -40.78
N GLU H 54 -31.55 3.49 -41.17
CA GLU H 54 -32.09 2.31 -41.85
C GLU H 54 -32.84 1.44 -40.86
N LYS H 55 -32.19 1.11 -39.76
CA LYS H 55 -32.79 0.22 -38.75
C LYS H 55 -34.04 0.82 -38.13
N SER H 56 -34.07 2.14 -38.01
CA SER H 56 -35.19 2.85 -37.40
C SER H 56 -36.25 3.29 -38.41
N ASN H 57 -36.06 2.94 -39.69
CA ASN H 57 -36.99 3.40 -40.73
C ASN H 57 -37.24 4.90 -40.69
N GLY H 58 -36.18 5.65 -40.47
CA GLY H 58 -36.23 7.10 -40.50
C GLY H 58 -36.68 7.74 -39.18
N ASP H 59 -36.90 6.93 -38.15
CA ASP H 59 -37.34 7.47 -36.86
C ASP H 59 -36.20 8.17 -36.13
N ILE H 60 -34.99 7.66 -36.33
CA ILE H 60 -33.80 8.32 -35.83
C ILE H 60 -32.97 8.84 -37.00
N VAL H 61 -32.67 10.12 -36.95
CA VAL H 61 -31.86 10.78 -37.96
C VAL H 61 -30.66 11.50 -37.34
N PHE H 62 -29.45 11.03 -37.67
CA PHE H 62 -28.24 11.72 -37.26
C PHE H 62 -27.91 12.87 -38.22
N LYS H 63 -27.62 14.04 -37.66
CA LYS H 63 -27.14 15.17 -38.45
C LYS H 63 -25.68 15.40 -38.02
N LEU H 64 -24.75 15.35 -38.96
CA LEU H 64 -23.32 15.32 -38.61
C LEU H 64 -22.71 16.71 -38.63
N PHE H 65 -21.90 17.00 -37.61
CA PHE H 65 -21.23 18.29 -37.51
C PHE H 65 -19.74 18.07 -37.30
N PRO H 66 -19.03 17.81 -38.41
CA PRO H 66 -17.57 17.68 -38.39
C PRO H 66 -16.90 19.05 -38.15
N SER H 67 -15.59 19.06 -38.06
CA SER H 67 -14.82 20.31 -38.08
C SER H 67 -15.20 21.26 -36.95
N SER H 68 -15.63 20.71 -35.81
CA SER H 68 -15.99 21.51 -34.63
C SER H 68 -17.08 22.54 -34.89
N GLN H 69 -17.98 22.22 -35.81
CA GLN H 69 -19.00 23.21 -36.19
C GLN H 69 -19.88 23.61 -35.01
N LEU H 70 -20.05 22.72 -34.03
CA LEU H 70 -20.95 23.03 -32.90
C LEU H 70 -20.20 23.74 -31.77
N GLY H 71 -18.87 23.80 -31.88
CA GLY H 71 -18.07 24.39 -30.83
C GLY H 71 -16.88 23.50 -30.54
N SER H 72 -16.08 23.88 -29.55
CA SER H 72 -14.94 23.04 -29.17
C SER H 72 -15.47 21.78 -28.53
N GLU H 73 -14.62 20.76 -28.49
CA GLU H 73 -14.98 19.48 -27.94
C GLU H 73 -15.47 19.67 -26.50
N THR H 74 -14.75 20.50 -25.75
CA THR H 74 -15.08 20.81 -24.37
C THR H 74 -16.42 21.55 -24.25
N GLU H 75 -16.60 22.58 -25.08
CA GLU H 75 -17.84 23.35 -25.08
C GLU H 75 -19.02 22.45 -25.39
N VAL H 76 -18.83 21.52 -26.31
CA VAL H 76 -19.95 20.71 -26.75
C VAL H 76 -20.35 19.73 -25.65
N LEU H 77 -19.38 19.19 -24.90
CA LEU H 77 -19.75 18.28 -23.82
C LEU H 77 -20.69 18.99 -22.86
N GLU H 78 -20.41 20.27 -22.63
CA GLU H 78 -21.25 21.05 -21.73
C GLU H 78 -22.67 21.23 -22.28
N GLN H 79 -22.80 21.41 -23.60
CA GLN H 79 -24.13 21.51 -24.21
C GLN H 79 -24.87 20.18 -24.07
N ALA H 80 -24.13 19.08 -24.19
CA ALA H 80 -24.74 17.75 -24.11
C ALA H 80 -25.14 17.45 -22.67
N LYS H 81 -24.26 17.79 -21.73
CA LYS H 81 -24.53 17.50 -20.32
C LYS H 81 -25.79 18.21 -19.85
N PHE H 82 -26.05 19.39 -20.44
CA PHE H 82 -27.23 20.16 -20.07
C PHE H 82 -28.52 19.73 -20.79
N GLY H 83 -28.41 18.79 -21.72
CA GLY H 83 -29.60 18.17 -22.27
C GLY H 83 -29.82 18.35 -23.75
N ALA H 84 -28.86 18.98 -24.44
CA ALA H 84 -29.00 19.19 -25.86
C ALA H 84 -29.02 17.83 -26.56
N ASN H 85 -29.64 17.78 -27.73
CA ASN H 85 -29.77 16.54 -28.49
C ASN H 85 -28.49 16.25 -29.24
N ILE H 86 -27.43 15.98 -28.49
CA ILE H 86 -26.11 15.79 -29.04
C ILE H 86 -25.47 14.47 -28.65
N ILE H 87 -24.91 13.78 -29.64
CA ILE H 87 -23.86 12.80 -29.40
C ILE H 87 -22.53 13.42 -29.82
N THR H 88 -21.56 13.43 -28.92
CA THR H 88 -20.26 14.04 -29.24
C THR H 88 -19.12 13.09 -28.90
N ILE H 89 -18.07 13.11 -29.70
CA ILE H 89 -16.82 12.49 -29.31
C ILE H 89 -16.37 13.17 -28.01
N SER H 90 -15.64 12.44 -27.17
CA SER H 90 -15.01 13.01 -25.99
C SER H 90 -13.66 12.32 -25.83
N ASP H 91 -13.13 12.38 -24.63
CA ASP H 91 -11.78 11.93 -24.40
C ASP H 91 -11.63 11.50 -22.96
N TYR H 92 -10.97 10.38 -22.77
CA TYR H 92 -10.88 9.82 -21.42
C TYR H 92 -10.03 10.69 -20.51
N GLY H 93 -8.99 11.33 -21.05
CA GLY H 93 -8.17 12.24 -20.27
C GLY H 93 -8.97 13.43 -19.81
N ALA H 94 -9.82 13.94 -20.68
CA ALA H 94 -10.71 15.01 -20.31
C ALA H 94 -11.71 14.56 -19.26
N LEU H 95 -12.30 13.40 -19.48
CA LEU H 95 -13.34 12.87 -18.57
C LEU H 95 -12.78 12.51 -17.21
N MET H 96 -11.46 12.39 -17.11
CA MET H 96 -10.87 11.98 -15.84
C MET H 96 -11.00 13.07 -14.80
N ASP H 97 -11.38 14.27 -15.25
CA ASP H 97 -11.72 15.38 -14.34
C ASP H 97 -12.94 14.97 -13.48
N ILE H 98 -13.74 14.07 -14.03
CA ILE H 98 -14.99 13.60 -13.42
C ILE H 98 -14.85 12.22 -12.78
N VAL H 99 -14.23 11.27 -13.49
CA VAL H 99 -13.94 9.96 -12.92
C VAL H 99 -12.47 9.69 -13.19
N PRO H 100 -11.61 9.88 -12.18
CA PRO H 100 -10.16 9.90 -12.44
C PRO H 100 -9.62 8.66 -13.11
N ASP H 101 -10.05 7.47 -12.72
CA ASP H 101 -9.41 6.27 -13.29
C ASP H 101 -9.62 6.08 -14.79
N LEU H 102 -10.60 6.75 -15.38
CA LEU H 102 -10.73 6.77 -16.83
C LEU H 102 -9.45 7.27 -17.51
N GLY H 103 -8.69 8.11 -16.83
CA GLY H 103 -7.56 8.74 -17.48
C GLY H 103 -6.45 7.78 -17.89
N VAL H 104 -6.48 6.55 -17.41
CA VAL H 104 -5.39 5.62 -17.66
C VAL H 104 -5.49 5.02 -19.07
N ILE H 105 -6.68 5.08 -19.66
CA ILE H 105 -6.94 4.30 -20.86
C ILE H 105 -5.99 4.74 -22.01
N ASN H 106 -5.74 6.03 -22.08
CA ASN H 106 -4.85 6.54 -23.13
C ASN H 106 -3.55 7.09 -22.56
N ALA H 107 -3.19 6.68 -21.34
CA ALA H 107 -1.90 7.07 -20.76
C ALA H 107 -0.77 6.63 -21.67
N PRO H 108 0.28 7.44 -21.72
CA PRO H 108 1.32 7.24 -22.73
C PRO H 108 2.03 5.88 -22.64
N TYR H 109 2.18 5.25 -23.81
CA TYR H 109 2.84 3.93 -23.96
C TYR H 109 2.18 2.74 -23.23
N ILE H 110 0.92 2.86 -22.78
CA ILE H 110 0.36 1.80 -21.93
C ILE H 110 0.14 0.50 -22.71
N SER H 111 -0.11 0.63 -24.02
CA SER H 111 -0.24 -0.53 -24.90
C SER H 111 -0.08 -0.15 -26.37
N GLN H 112 0.49 -1.07 -27.14
CA GLN H 112 0.65 -0.91 -28.56
C GLN H 112 -0.56 -1.41 -29.36
N SER H 113 -1.53 -1.99 -28.66
CA SER H 113 -2.61 -2.71 -29.35
C SER H 113 -3.98 -2.08 -29.18
N PHE H 114 -4.61 -1.68 -30.28
CA PHE H 114 -5.98 -1.19 -30.21
C PHE H 114 -6.88 -2.34 -29.74
N GLU H 115 -6.61 -3.54 -30.21
CA GLU H 115 -7.48 -4.64 -29.85
C GLU H 115 -7.42 -4.96 -28.37
N LYS H 116 -6.24 -4.90 -27.76
CA LYS H 116 -6.18 -5.14 -26.32
C LYS H 116 -6.93 -4.03 -25.59
N LYS H 117 -6.77 -2.79 -26.03
CA LYS H 117 -7.53 -1.70 -25.40
C LYS H 117 -9.03 -1.90 -25.57
N SER H 118 -9.44 -2.35 -26.74
CA SER H 118 -10.86 -2.66 -26.97
C SER H 118 -11.41 -3.66 -25.92
N LYS H 119 -10.67 -4.72 -25.67
CA LYS H 119 -11.08 -5.71 -24.70
C LYS H 119 -11.13 -5.09 -23.30
N LEU H 120 -10.14 -4.25 -22.99
CA LEU H 120 -10.14 -3.52 -21.72
C LEU H 120 -11.41 -2.71 -21.58
N LEU H 121 -11.81 -2.08 -22.67
CA LEU H 121 -12.98 -1.23 -22.70
C LEU H 121 -14.30 -1.99 -22.73
N HIS H 122 -14.22 -3.31 -22.76
CA HIS H 122 -15.38 -4.15 -22.53
C HIS H 122 -15.37 -4.88 -21.20
N SER H 123 -14.38 -4.59 -20.36
CA SER H 123 -14.23 -5.30 -19.11
C SER H 123 -15.17 -4.79 -18.01
N ASP H 124 -15.38 -5.62 -17.00
CA ASP H 124 -16.19 -5.21 -15.86
C ASP H 124 -15.57 -4.02 -15.15
N TRP H 125 -14.22 -3.95 -15.14
CA TRP H 125 -13.49 -2.81 -14.54
C TRP H 125 -13.91 -1.53 -15.22
N PHE H 126 -14.00 -1.57 -16.53
CA PHE H 126 -14.41 -0.41 -17.28
C PHE H 126 -15.89 -0.10 -17.11
N LYS H 127 -16.74 -1.13 -17.13
CA LYS H 127 -18.18 -0.90 -16.98
C LYS H 127 -18.49 -0.24 -15.63
N ASP H 128 -17.67 -0.55 -14.63
CA ASP H 128 -17.83 0.03 -13.30
C ASP H 128 -17.56 1.52 -13.37
N LEU H 129 -16.53 1.90 -14.12
CA LEU H 129 -16.15 3.31 -14.27
C LEU H 129 -17.20 4.05 -15.12
N SER H 130 -17.72 3.38 -16.14
CA SER H 130 -18.77 3.99 -16.96
C SER H 130 -20.01 4.25 -16.11
N ASP H 131 -20.30 3.32 -15.20
CA ASP H 131 -21.47 3.48 -14.34
C ASP H 131 -21.24 4.69 -13.42
N LYS H 132 -20.02 4.87 -12.95
CA LYS H 132 -19.71 6.03 -12.10
C LYS H 132 -19.89 7.32 -12.90
N LEU H 133 -19.52 7.30 -14.19
CA LEU H 133 -19.66 8.49 -15.00
C LEU H 133 -21.14 8.81 -15.21
N ASP H 134 -21.96 7.78 -15.37
CA ASP H 134 -23.40 7.96 -15.51
C ASP H 134 -23.99 8.77 -14.36
N GLN H 135 -23.39 8.63 -13.17
CA GLN H 135 -23.88 9.33 -11.98
C GLN H 135 -23.57 10.81 -12.06
N HIS H 136 -22.65 11.19 -12.95
CA HIS H 136 -22.26 12.58 -13.15
C HIS H 136 -22.75 13.13 -14.48
N ASP H 137 -23.86 12.59 -14.96
CA ASP H 137 -24.67 13.26 -15.97
C ASP H 137 -24.16 13.04 -17.40
N ILE H 138 -23.15 12.20 -17.55
CA ILE H 138 -22.61 11.88 -18.88
C ILE H 138 -22.65 10.37 -19.09
N HIS H 139 -23.18 9.97 -20.23
CA HIS H 139 -23.30 8.55 -20.57
C HIS H 139 -22.44 8.18 -21.75
N ILE H 140 -21.50 7.27 -21.54
CA ILE H 140 -20.71 6.74 -22.66
C ILE H 140 -21.62 5.76 -23.44
N ILE H 141 -21.85 6.07 -24.71
CA ILE H 141 -22.72 5.23 -25.54
C ILE H 141 -21.89 4.14 -26.19
N VAL H 142 -20.75 4.52 -26.73
CA VAL H 142 -19.82 3.55 -27.30
C VAL H 142 -18.44 3.92 -26.81
N PRO H 143 -17.70 2.95 -26.27
CA PRO H 143 -16.45 3.27 -25.56
C PRO H 143 -15.18 3.20 -26.39
N ASP H 144 -15.22 2.51 -27.52
CA ASP H 144 -14.00 2.01 -28.12
C ASP H 144 -13.86 2.30 -29.60
N VAL H 145 -14.13 3.53 -30.01
CA VAL H 145 -13.79 3.96 -31.36
C VAL H 145 -12.28 4.15 -31.49
N ILE H 146 -11.68 3.49 -32.48
CA ILE H 146 -10.24 3.61 -32.72
C ILE H 146 -9.96 4.95 -33.42
N TYR H 147 -9.16 5.79 -32.77
CA TYR H 147 -8.89 7.13 -33.25
C TYR H 147 -7.57 7.19 -34.04
N GLY H 148 -6.59 6.39 -33.62
CA GLY H 148 -5.32 6.35 -34.32
C GLY H 148 -4.14 6.52 -33.36
N THR H 149 -2.94 6.42 -33.90
CA THR H 149 -1.71 6.47 -33.13
C THR H 149 -1.18 7.91 -33.10
N ARG H 150 -1.16 8.53 -31.94
CA ARG H 150 -0.75 9.91 -31.85
C ARG H 150 0.76 10.07 -31.99
N HIS H 151 1.14 11.04 -32.84
CA HIS H 151 2.56 11.39 -33.08
C HIS H 151 2.77 12.89 -32.94
N LEU H 152 3.99 13.30 -32.63
CA LEU H 152 4.31 14.73 -32.64
C LEU H 152 4.39 15.28 -34.08
N LEU H 153 3.78 16.45 -34.32
CA LEU H 153 4.09 17.20 -35.54
C LEU H 153 4.67 18.55 -35.15
N THR H 154 5.91 18.83 -35.57
CA THR H 154 6.60 20.03 -35.11
C THR H 154 7.26 20.73 -36.27
N LYS H 155 7.70 21.96 -36.01
CA LYS H 155 8.36 22.75 -37.06
C LYS H 155 9.78 22.24 -37.34
N LYS H 156 10.48 21.82 -36.29
CA LYS H 156 11.86 21.34 -36.38
C LYS H 156 11.91 19.92 -35.90
N PRO H 157 12.88 19.14 -36.38
CA PRO H 157 12.83 17.72 -36.03
C PRO H 157 13.05 17.43 -34.56
N VAL H 158 12.40 16.36 -34.10
CA VAL H 158 12.56 15.82 -32.75
C VAL H 158 12.81 14.32 -32.82
N THR H 159 13.96 13.87 -32.31
CA THR H 159 14.26 12.44 -32.30
C THR H 159 14.44 11.89 -30.89
N LYS H 160 14.41 12.78 -29.90
CA LYS H 160 14.62 12.44 -28.50
C LYS H 160 14.05 13.57 -27.62
N PRO H 161 13.80 13.27 -26.32
CA PRO H 161 13.13 14.29 -25.50
C PRO H 161 13.86 15.62 -25.42
N SER H 162 15.19 15.61 -25.28
CA SER H 162 15.96 16.86 -25.19
C SER H 162 15.71 17.77 -26.38
N ASP H 163 15.40 17.19 -27.54
CA ASP H 163 15.09 18.01 -28.72
C ASP H 163 13.88 18.92 -28.56
N LEU H 164 12.96 18.56 -27.65
CA LEU H 164 11.73 19.35 -27.38
C LEU H 164 11.90 20.58 -26.49
N LYS H 165 13.03 20.73 -25.82
CA LYS H 165 13.20 21.84 -24.88
C LYS H 165 12.77 23.15 -25.48
N GLY H 166 11.81 23.78 -24.81
CA GLY H 166 11.40 25.10 -25.19
C GLY H 166 10.33 25.09 -26.24
N MET H 167 10.13 23.96 -26.93
CA MET H 167 9.12 23.93 -27.98
C MET H 167 7.74 24.00 -27.35
N LYS H 168 6.94 24.95 -27.79
CA LYS H 168 5.55 25.03 -27.40
C LYS H 168 4.73 24.04 -28.21
N VAL H 169 4.28 22.99 -27.53
CA VAL H 169 3.52 21.93 -28.21
C VAL H 169 2.08 22.02 -27.74
N ARG H 170 1.17 22.29 -28.66
CA ARG H 170 -0.24 22.40 -28.35
C ARG H 170 -0.75 21.03 -27.84
N VAL H 171 -1.65 21.08 -26.84
CA VAL H 171 -2.43 19.92 -26.42
C VAL H 171 -3.89 20.34 -26.37
N GLN H 172 -4.84 19.40 -26.47
CA GLN H 172 -6.23 19.75 -26.22
C GLN H 172 -6.34 19.98 -24.73
N HIS H 173 -7.53 20.38 -24.30
CA HIS H 173 -7.84 20.52 -22.87
C HIS H 173 -7.99 19.16 -22.21
N SER H 174 -6.83 18.66 -21.80
CA SER H 174 -6.71 17.39 -21.10
C SER H 174 -5.48 17.44 -20.22
N ARG H 175 -5.68 17.27 -18.90
CA ARG H 175 -4.55 17.25 -17.97
C ARG H 175 -3.62 16.08 -18.23
N LEU H 176 -4.16 14.96 -18.73
CA LEU H 176 -3.31 13.83 -19.08
C LEU H 176 -2.30 14.18 -20.16
N PHE H 177 -2.79 14.76 -21.25
CA PHE H 177 -1.91 15.11 -22.37
C PHE H 177 -1.04 16.32 -22.00
N LEU H 178 -1.55 17.23 -21.18
CA LEU H 178 -0.75 18.39 -20.75
C LEU H 178 0.49 17.86 -20.05
N GLN H 179 0.28 17.07 -19.01
CA GLN H 179 1.43 16.59 -18.25
C GLN H 179 2.30 15.57 -18.96
N THR H 180 1.70 14.81 -19.88
CA THR H 180 2.48 13.88 -20.68
C THR H 180 3.50 14.64 -21.54
N ILE H 181 3.03 15.65 -22.26
CA ILE H 181 3.92 16.46 -23.11
C ILE H 181 4.97 17.22 -22.28
N ASN H 182 4.55 17.74 -21.14
CA ASN H 182 5.49 18.36 -20.22
C ASN H 182 6.59 17.40 -19.87
N ALA H 183 6.23 16.14 -19.60
CA ALA H 183 7.22 15.17 -19.15
C ALA H 183 8.17 14.80 -20.30
N MET H 184 7.62 14.80 -21.52
CA MET H 184 8.40 14.51 -22.71
C MET H 184 9.36 15.64 -23.09
N GLY H 185 9.20 16.81 -22.47
CA GLY H 185 10.11 17.92 -22.67
C GLY H 185 9.54 19.16 -23.36
N GLY H 186 8.30 19.10 -23.79
CA GLY H 186 7.70 20.27 -24.42
C GLY H 186 7.06 21.20 -23.42
N VAL H 187 6.79 22.42 -23.86
CA VAL H 187 5.93 23.34 -23.13
C VAL H 187 4.49 23.16 -23.58
N PRO H 188 3.66 22.45 -22.78
CA PRO H 188 2.30 22.16 -23.21
C PRO H 188 1.45 23.43 -23.27
N THR H 189 0.75 23.58 -24.37
CA THR H 189 0.01 24.79 -24.67
C THR H 189 -1.44 24.41 -25.00
N PRO H 190 -2.32 24.42 -23.98
CA PRO H 190 -3.70 23.98 -24.26
C PRO H 190 -4.47 24.90 -25.19
N MET H 191 -5.15 24.33 -26.20
CA MET H 191 -6.00 25.10 -27.10
C MET H 191 -6.90 24.19 -27.91
N SER H 192 -8.05 24.71 -28.32
CA SER H 192 -9.00 23.97 -29.12
C SER H 192 -8.42 23.64 -30.49
N LEU H 193 -8.90 22.55 -31.06
CA LEU H 193 -8.32 22.05 -32.29
C LEU H 193 -8.44 23.08 -33.40
N SER H 194 -9.57 23.78 -33.44
CA SER H 194 -9.79 24.77 -34.49
C SER H 194 -8.84 25.97 -34.41
N ASP H 195 -8.12 26.16 -33.31
CA ASP H 195 -7.18 27.29 -33.20
C ASP H 195 -5.74 26.87 -33.49
N VAL H 196 -5.51 25.58 -33.76
CA VAL H 196 -4.15 25.09 -33.93
C VAL H 196 -3.48 25.62 -35.22
N TYR H 197 -4.15 25.50 -36.36
CA TYR H 197 -3.54 25.92 -37.61
C TYR H 197 -3.08 27.40 -37.51
N PRO H 198 -3.98 28.33 -37.14
CA PRO H 198 -3.55 29.74 -36.97
C PRO H 198 -2.44 29.88 -35.94
N GLY H 199 -2.50 29.09 -34.87
CA GLY H 199 -1.47 29.09 -33.85
C GLY H 199 -0.08 28.82 -34.42
N LEU H 200 0.00 27.81 -35.26
CA LEU H 200 1.27 27.49 -35.91
C LEU H 200 1.67 28.54 -36.90
N SER H 201 0.74 28.92 -37.76
CA SER H 201 1.01 29.90 -38.80
C SER H 201 1.51 31.22 -38.22
N GLU H 202 0.96 31.63 -37.08
CA GLU H 202 1.31 32.94 -36.48
C GLU H 202 2.52 32.89 -35.53
N GLY H 203 3.02 31.68 -35.30
CA GLY H 203 4.25 31.50 -34.56
C GLY H 203 4.10 31.39 -33.06
N ILE H 204 2.90 31.08 -32.58
CA ILE H 204 2.66 31.07 -31.14
C ILE H 204 2.77 29.67 -30.54
N ILE H 205 2.66 28.65 -31.40
CA ILE H 205 3.03 27.28 -31.06
C ILE H 205 4.01 26.70 -32.09
N ASP H 206 4.82 25.72 -31.67
CA ASP H 206 5.78 25.07 -32.56
C ASP H 206 5.28 23.70 -33.08
N GLY H 207 4.24 23.15 -32.47
CA GLY H 207 3.73 21.87 -32.92
C GLY H 207 2.51 21.40 -32.16
N LEU H 208 2.07 20.19 -32.46
CA LEU H 208 0.93 19.57 -31.80
C LEU H 208 1.17 18.06 -31.88
N GLU H 209 0.16 17.27 -31.50
CA GLU H 209 0.22 15.83 -31.65
C GLU H 209 -1.16 15.26 -31.96
N ASN H 210 -1.17 14.22 -32.80
CA ASN H 210 -2.41 13.61 -33.26
C ASN H 210 -2.01 12.50 -34.20
N PRO H 211 -2.96 11.63 -34.59
CA PRO H 211 -2.64 10.63 -35.62
C PRO H 211 -2.44 11.26 -36.97
N THR H 212 -1.83 10.51 -37.87
CA THR H 212 -1.52 11.02 -39.19
C THR H 212 -2.76 11.46 -39.95
N VAL H 213 -3.88 10.76 -39.77
CA VAL H 213 -5.06 11.08 -40.55
C VAL H 213 -5.64 12.42 -40.15
N VAL H 214 -5.47 12.76 -38.87
CA VAL H 214 -5.92 14.01 -38.30
C VAL H 214 -4.93 15.13 -38.69
N LEU H 215 -3.65 14.82 -38.61
CA LEU H 215 -2.64 15.78 -39.06
C LEU H 215 -2.83 16.16 -40.52
N PHE H 216 -3.11 15.17 -41.36
CA PHE H 216 -3.32 15.46 -42.78
C PHE H 216 -4.65 16.14 -43.04
N GLY H 217 -5.74 15.63 -42.46
CA GLY H 217 -7.02 16.26 -42.69
C GLY H 217 -7.10 17.71 -42.24
N GLY H 218 -6.41 18.05 -41.17
CA GLY H 218 -6.42 19.40 -40.65
C GLY H 218 -5.43 20.33 -41.34
N LYS H 219 -4.68 19.78 -42.30
CA LYS H 219 -3.73 20.54 -43.09
C LYS H 219 -2.58 21.17 -42.27
N PHE H 220 -2.30 20.61 -41.10
CA PHE H 220 -1.29 21.18 -40.22
C PHE H 220 0.10 21.08 -40.83
N PHE H 221 0.26 20.16 -41.78
CA PHE H 221 1.52 19.99 -42.49
C PHE H 221 1.95 21.21 -43.27
N GLU H 222 1.01 22.11 -43.60
CA GLU H 222 1.35 23.30 -44.37
C GLU H 222 2.24 24.27 -43.60
N VAL H 223 2.21 24.17 -42.27
CA VAL H 223 2.97 25.10 -41.43
C VAL H 223 3.82 24.39 -40.38
N ALA H 224 3.87 23.07 -40.43
CA ALA H 224 4.83 22.30 -39.60
C ALA H 224 5.16 21.02 -40.36
N LYS H 225 6.44 20.85 -40.70
CA LYS H 225 6.85 19.82 -41.64
C LYS H 225 7.60 18.63 -41.03
N ASN H 226 7.73 18.56 -39.70
CA ASN H 226 8.43 17.42 -39.13
C ASN H 226 7.51 16.49 -38.35
N LEU H 227 7.25 15.31 -38.89
CA LEU H 227 6.46 14.32 -38.17
C LEU H 227 7.42 13.44 -37.41
N ASN H 228 7.31 13.43 -36.08
CA ASN H 228 8.22 12.64 -35.24
C ASN H 228 7.45 11.49 -34.60
N LEU H 229 7.81 10.26 -34.97
CA LEU H 229 6.98 9.10 -34.67
C LEU H 229 7.14 8.61 -33.25
N THR H 230 6.73 9.43 -32.27
CA THR H 230 6.75 9.03 -30.86
C THR H 230 5.72 7.93 -30.53
N ALA H 231 4.62 7.90 -31.26
CA ALA H 231 3.61 6.83 -31.12
C ALA H 231 3.25 6.67 -29.64
N HIS H 232 3.03 7.79 -28.99
CA HIS H 232 2.91 7.83 -27.54
C HIS H 232 1.54 7.36 -27.04
N THR H 233 0.53 7.40 -27.92
CA THR H 233 -0.83 6.97 -27.54
C THR H 233 -1.54 6.25 -28.68
N LYS H 234 -1.87 4.98 -28.48
CA LYS H 234 -2.81 4.29 -29.36
C LYS H 234 -4.19 4.71 -28.86
N HIS H 235 -4.73 5.76 -29.49
CA HIS H 235 -5.83 6.52 -28.91
C HIS H 235 -7.18 5.89 -29.15
N MET H 236 -7.91 5.66 -28.06
CA MET H 236 -9.28 5.17 -28.11
C MET H 236 -10.24 6.25 -27.66
N SER H 237 -11.35 6.39 -28.38
CA SER H 237 -12.31 7.46 -28.15
C SER H 237 -13.73 6.99 -27.74
N PRO H 238 -14.30 7.59 -26.68
CA PRO H 238 -15.72 7.42 -26.37
C PRO H 238 -16.59 8.41 -27.16
N PHE H 239 -17.80 7.99 -27.49
CA PHE H 239 -18.83 8.90 -27.95
C PHE H 239 -19.90 8.92 -26.86
N VAL H 240 -20.31 10.12 -26.47
CA VAL H 240 -21.07 10.30 -25.26
C VAL H 240 -22.30 11.16 -25.50
N ALA H 241 -23.23 11.11 -24.56
CA ALA H 241 -24.33 12.05 -24.50
C ALA H 241 -24.60 12.40 -23.06
N GLY H 242 -25.31 13.49 -22.84
CA GLY H 242 -25.78 13.79 -21.51
C GLY H 242 -26.82 12.77 -21.11
N THR H 243 -26.78 12.32 -19.86
CA THR H 243 -27.79 11.39 -19.34
C THR H 243 -29.19 11.99 -19.51
N ALA H 244 -29.29 13.30 -19.31
CA ALA H 244 -30.58 14.00 -19.46
C ALA H 244 -31.21 13.78 -20.83
N PHE H 245 -30.42 13.86 -21.89
CA PHE H 245 -30.92 13.62 -23.24
C PHE H 245 -31.08 12.12 -23.53
N TRP H 246 -30.07 11.34 -23.22
CA TRP H 246 -30.07 9.89 -23.49
C TRP H 246 -31.24 9.15 -22.82
N ASN H 247 -31.45 9.43 -21.55
CA ASN H 247 -32.53 8.80 -20.80
C ASN H 247 -33.91 9.17 -21.32
N ASN H 248 -33.97 10.20 -22.16
CA ASN H 248 -35.25 10.61 -22.74
C ASN H 248 -35.58 9.90 -24.05
N LEU H 249 -34.61 9.20 -24.60
CA LEU H 249 -34.87 8.36 -25.77
C LEU H 249 -35.63 7.11 -25.32
N THR H 250 -36.38 6.51 -26.22
CA THR H 250 -37.05 5.27 -25.88
C THR H 250 -36.02 4.15 -25.76
N PRO H 251 -36.34 3.10 -25.03
CA PRO H 251 -35.40 1.98 -24.95
C PRO H 251 -35.12 1.39 -26.32
N GLU H 252 -36.12 1.40 -27.19
CA GLU H 252 -35.94 0.88 -28.55
C GLU H 252 -34.96 1.73 -29.36
N GLN H 253 -35.08 3.05 -29.26
CA GLN H 253 -34.13 3.97 -29.91
C GLN H 253 -32.69 3.74 -29.40
N GLN H 254 -32.53 3.69 -28.08
CA GLN H 254 -31.24 3.41 -27.48
C GLN H 254 -30.62 2.16 -28.08
N LYS H 255 -31.40 1.08 -28.15
CA LYS H 255 -30.85 -0.19 -28.61
C LYS H 255 -30.39 -0.12 -30.06
N ILE H 256 -31.18 0.53 -30.91
CA ILE H 256 -30.81 0.74 -32.30
C ILE H 256 -29.48 1.51 -32.42
N ILE H 257 -29.35 2.58 -31.63
CA ILE H 257 -28.14 3.40 -31.61
C ILE H 257 -26.93 2.60 -31.10
N VAL H 258 -27.09 1.87 -30.01
CA VAL H 258 -26.02 1.06 -29.48
C VAL H 258 -25.63 -0.06 -30.43
N ASP H 259 -26.61 -0.78 -30.97
CA ASP H 259 -26.28 -1.91 -31.84
C ASP H 259 -25.51 -1.40 -33.05
N ALA H 260 -25.98 -0.30 -33.63
CA ALA H 260 -25.33 0.22 -34.81
C ALA H 260 -23.93 0.67 -34.47
N SER H 261 -23.74 1.17 -33.26
CA SER H 261 -22.44 1.72 -32.85
C SER H 261 -21.37 0.61 -32.84
N ARG H 262 -21.78 -0.62 -32.57
CA ARG H 262 -20.85 -1.71 -32.53
C ARG H 262 -20.33 -2.00 -33.93
N GLU H 263 -21.21 -1.97 -34.94
CA GLU H 263 -20.82 -2.20 -36.32
C GLU H 263 -19.91 -1.06 -36.78
N MET H 264 -20.25 0.16 -36.34
CA MET H 264 -19.44 1.32 -36.64
C MET H 264 -18.01 1.16 -36.12
N VAL H 265 -17.87 0.70 -34.89
CA VAL H 265 -16.55 0.47 -34.32
C VAL H 265 -15.72 -0.49 -35.18
N THR H 266 -16.33 -1.59 -35.60
CA THR H 266 -15.65 -2.55 -36.44
C THR H 266 -15.28 -1.98 -37.81
N TYR H 267 -16.23 -1.26 -38.40
CA TYR H 267 -16.02 -0.61 -39.69
C TYR H 267 -14.88 0.41 -39.58
N GLY H 268 -14.94 1.21 -38.53
CA GLY H 268 -13.92 2.22 -38.32
C GLY H 268 -12.53 1.66 -38.08
N GLY H 269 -12.46 0.48 -37.46
CA GLY H 269 -11.21 -0.22 -37.28
C GLY H 269 -10.60 -0.60 -38.62
N GLY H 270 -11.45 -1.00 -39.54
CA GLY H 270 -10.99 -1.30 -40.89
C GLY H 270 -10.49 -0.03 -41.55
N LEU H 271 -11.24 1.07 -41.43
CA LEU H 271 -10.82 2.35 -42.02
C LEU H 271 -9.46 2.77 -41.53
N ILE H 272 -9.27 2.72 -40.21
CA ILE H 272 -8.03 3.18 -39.61
C ILE H 272 -6.85 2.27 -39.98
N GLU H 273 -7.09 0.96 -40.09
CA GLU H 273 -6.02 0.01 -40.45
C GLU H 273 -5.39 0.37 -41.81
N GLN H 274 -6.23 0.89 -42.72
CA GLN H 274 -5.81 1.26 -44.05
C GLN H 274 -5.31 2.71 -44.06
N ALA H 275 -5.95 3.56 -43.27
CA ALA H 275 -5.76 4.99 -43.43
C ALA H 275 -4.50 5.57 -42.76
N GLU H 276 -4.05 5.01 -41.65
CA GLU H 276 -2.91 5.68 -40.95
C GLU H 276 -1.67 5.76 -41.86
N ASN H 277 -1.35 4.64 -42.53
CA ASN H 277 -0.18 4.61 -43.39
C ASN H 277 -0.41 5.36 -44.68
N GLU H 278 -1.64 5.36 -45.21
CA GLU H 278 -1.85 6.17 -46.43
C GLU H 278 -1.65 7.67 -46.10
N ALA H 279 -2.07 8.10 -44.91
CA ALA H 279 -1.89 9.49 -44.50
C ALA H 279 -0.41 9.83 -44.27
N LEU H 280 0.34 8.90 -43.71
CA LEU H 280 1.80 9.03 -43.67
C LEU H 280 2.35 9.31 -45.07
N GLU H 281 1.96 8.50 -46.05
CA GLU H 281 2.43 8.70 -47.42
C GLU H 281 1.97 10.03 -47.98
N ASN H 282 0.73 10.41 -47.70
CA ASN H 282 0.23 11.69 -48.19
C ASN H 282 0.96 12.88 -47.52
N LEU H 283 1.36 12.69 -46.26
CA LEU H 283 2.11 13.71 -45.54
C LEU H 283 3.46 13.88 -46.24
N LYS H 284 4.12 12.75 -46.49
CA LYS H 284 5.41 12.79 -47.18
C LYS H 284 5.29 13.50 -48.53
N LYS H 285 4.26 13.18 -49.31
CA LYS H 285 4.11 13.79 -50.64
C LYS H 285 3.93 15.30 -50.54
N ALA H 286 3.43 15.76 -49.39
CA ALA H 286 3.19 17.17 -49.15
C ALA H 286 4.42 17.83 -48.54
N GLY H 287 5.53 17.10 -48.45
CA GLY H 287 6.79 17.70 -48.05
C GLY H 287 7.20 17.46 -46.58
N VAL H 288 6.46 16.61 -45.87
CA VAL H 288 6.75 16.34 -44.44
C VAL H 288 7.94 15.39 -44.31
N THR H 289 8.92 15.75 -43.50
CA THR H 289 10.01 14.83 -43.17
C THR H 289 9.48 13.90 -42.07
N VAL H 290 9.70 12.59 -42.21
CA VAL H 290 9.34 11.63 -41.16
C VAL H 290 10.57 11.18 -40.36
N ASN H 291 10.62 11.54 -39.07
CA ASN H 291 11.74 11.14 -38.21
C ASN H 291 11.37 10.05 -37.21
N ASP H 292 12.10 8.94 -37.21
CA ASP H 292 11.96 7.96 -36.15
C ASP H 292 12.54 8.62 -34.91
N VAL H 293 12.10 8.18 -33.74
CA VAL H 293 12.60 8.71 -32.47
C VAL H 293 13.12 7.58 -31.59
N ASP H 294 13.79 7.98 -30.51
CA ASP H 294 14.28 7.06 -29.50
C ASP H 294 13.10 6.71 -28.60
N LEU H 295 12.42 5.62 -28.93
CA LEU H 295 11.18 5.28 -28.23
C LEU H 295 11.42 4.90 -26.76
N PRO H 296 12.53 4.21 -26.47
CA PRO H 296 12.81 3.95 -25.05
C PRO H 296 12.99 5.22 -24.23
N ALA H 297 13.65 6.24 -24.81
CA ALA H 297 13.87 7.49 -24.11
C ALA H 297 12.56 8.23 -23.90
N PHE H 298 11.71 8.24 -24.91
CA PHE H 298 10.41 8.91 -24.75
C PHE H 298 9.55 8.19 -23.72
N GLU H 299 9.47 6.88 -23.77
CA GLU H 299 8.73 6.15 -22.75
C GLU H 299 9.32 6.35 -21.34
N ALA H 300 10.64 6.37 -21.23
CA ALA H 300 11.26 6.61 -19.94
C ALA H 300 10.90 7.99 -19.41
N SER H 301 10.77 8.97 -20.31
CA SER H 301 10.52 10.33 -19.86
C SER H 301 9.19 10.43 -19.12
N VAL H 302 8.25 9.53 -19.43
CA VAL H 302 6.92 9.63 -18.83
C VAL H 302 6.73 8.75 -17.60
N ALA H 303 7.82 8.15 -17.11
CA ALA H 303 7.72 7.14 -16.05
C ALA H 303 7.13 7.69 -14.76
N ASP H 304 7.48 8.94 -14.40
CA ASP H 304 6.92 9.52 -13.18
C ASP H 304 5.47 9.95 -13.37
N VAL H 305 5.15 10.54 -14.52
CA VAL H 305 3.78 11.02 -14.69
C VAL H 305 2.73 9.87 -14.60
N ILE H 306 3.04 8.71 -15.17
CA ILE H 306 2.07 7.62 -15.26
C ILE H 306 1.90 6.91 -13.92
N SER H 307 2.84 7.12 -13.00
CA SER H 307 2.80 6.40 -11.74
C SER H 307 2.31 7.29 -10.59
N THR H 308 2.89 8.48 -10.44
CA THR H 308 2.52 9.34 -9.31
C THR H 308 2.13 10.76 -9.74
N GLY H 309 2.16 11.02 -11.04
CA GLY H 309 1.81 12.32 -11.56
C GLY H 309 0.39 12.75 -11.29
N PHE H 310 -0.55 11.79 -11.20
CA PHE H 310 -1.95 12.08 -10.96
C PHE H 310 -2.40 11.34 -9.68
N PRO H 311 -2.24 11.97 -8.52
CA PRO H 311 -2.57 11.27 -7.29
C PRO H 311 -4.05 10.95 -7.14
N GLU H 312 -4.90 11.60 -7.94
CA GLU H 312 -6.34 11.34 -7.93
C GLU H 312 -6.64 9.91 -8.41
N TRP H 313 -5.72 9.33 -9.18
CA TRP H 313 -5.85 7.95 -9.66
C TRP H 313 -5.70 6.96 -8.55
N SER H 314 -6.38 5.83 -8.66
CA SER H 314 -6.12 4.75 -7.73
C SER H 314 -4.63 4.40 -7.78
N PRO H 315 -4.05 4.07 -6.64
CA PRO H 315 -2.62 3.71 -6.60
C PRO H 315 -2.31 2.58 -7.57
N ASN H 316 -1.17 2.69 -8.25
CA ASN H 316 -0.68 1.64 -9.16
C ASN H 316 -1.58 1.38 -10.35
N LEU H 317 -2.40 2.35 -10.74
CA LEU H 317 -3.40 2.13 -11.79
C LEU H 317 -2.74 1.73 -13.13
N TYR H 318 -1.72 2.46 -13.58
CA TYR H 318 -1.11 2.16 -14.87
C TYR H 318 -0.56 0.73 -14.88
N LYS H 319 0.11 0.35 -13.80
CA LYS H 319 0.67 -1.01 -13.65
C LYS H 319 -0.39 -2.07 -13.64
N ASN H 320 -1.42 -1.83 -12.85
CA ASN H 320 -2.51 -2.79 -12.75
C ASN H 320 -3.23 -2.96 -14.09
N VAL H 321 -3.37 -1.87 -14.85
CA VAL H 321 -4.00 -1.95 -16.15
C VAL H 321 -3.11 -2.65 -17.17
N GLN H 322 -1.80 -2.44 -17.13
CA GLN H 322 -0.87 -3.21 -17.96
C GLN H 322 -0.94 -4.70 -17.68
N GLU H 323 -1.13 -5.06 -16.42
CA GLU H 323 -1.31 -6.44 -16.03
C GLU H 323 -2.61 -6.98 -16.63
N LYS H 324 -3.68 -6.18 -16.58
CA LYS H 324 -4.94 -6.57 -17.19
C LYS H 324 -4.76 -6.80 -18.68
N LEU H 325 -4.12 -5.85 -19.35
CA LEU H 325 -3.95 -5.93 -20.79
C LEU H 325 -3.15 -7.17 -21.17
N SER H 326 -2.20 -7.57 -20.34
CA SER H 326 -1.31 -8.68 -20.69
C SER H 326 -2.06 -9.99 -20.63
N GLN H 327 -3.20 -10.01 -19.93
CA GLN H 327 -4.03 -11.20 -19.91
C GLN H 327 -4.81 -11.41 -21.22
N PHE H 328 -4.69 -10.47 -22.17
CA PHE H 328 -5.33 -10.62 -23.47
C PHE H 328 -4.34 -11.13 -24.52
#